data_6YYT
#
_entry.id   6YYT
#
loop_
_entity.id
_entity.type
_entity.pdbx_description
1 polymer nsp12
2 polymer nsp8
3 polymer nsp7
4 polymer 'RNA product'
5 non-polymer 'ZINC ION'
#
loop_
_entity_poly.entity_id
_entity_poly.type
_entity_poly.pdbx_seq_one_letter_code
_entity_poly.pdbx_strand_id
1 'polypeptide(L)'
;SNASADAQSFLNRVCGVSAARLTPCGTGTSTDVVYRAFDIYNDKVAGFAKFLKTNCCRFQEKDEDDNLIDSYFVVKRHTF
SNYQHEETIYNLLKDCPAVAKHDFFKFRIDGDMVPHISRQRLTKYTMADLVYALRHFDEGNCDTLKEILVTYNCCDDDYF
NKKDWYDFVENPDILRVYANLGERVRQALLKTVQFCDAMRNAGIVGVLTLDNQDLNGNWYDFGDFIQTTPGSGVPVVDSY
YSLLMPILTLTRALTAESHVDTDLTKPYIKWDLLKYDFTEERLKLFDRYFKYWDQTYHPNCVNCLDDRCILHCANFNVLF
STVFPPTSFGPLVRKIFVDGVPFVVSTGYHFRELGVVHNQDVNLHSSRLSFKELLVYAADPAMHAASGNLLLDKRTTCFS
VAALTNNVAFQTVKPGNFNKDFYDFAVSKGFFKEGSSVELKHFFFAQDGNAAISDYDYYRYNLPTMCDIRQLLFVVEVVD
KYFDCYDGGCINANQVIVNNLDKSAGFPFNKWGKARLYYDSMSYEDQDALFAYTKRNVIPTITQMNLKYAISAKNRARTV
AGVSICSTMTNRQFHQKLLKSIAATRGATVVIGTSKFYGGWHNMLKTVYSDVENPHLMGWDYPKCDRAMPNMLRIMASLV
LARKHTTCCSLSHRFYRLANECAQVLSEMVMCGGSLYVKPGGTSSGDATTAYANSVFNICQAVTANVNALLSTDGNKIAD
KYVRNLQHRLYECLYRNRDVDTDFVNEFYAYLRKHFSMMILSDDAVVCFNSTYASQGLVASIKNFKSVLYYQNNVFMSEA
KCWTETDLTKGPHEFCSQHTMLVKQGDDYVYLPYPDPSRILGAGCFVDDIVKTDGTLMIERFVSLAIDAYPLTKHPNQEY
ADVFHLYLQYIRKLHDELTGHMLDMYSVMLTNDNTSRYWEPEFYEAMYTPHTVLQ
;
A
2 'polypeptide(L)'
;SNAAIASEFSSLPSYAAFATAQEAYEQAVANGDSEVVLKKLKKSLNVAKSEFDRDAAMQRKLEKMADQAMTQMYKQARSE
DKRAKVTSAMQTMLFTMLRKLDNDALNNIINNARDGCVPLNIIPLTTAAKLMVVIPDYNTYKNTCDGTTFTYASALWEIQ
QVVDADSKIVQLSEISMDNSPNLAWPLIVTALRANSAVKLQ
;
B,D
3 'polypeptide(L)'
;SNASKMSDVKCTSVVLLSVLQQLRVESSSKLWAQCVQLHNDILLAKDTTEAFEKMVSLLSVLLSMQGAVDINKLCEEMLD
NRATLQ
;
C
4 'polyribonucleotide' UUUUCAUGCUACGCGUAG P,Q,T,U
#
# COMPACT_ATOMS: atom_id res chain seq x y z
N VAL A 34 -2.73 34.97 -32.98
CA VAL A 34 -1.78 34.01 -32.43
C VAL A 34 -2.48 32.67 -32.22
N TYR A 35 -1.81 31.75 -31.52
CA TYR A 35 -2.38 30.44 -31.28
C TYR A 35 -3.59 30.55 -30.36
N ARG A 36 -4.73 30.06 -30.83
CA ARG A 36 -5.97 30.05 -30.05
C ARG A 36 -6.59 28.66 -30.12
N ALA A 37 -7.25 28.27 -29.04
CA ALA A 37 -7.88 26.96 -28.98
C ALA A 37 -9.07 26.90 -29.92
N PHE A 38 -9.22 25.78 -30.62
CA PHE A 38 -10.28 25.60 -31.59
C PHE A 38 -10.65 24.12 -31.63
N ASP A 39 -11.95 23.83 -31.56
CA ASP A 39 -12.48 22.48 -31.68
C ASP A 39 -13.17 22.40 -33.04
N ILE A 40 -12.40 22.00 -34.06
CA ILE A 40 -12.86 22.01 -35.44
C ILE A 40 -13.24 20.59 -35.83
N TYR A 41 -14.21 20.47 -36.74
CA TYR A 41 -14.64 19.17 -37.23
C TYR A 41 -15.25 19.35 -38.62
N ASN A 42 -14.64 18.72 -39.61
CA ASN A 42 -15.15 18.73 -40.98
C ASN A 42 -14.62 17.49 -41.68
N ASP A 43 -14.83 17.42 -42.99
CA ASP A 43 -14.37 16.26 -43.76
C ASP A 43 -12.84 16.20 -43.86
N LYS A 44 -12.16 17.34 -43.71
CA LYS A 44 -10.71 17.39 -43.86
C LYS A 44 -10.00 17.21 -42.53
N VAL A 45 -10.29 18.07 -41.55
CA VAL A 45 -9.59 18.08 -40.28
C VAL A 45 -10.60 17.98 -39.15
N ALA A 46 -10.26 17.22 -38.11
CA ALA A 46 -11.11 17.07 -36.94
C ALA A 46 -10.23 16.97 -35.70
N GLY A 47 -10.53 17.78 -34.71
CA GLY A 47 -9.77 17.77 -33.47
C GLY A 47 -9.89 19.07 -32.72
N PHE A 48 -9.43 19.04 -31.47
CA PHE A 48 -9.41 20.20 -30.59
C PHE A 48 -7.95 20.55 -30.31
N ALA A 49 -7.47 21.62 -30.92
CA ALA A 49 -6.06 21.98 -30.82
C ALA A 49 -5.91 23.49 -31.03
N LYS A 50 -4.67 23.95 -30.99
CA LYS A 50 -4.36 25.36 -31.16
C LYS A 50 -4.14 25.67 -32.64
N PHE A 51 -4.85 26.67 -33.15
CA PHE A 51 -4.76 27.08 -34.53
C PHE A 51 -4.43 28.57 -34.60
N LEU A 52 -3.98 29.00 -35.79
CA LEU A 52 -3.67 30.40 -36.03
C LEU A 52 -4.90 31.11 -36.57
N LYS A 53 -5.11 32.34 -36.10
CA LYS A 53 -6.26 33.13 -36.52
C LYS A 53 -5.99 34.62 -36.35
N PHE A 80 -20.10 36.50 -48.40
CA PHE A 80 -21.25 37.38 -48.43
C PHE A 80 -22.52 36.61 -48.03
N SER A 81 -22.74 35.47 -48.67
CA SER A 81 -23.91 34.66 -48.32
C SER A 81 -23.80 34.11 -46.91
N ASN A 82 -22.58 33.68 -46.52
CA ASN A 82 -22.39 33.20 -45.15
C ASN A 82 -22.64 34.31 -44.14
N TYR A 83 -22.22 35.54 -44.46
CA TYR A 83 -22.46 36.66 -43.56
C TYR A 83 -23.94 36.98 -43.46
N GLN A 84 -24.68 36.85 -44.57
CA GLN A 84 -26.12 37.06 -44.53
C GLN A 84 -26.80 35.99 -43.69
N HIS A 85 -26.36 34.74 -43.82
CA HIS A 85 -26.90 33.67 -42.98
C HIS A 85 -26.60 33.93 -41.51
N GLU A 86 -25.38 34.39 -41.21
CA GLU A 86 -25.03 34.74 -39.84
C GLU A 86 -25.93 35.83 -39.29
N GLU A 87 -26.15 36.89 -40.07
CA GLU A 87 -26.99 37.99 -39.63
C GLU A 87 -28.43 37.54 -39.44
N THR A 88 -28.91 36.65 -40.31
CA THR A 88 -30.27 36.14 -40.15
C THR A 88 -30.40 35.31 -38.87
N ILE A 89 -29.43 34.43 -38.61
CA ILE A 89 -29.47 33.64 -37.39
C ILE A 89 -29.40 34.54 -36.17
N TYR A 90 -28.61 35.62 -36.25
CA TYR A 90 -28.53 36.55 -35.13
C TYR A 90 -29.86 37.27 -34.91
N ASN A 91 -30.49 37.74 -35.99
CA ASN A 91 -31.79 38.40 -35.86
C ASN A 91 -32.84 37.45 -35.31
N LEU A 92 -32.73 36.16 -35.63
CA LEU A 92 -33.66 35.17 -35.09
C LEU A 92 -33.43 34.92 -33.61
N LEU A 93 -32.24 35.22 -33.09
CA LEU A 93 -31.87 34.98 -31.70
C LEU A 93 -31.39 36.26 -31.04
N LYS A 94 -32.10 37.37 -31.26
CA LYS A 94 -31.69 38.64 -30.67
C LYS A 94 -32.26 38.84 -29.27
N ASP A 95 -33.44 38.30 -28.98
CA ASP A 95 -34.08 38.51 -27.70
C ASP A 95 -33.44 37.69 -26.58
N CYS A 96 -32.72 36.63 -26.90
CA CYS A 96 -32.13 35.80 -25.87
C CYS A 96 -30.97 36.55 -25.21
N PRO A 97 -30.98 36.72 -23.89
CA PRO A 97 -29.87 37.44 -23.25
C PRO A 97 -28.52 36.75 -23.40
N ALA A 98 -28.51 35.42 -23.54
CA ALA A 98 -27.25 34.69 -23.62
C ALA A 98 -26.52 34.93 -24.93
N VAL A 99 -27.17 35.52 -25.93
CA VAL A 99 -26.53 35.79 -27.21
C VAL A 99 -25.72 37.08 -27.09
N ALA A 100 -24.49 37.05 -27.57
CA ALA A 100 -23.62 38.22 -27.53
C ALA A 100 -24.15 39.32 -28.43
N ARG A 121 -20.09 42.61 -25.83
CA ARG A 121 -18.66 42.65 -26.10
C ARG A 121 -18.07 41.25 -26.04
N LEU A 122 -16.79 41.13 -26.39
CA LEU A 122 -16.09 39.86 -26.42
C LEU A 122 -14.80 39.97 -25.60
N THR A 123 -14.45 38.88 -24.92
CA THR A 123 -13.24 38.83 -24.13
C THR A 123 -12.07 38.32 -24.95
N LYS A 124 -10.86 38.51 -24.43
CA LYS A 124 -9.67 38.09 -25.15
C LYS A 124 -9.51 36.57 -25.16
N TYR A 125 -10.00 35.89 -24.12
CA TYR A 125 -9.93 34.44 -24.02
C TYR A 125 -11.33 33.86 -23.99
N THR A 126 -11.50 32.71 -24.65
CA THR A 126 -12.77 32.00 -24.69
C THR A 126 -12.72 30.81 -23.74
N MET A 127 -13.80 30.02 -23.72
CA MET A 127 -13.85 28.85 -22.86
C MET A 127 -12.87 27.78 -23.34
N ALA A 128 -12.73 27.63 -24.66
CA ALA A 128 -11.81 26.63 -25.19
C ALA A 128 -10.39 26.90 -24.75
N ASP A 129 -10.00 28.18 -24.66
CA ASP A 129 -8.66 28.50 -24.19
C ASP A 129 -8.44 28.04 -22.76
N LEU A 130 -9.43 28.27 -21.89
CA LEU A 130 -9.30 27.84 -20.50
C LEU A 130 -9.26 26.32 -20.41
N VAL A 131 -10.09 25.63 -21.19
CA VAL A 131 -10.09 24.17 -21.16
C VAL A 131 -8.75 23.63 -21.64
N TYR A 132 -8.18 24.24 -22.68
CA TYR A 132 -6.89 23.80 -23.19
C TYR A 132 -5.78 24.07 -22.16
N ALA A 133 -5.86 25.19 -21.45
CA ALA A 133 -4.84 25.52 -20.46
C ALA A 133 -4.93 24.61 -19.25
N LEU A 134 -6.14 24.19 -18.87
CA LEU A 134 -6.31 23.35 -17.69
C LEU A 134 -6.16 21.86 -17.99
N ARG A 135 -6.34 21.43 -19.24
CA ARG A 135 -6.20 20.03 -19.60
C ARG A 135 -4.90 19.71 -20.30
N HIS A 136 -4.32 20.66 -21.02
CA HIS A 136 -3.01 20.48 -21.63
C HIS A 136 -2.01 21.41 -20.96
N PHE A 137 -1.76 21.20 -19.67
CA PHE A 137 -0.94 22.07 -18.87
C PHE A 137 0.53 21.70 -18.99
N ASP A 138 1.37 22.70 -19.25
CA ASP A 138 2.81 22.51 -19.35
C ASP A 138 3.50 23.53 -18.45
N GLU A 139 4.51 23.07 -17.72
CA GLU A 139 5.20 23.96 -16.78
C GLU A 139 5.90 25.09 -17.52
N GLY A 140 6.25 24.89 -18.79
CA GLY A 140 6.98 25.89 -19.55
C GLY A 140 6.10 27.01 -20.07
N ASN A 141 4.95 26.66 -20.63
CA ASN A 141 4.03 27.61 -21.24
C ASN A 141 2.78 27.71 -20.36
N CYS A 142 2.70 28.78 -19.57
CA CYS A 142 1.54 29.04 -18.72
C CYS A 142 1.01 30.46 -18.90
N ASP A 143 1.36 31.11 -20.02
CA ASP A 143 0.95 32.49 -20.22
C ASP A 143 -0.56 32.64 -20.27
N THR A 144 -1.22 31.72 -20.98
CA THR A 144 -2.68 31.81 -21.11
C THR A 144 -3.37 31.64 -19.76
N LEU A 145 -3.00 30.59 -19.02
CA LEU A 145 -3.61 30.37 -17.72
C LEU A 145 -3.30 31.50 -16.75
N LYS A 146 -2.07 32.00 -16.78
CA LYS A 146 -1.71 33.12 -15.90
C LYS A 146 -2.54 34.35 -16.23
N GLU A 147 -2.68 34.67 -17.52
CA GLU A 147 -3.47 35.83 -17.91
C GLU A 147 -4.93 35.65 -17.52
N ILE A 148 -5.45 34.42 -17.64
CA ILE A 148 -6.83 34.17 -17.25
C ILE A 148 -7.01 34.37 -15.75
N LEU A 149 -6.07 33.87 -14.96
CA LEU A 149 -6.19 34.00 -13.51
C LEU A 149 -6.04 35.44 -13.07
N VAL A 150 -5.21 36.23 -13.75
CA VAL A 150 -4.99 37.60 -13.33
C VAL A 150 -6.11 38.52 -13.82
N THR A 151 -6.70 38.24 -14.99
CA THR A 151 -7.71 39.12 -15.54
C THR A 151 -8.99 39.11 -14.70
N TYR A 152 -9.38 37.93 -14.20
CA TYR A 152 -10.64 37.77 -13.47
C TYR A 152 -10.45 37.81 -11.96
N ASN A 153 -9.38 38.47 -11.49
CA ASN A 153 -9.16 38.67 -10.05
C ASN A 153 -9.10 37.35 -9.30
N CYS A 154 -8.69 36.27 -9.99
CA CYS A 154 -8.54 34.99 -9.31
C CYS A 154 -7.33 34.98 -8.39
N CYS A 155 -6.23 35.60 -8.83
CA CYS A 155 -5.02 35.70 -8.03
C CYS A 155 -4.18 36.85 -8.59
N ASP A 156 -3.15 37.21 -7.85
CA ASP A 156 -2.26 38.29 -8.26
C ASP A 156 -1.03 37.72 -8.97
N ASP A 157 -0.28 38.62 -9.62
CA ASP A 157 0.87 38.19 -10.39
C ASP A 157 1.97 37.64 -9.50
N ASP A 158 2.21 38.28 -8.34
CA ASP A 158 3.25 37.80 -7.44
C ASP A 158 2.99 36.39 -6.96
N TYR A 159 1.73 35.94 -7.00
CA TYR A 159 1.43 34.56 -6.63
C TYR A 159 2.19 33.57 -7.50
N PHE A 160 2.45 33.94 -8.76
CA PHE A 160 3.19 33.07 -9.66
C PHE A 160 4.67 33.00 -9.29
N ASN A 161 5.17 33.95 -8.50
CA ASN A 161 6.55 33.90 -8.05
C ASN A 161 6.78 32.83 -6.98
N LYS A 162 5.72 32.29 -6.40
CA LYS A 162 5.86 31.23 -5.41
C LYS A 162 6.26 29.93 -6.09
N LYS A 163 7.24 29.24 -5.50
CA LYS A 163 7.71 27.99 -6.08
C LYS A 163 6.63 26.92 -5.97
N ASP A 164 6.50 26.12 -7.03
CA ASP A 164 5.53 25.02 -7.06
C ASP A 164 4.12 25.53 -6.82
N TRP A 165 3.77 26.66 -7.46
CA TRP A 165 2.42 27.18 -7.33
C TRP A 165 1.43 26.34 -8.12
N TYR A 166 1.88 25.69 -9.20
CA TYR A 166 1.01 24.85 -10.01
C TYR A 166 0.78 23.47 -9.40
N ASP A 167 1.66 23.03 -8.50
CA ASP A 167 1.54 21.71 -7.91
C ASP A 167 0.33 21.65 -6.97
N PHE A 168 -0.24 20.46 -6.85
CA PHE A 168 -1.34 20.19 -5.93
C PHE A 168 -0.86 19.63 -4.60
N VAL A 169 0.16 18.77 -4.62
CA VAL A 169 0.73 18.27 -3.37
C VAL A 169 1.40 19.41 -2.61
N GLU A 170 2.25 20.16 -3.29
CA GLU A 170 2.92 21.31 -2.70
C GLU A 170 2.06 22.55 -2.90
N ASN A 171 1.81 23.28 -1.81
CA ASN A 171 0.99 24.48 -1.86
C ASN A 171 -0.40 24.16 -2.39
N PRO A 172 -1.29 23.63 -1.54
CA PRO A 172 -2.66 23.34 -1.99
C PRO A 172 -3.53 24.58 -2.14
N ASP A 173 -3.01 25.76 -1.80
CA ASP A 173 -3.82 26.98 -1.91
C ASP A 173 -4.31 27.23 -3.32
N ILE A 174 -3.63 26.67 -4.33
CA ILE A 174 -4.08 26.85 -5.70
C ILE A 174 -5.48 26.28 -5.90
N LEU A 175 -5.85 25.28 -5.10
CA LEU A 175 -7.20 24.74 -5.18
C LEU A 175 -8.24 25.83 -4.95
N ARG A 176 -7.91 26.81 -4.10
CA ARG A 176 -8.82 27.94 -3.89
C ARG A 176 -8.76 28.89 -5.09
N VAL A 177 -7.58 29.08 -5.68
CA VAL A 177 -7.46 30.00 -6.82
C VAL A 177 -8.39 29.56 -7.94
N TYR A 178 -8.30 28.28 -8.34
CA TYR A 178 -9.19 27.77 -9.36
C TYR A 178 -10.65 27.91 -8.95
N ALA A 179 -10.94 27.85 -7.65
CA ALA A 179 -12.31 28.00 -7.20
C ALA A 179 -12.87 29.37 -7.57
N ASN A 180 -12.00 30.38 -7.67
CA ASN A 180 -12.47 31.71 -8.07
C ASN A 180 -13.04 31.70 -9.47
N LEU A 181 -12.76 30.68 -10.27
CA LEU A 181 -13.35 30.54 -11.59
C LEU A 181 -14.63 29.73 -11.58
N GLY A 182 -14.86 28.93 -10.53
CA GLY A 182 -16.02 28.06 -10.48
C GLY A 182 -17.31 28.78 -10.82
N GLU A 183 -17.63 29.84 -10.08
CA GLU A 183 -18.81 30.63 -10.38
C GLU A 183 -18.77 31.11 -11.83
N ARG A 184 -17.64 31.69 -12.25
CA ARG A 184 -17.52 32.16 -13.62
C ARG A 184 -17.80 31.05 -14.63
N VAL A 185 -17.54 29.80 -14.25
CA VAL A 185 -17.91 28.67 -15.10
C VAL A 185 -19.39 28.34 -14.91
N ARG A 186 -19.83 28.25 -13.66
CA ARG A 186 -21.24 27.90 -13.40
C ARG A 186 -22.17 28.90 -14.05
N GLN A 187 -21.93 30.20 -13.83
CA GLN A 187 -22.78 31.22 -14.43
C GLN A 187 -22.83 31.06 -15.95
N ALA A 188 -21.79 30.51 -16.55
CA ALA A 188 -21.80 30.30 -18.00
C ALA A 188 -22.74 29.16 -18.39
N LEU A 189 -22.70 28.06 -17.63
CA LEU A 189 -23.52 26.89 -17.98
C LEU A 189 -24.97 27.30 -18.22
N LEU A 190 -25.57 27.99 -17.25
CA LEU A 190 -26.95 28.43 -17.41
C LEU A 190 -27.14 29.15 -18.75
N LYS A 191 -26.27 30.12 -19.04
CA LYS A 191 -26.38 30.85 -20.30
C LYS A 191 -26.44 29.88 -21.47
N THR A 192 -25.52 28.91 -21.50
CA THR A 192 -25.54 27.91 -22.56
C THR A 192 -26.92 27.28 -22.69
N VAL A 193 -27.47 26.82 -21.56
CA VAL A 193 -28.82 26.25 -21.60
C VAL A 193 -29.79 27.24 -22.21
N GLN A 194 -29.77 28.48 -21.73
CA GLN A 194 -30.62 29.51 -22.32
C GLN A 194 -30.42 29.58 -23.83
N PHE A 195 -29.15 29.61 -24.27
CA PHE A 195 -28.88 29.59 -25.71
C PHE A 195 -29.58 28.43 -26.38
N CYS A 196 -29.42 27.22 -25.83
CA CYS A 196 -30.12 26.06 -26.37
C CYS A 196 -31.61 26.33 -26.43
N ASP A 197 -32.19 26.84 -25.34
CA ASP A 197 -33.61 27.16 -25.35
C ASP A 197 -33.96 28.06 -26.52
N ALA A 198 -33.13 29.09 -26.76
CA ALA A 198 -33.38 29.97 -27.90
C ALA A 198 -33.49 29.17 -29.18
N MET A 199 -32.52 28.27 -29.41
CA MET A 199 -32.61 27.41 -30.61
C MET A 199 -33.86 26.56 -30.57
N ARG A 200 -34.21 26.03 -29.40
CA ARG A 200 -35.44 25.26 -29.28
C ARG A 200 -36.68 26.11 -29.54
N ASN A 201 -36.56 27.43 -29.37
CA ASN A 201 -37.65 28.34 -29.69
C ASN A 201 -37.64 28.78 -31.16
N ALA A 202 -36.62 28.40 -31.92
CA ALA A 202 -36.52 28.77 -33.33
C ALA A 202 -36.36 27.58 -34.26
N GLY A 203 -36.21 26.36 -33.73
CA GLY A 203 -36.04 25.20 -34.58
C GLY A 203 -34.75 25.26 -35.37
N ILE A 204 -33.63 25.40 -34.67
CA ILE A 204 -32.32 25.55 -35.28
C ILE A 204 -31.43 24.43 -34.77
N VAL A 205 -31.13 23.48 -35.64
CA VAL A 205 -30.25 22.36 -35.30
C VAL A 205 -28.81 22.79 -35.54
N GLY A 206 -27.94 22.54 -34.57
CA GLY A 206 -26.55 22.95 -34.68
C GLY A 206 -25.71 22.34 -33.59
N VAL A 207 -24.40 22.54 -33.73
CA VAL A 207 -23.41 22.03 -32.78
C VAL A 207 -22.80 23.21 -32.04
N LEU A 208 -22.65 23.05 -30.73
CA LEU A 208 -22.03 24.07 -29.88
C LEU A 208 -20.58 23.69 -29.61
N THR A 209 -19.69 24.68 -29.67
CA THR A 209 -18.27 24.48 -29.45
C THR A 209 -17.78 25.43 -28.38
N LEU A 210 -16.66 25.05 -27.75
CA LEU A 210 -16.11 25.86 -26.65
C LEU A 210 -15.44 27.12 -27.17
N ASP A 211 -14.78 27.03 -28.33
CA ASP A 211 -14.08 28.18 -28.90
C ASP A 211 -15.02 29.30 -29.32
N ASN A 212 -16.34 29.09 -29.25
CA ASN A 212 -17.32 30.07 -29.70
C ASN A 212 -18.10 30.69 -28.54
N GLN A 213 -17.69 30.44 -27.30
CA GLN A 213 -18.32 31.02 -26.13
C GLN A 213 -17.24 31.66 -25.28
N ASP A 214 -17.35 32.97 -25.06
CA ASP A 214 -16.38 33.68 -24.25
C ASP A 214 -16.46 33.23 -22.79
N LEU A 215 -15.46 33.63 -22.01
CA LEU A 215 -15.40 33.25 -20.61
C LEU A 215 -16.48 33.93 -19.78
N ASN A 216 -17.15 34.95 -20.31
CA ASN A 216 -18.25 35.58 -19.58
C ASN A 216 -19.51 34.74 -19.66
N GLY A 217 -19.79 34.13 -20.81
CA GLY A 217 -20.93 33.25 -20.96
C GLY A 217 -21.75 33.54 -22.20
N ASN A 218 -21.39 34.57 -22.94
CA ASN A 218 -22.14 34.95 -24.14
C ASN A 218 -21.77 34.05 -25.31
N TRP A 219 -22.73 33.85 -26.22
CA TRP A 219 -22.56 33.02 -27.40
C TRP A 219 -22.63 33.92 -28.62
N TYR A 220 -21.53 34.00 -29.36
CA TYR A 220 -21.44 34.83 -30.56
C TYR A 220 -21.38 34.01 -31.84
N ASP A 221 -21.69 32.71 -31.77
CA ASP A 221 -21.65 31.83 -32.92
C ASP A 221 -23.03 31.77 -33.59
N PHE A 222 -23.06 31.99 -34.90
CA PHE A 222 -24.29 31.93 -35.67
C PHE A 222 -24.08 31.22 -37.00
N GLY A 223 -23.15 30.27 -37.05
CA GLY A 223 -22.85 29.53 -38.25
C GLY A 223 -23.07 28.04 -38.04
N ASP A 224 -23.08 27.30 -39.16
CA ASP A 224 -23.35 25.86 -39.15
C ASP A 224 -24.73 25.57 -38.57
N PHE A 225 -25.63 26.55 -38.65
CA PHE A 225 -26.98 26.46 -38.09
C PHE A 225 -27.97 26.37 -39.26
N ILE A 226 -28.55 25.20 -39.45
CA ILE A 226 -29.53 24.99 -40.50
C ILE A 226 -30.93 25.28 -39.95
N GLN A 227 -31.78 25.84 -40.79
CA GLN A 227 -33.14 26.20 -40.40
C GLN A 227 -34.07 25.00 -40.57
N THR A 228 -34.93 24.79 -39.57
CA THR A 228 -35.91 23.72 -39.60
C THR A 228 -37.23 24.28 -39.07
N THR A 229 -38.20 23.39 -38.84
CA THR A 229 -39.48 23.81 -38.32
C THR A 229 -39.30 24.42 -36.94
N PRO A 230 -39.80 25.63 -36.69
CA PRO A 230 -39.59 26.25 -35.37
C PRO A 230 -40.28 25.45 -34.27
N GLY A 231 -39.51 25.13 -33.23
CA GLY A 231 -40.01 24.38 -32.10
C GLY A 231 -39.60 22.91 -32.07
N SER A 232 -38.90 22.43 -33.10
CA SER A 232 -38.46 21.04 -33.16
C SER A 232 -36.95 20.91 -33.27
N GLY A 233 -36.20 21.99 -33.07
CA GLY A 233 -34.77 21.92 -33.18
C GLY A 233 -34.14 21.20 -31.99
N VAL A 234 -33.06 20.49 -32.27
CA VAL A 234 -32.32 19.74 -31.27
C VAL A 234 -30.87 20.20 -31.30
N PRO A 235 -30.24 20.48 -30.15
CA PRO A 235 -28.83 20.87 -30.16
C PRO A 235 -27.90 19.67 -29.99
N VAL A 236 -26.69 19.84 -30.48
CA VAL A 236 -25.62 18.85 -30.32
C VAL A 236 -24.70 19.39 -29.24
N VAL A 237 -24.94 18.97 -28.00
CA VAL A 237 -24.23 19.47 -26.84
C VAL A 237 -23.29 18.42 -26.25
N ASP A 238 -22.88 17.45 -27.07
CA ASP A 238 -22.02 16.38 -26.56
C ASP A 238 -20.62 16.89 -26.27
N SER A 239 -19.94 17.41 -27.28
CA SER A 239 -18.54 17.80 -27.12
C SER A 239 -18.38 18.91 -26.08
N TYR A 240 -19.28 19.89 -26.09
CA TYR A 240 -19.15 21.02 -25.18
C TYR A 240 -19.14 20.56 -23.72
N TYR A 241 -20.25 19.96 -23.28
CA TYR A 241 -20.32 19.51 -21.89
C TYR A 241 -19.30 18.43 -21.59
N SER A 242 -18.98 17.58 -22.58
CA SER A 242 -17.98 16.54 -22.35
C SER A 242 -16.64 17.15 -21.99
N LEU A 243 -16.16 18.08 -22.82
CA LEU A 243 -14.89 18.74 -22.54
C LEU A 243 -14.95 19.63 -21.31
N LEU A 244 -16.15 20.10 -20.94
CA LEU A 244 -16.27 20.96 -19.77
C LEU A 244 -16.36 20.19 -18.46
N MET A 245 -16.70 18.90 -18.52
CA MET A 245 -16.84 18.10 -17.29
C MET A 245 -15.68 18.29 -16.31
N PRO A 246 -14.41 18.16 -16.72
CA PRO A 246 -13.33 18.26 -15.72
C PRO A 246 -13.22 19.63 -15.09
N ILE A 247 -13.53 20.69 -15.82
CA ILE A 247 -13.40 22.05 -15.28
C ILE A 247 -14.42 22.28 -14.18
N LEU A 248 -15.56 21.60 -14.24
CA LEU A 248 -16.57 21.77 -13.20
C LEU A 248 -16.07 21.31 -11.84
N THR A 249 -15.46 20.11 -11.80
CA THR A 249 -14.95 19.59 -10.53
C THR A 249 -13.62 20.24 -10.16
N LEU A 250 -12.81 20.63 -11.14
CA LEU A 250 -11.53 21.25 -10.81
C LEU A 250 -11.73 22.63 -10.20
N THR A 251 -12.71 23.38 -10.70
CA THR A 251 -12.98 24.72 -10.21
C THR A 251 -14.11 24.76 -9.19
N ARG A 252 -14.77 23.63 -8.91
CA ARG A 252 -15.88 23.56 -7.96
C ARG A 252 -16.94 24.61 -8.31
N ALA A 253 -17.57 24.40 -9.46
CA ALA A 253 -18.53 25.36 -9.98
C ALA A 253 -19.87 25.28 -9.27
N LEU A 254 -20.21 24.11 -8.71
CA LEU A 254 -21.51 23.91 -8.08
C LEU A 254 -21.52 24.28 -6.60
N THR A 255 -20.46 24.91 -6.09
CA THR A 255 -20.46 25.29 -4.68
C THR A 255 -21.62 26.21 -4.36
N ALA A 256 -21.97 27.10 -5.28
CA ALA A 256 -23.09 28.02 -5.06
C ALA A 256 -24.41 27.28 -4.84
N GLU A 257 -24.49 26.01 -5.25
CA GLU A 257 -25.71 25.23 -5.03
C GLU A 257 -25.88 24.85 -3.58
N SER A 258 -24.84 24.95 -2.76
CA SER A 258 -24.90 24.62 -1.35
C SER A 258 -25.44 25.76 -0.50
N HIS A 259 -25.87 26.86 -1.12
CA HIS A 259 -26.39 28.03 -0.41
C HIS A 259 -27.87 28.18 -0.69
N VAL A 260 -28.56 28.83 0.25
CA VAL A 260 -29.98 29.10 0.08
C VAL A 260 -30.18 30.11 -1.04
N ASP A 261 -31.19 29.87 -1.88
CA ASP A 261 -31.52 30.70 -3.03
C ASP A 261 -30.36 30.82 -4.03
N THR A 262 -29.34 29.97 -3.90
CA THR A 262 -28.19 30.02 -4.78
C THR A 262 -27.57 31.41 -4.77
N ASP A 263 -26.75 31.71 -3.76
CA ASP A 263 -26.09 33.01 -3.67
C ASP A 263 -24.88 32.85 -2.76
N LEU A 264 -23.73 33.35 -3.22
CA LEU A 264 -22.51 33.23 -2.44
C LEU A 264 -22.58 34.03 -1.15
N THR A 265 -23.36 35.11 -1.13
CA THR A 265 -23.48 35.93 0.07
C THR A 265 -24.43 35.32 1.09
N LYS A 266 -25.43 34.58 0.64
CA LYS A 266 -26.40 34.02 1.56
C LYS A 266 -25.83 32.79 2.27
N PRO A 267 -26.35 32.47 3.47
CA PRO A 267 -25.80 31.33 4.22
C PRO A 267 -26.01 30.00 3.52
N TYR A 268 -25.53 28.93 4.15
CA TYR A 268 -25.64 27.59 3.58
C TYR A 268 -27.05 27.04 3.79
N ILE A 269 -27.35 25.97 3.07
CA ILE A 269 -28.62 25.26 3.23
C ILE A 269 -28.50 24.30 4.41
N LYS A 270 -29.47 24.35 5.31
CA LYS A 270 -29.49 23.48 6.50
C LYS A 270 -30.39 22.30 6.18
N TRP A 271 -29.78 21.19 5.77
CA TRP A 271 -30.53 19.98 5.46
C TRP A 271 -30.78 19.17 6.72
N ASP A 272 -31.91 18.47 6.73
CA ASP A 272 -32.24 17.60 7.86
C ASP A 272 -31.29 16.41 7.90
N LEU A 273 -30.81 16.09 9.10
CA LEU A 273 -29.86 14.99 9.26
C LEU A 273 -30.50 13.64 8.96
N LEU A 274 -31.82 13.53 9.05
CA LEU A 274 -32.52 12.28 8.81
C LEU A 274 -32.84 12.06 7.34
N LYS A 275 -32.43 12.97 6.46
CA LYS A 275 -32.70 12.86 5.03
C LYS A 275 -31.46 12.34 4.31
N TYR A 276 -31.61 11.21 3.63
CA TYR A 276 -30.53 10.61 2.86
C TYR A 276 -30.83 10.51 1.37
N ASP A 277 -32.09 10.61 0.95
CA ASP A 277 -32.48 10.47 -0.45
C ASP A 277 -32.54 11.86 -1.07
N PHE A 278 -31.59 12.16 -1.95
CA PHE A 278 -31.54 13.42 -2.68
C PHE A 278 -31.83 13.22 -4.16
N THR A 279 -32.64 12.21 -4.50
CA THR A 279 -32.91 11.91 -5.90
C THR A 279 -33.55 13.10 -6.61
N GLU A 280 -34.55 13.71 -5.97
CA GLU A 280 -35.20 14.87 -6.59
C GLU A 280 -34.21 16.01 -6.77
N GLU A 281 -33.29 16.19 -5.82
CA GLU A 281 -32.28 17.23 -5.96
C GLU A 281 -31.36 16.94 -7.14
N ARG A 282 -30.99 15.68 -7.34
CA ARG A 282 -30.15 15.34 -8.48
C ARG A 282 -30.88 15.58 -9.79
N LEU A 283 -32.17 15.20 -9.85
CA LEU A 283 -32.95 15.45 -11.05
C LEU A 283 -33.05 16.95 -11.34
N LYS A 284 -33.25 17.76 -10.29
CA LYS A 284 -33.34 19.20 -10.48
C LYS A 284 -32.02 19.78 -10.98
N LEU A 285 -30.90 19.34 -10.39
CA LEU A 285 -29.60 19.83 -10.84
C LEU A 285 -29.34 19.43 -12.28
N PHE A 286 -29.72 18.21 -12.66
CA PHE A 286 -29.50 17.76 -14.03
C PHE A 286 -30.36 18.54 -15.01
N ASP A 287 -31.61 18.83 -14.64
CA ASP A 287 -32.50 19.58 -15.52
C ASP A 287 -32.11 21.06 -15.57
N ARG A 288 -31.39 21.56 -14.57
CA ARG A 288 -30.97 22.95 -14.58
C ARG A 288 -29.62 23.17 -15.27
N TYR A 289 -28.72 22.20 -15.19
CA TYR A 289 -27.38 22.35 -15.77
C TYR A 289 -27.24 21.58 -17.08
N PHE A 290 -27.51 20.27 -17.06
CA PHE A 290 -27.41 19.45 -18.26
C PHE A 290 -28.80 19.10 -18.77
N LYS A 291 -29.57 20.12 -19.17
CA LYS A 291 -30.96 19.89 -19.56
C LYS A 291 -31.04 19.18 -20.91
N TYR A 292 -30.24 19.60 -21.88
CA TYR A 292 -30.33 19.08 -23.24
C TYR A 292 -29.43 17.87 -23.47
N TRP A 293 -28.90 17.26 -22.42
CA TRP A 293 -28.15 16.02 -22.55
C TRP A 293 -29.13 14.89 -22.81
N ASP A 294 -29.18 14.41 -24.06
CA ASP A 294 -30.24 13.50 -24.49
C ASP A 294 -30.14 12.12 -23.85
N GLN A 295 -28.98 11.75 -23.32
CA GLN A 295 -28.82 10.43 -22.72
C GLN A 295 -29.51 10.40 -21.35
N THR A 296 -30.21 9.30 -21.08
CA THR A 296 -30.94 9.17 -19.83
C THR A 296 -29.98 9.07 -18.66
N TYR A 297 -30.21 9.88 -17.63
CA TYR A 297 -29.40 9.89 -16.42
C TYR A 297 -30.20 9.29 -15.27
N HIS A 298 -29.61 8.31 -14.59
CA HIS A 298 -30.25 7.67 -13.45
C HIS A 298 -29.57 8.11 -12.17
N PRO A 299 -30.25 8.82 -11.27
CA PRO A 299 -29.59 9.18 -10.00
C PRO A 299 -29.16 7.96 -9.20
N ASN A 300 -29.96 6.90 -9.19
CA ASN A 300 -29.62 5.65 -8.54
C ASN A 300 -29.11 4.68 -9.59
N CYS A 301 -27.89 4.18 -9.40
CA CYS A 301 -27.29 3.26 -10.37
C CYS A 301 -27.93 1.89 -10.36
N VAL A 302 -28.95 1.65 -9.52
CA VAL A 302 -29.61 0.35 -9.53
C VAL A 302 -30.40 0.15 -10.81
N ASN A 303 -30.87 1.24 -11.41
CA ASN A 303 -31.66 1.16 -12.63
C ASN A 303 -30.85 1.58 -13.85
N CYS A 304 -29.75 0.87 -14.11
CA CYS A 304 -28.89 1.14 -15.24
C CYS A 304 -28.92 -0.02 -16.23
N LEU A 305 -28.69 0.29 -17.50
CA LEU A 305 -28.79 -0.72 -18.54
C LEU A 305 -27.55 -1.61 -18.56
N ASP A 306 -26.36 -1.02 -18.46
CA ASP A 306 -25.12 -1.78 -18.49
C ASP A 306 -24.03 -0.95 -17.84
N ASP A 307 -22.79 -1.44 -17.90
CA ASP A 307 -21.68 -0.71 -17.30
C ASP A 307 -21.46 0.63 -17.98
N ARG A 308 -21.73 0.72 -19.28
CA ARG A 308 -21.60 2.00 -19.97
C ARG A 308 -22.59 3.01 -19.42
N CYS A 309 -23.71 2.55 -18.86
CA CYS A 309 -24.66 3.44 -18.21
C CYS A 309 -24.30 3.67 -16.75
N ILE A 310 -23.74 2.67 -16.06
CA ILE A 310 -23.30 2.88 -14.68
C ILE A 310 -22.23 3.95 -14.62
N LEU A 311 -21.26 3.88 -15.54
CA LEU A 311 -20.20 4.90 -15.56
C LEU A 311 -20.77 6.28 -15.88
N HIS A 312 -21.72 6.34 -16.83
CA HIS A 312 -22.32 7.62 -17.17
C HIS A 312 -23.07 8.22 -15.99
N CYS A 313 -23.77 7.37 -15.23
CA CYS A 313 -24.51 7.87 -14.06
C CYS A 313 -23.54 8.29 -12.96
N ALA A 314 -22.47 7.53 -12.75
CA ALA A 314 -21.50 7.88 -11.72
C ALA A 314 -20.77 9.17 -12.05
N ASN A 315 -20.52 9.44 -13.33
CA ASN A 315 -19.84 10.68 -13.70
C ASN A 315 -20.61 11.89 -13.24
N PHE A 316 -21.95 11.83 -13.31
CA PHE A 316 -22.77 12.95 -12.83
C PHE A 316 -22.99 12.88 -11.33
N ASN A 317 -23.06 11.68 -10.76
CA ASN A 317 -23.27 11.56 -9.32
C ASN A 317 -22.07 12.11 -8.55
N VAL A 318 -20.86 11.92 -9.08
CA VAL A 318 -19.67 12.46 -8.42
C VAL A 318 -19.76 13.98 -8.33
N LEU A 319 -20.27 14.63 -9.39
CA LEU A 319 -20.39 16.08 -9.37
C LEU A 319 -21.54 16.53 -8.47
N PHE A 320 -22.65 15.79 -8.47
CA PHE A 320 -23.82 16.18 -7.70
C PHE A 320 -23.66 15.92 -6.22
N SER A 321 -22.77 15.00 -5.82
CA SER A 321 -22.59 14.69 -4.41
C SER A 321 -21.80 15.77 -3.67
N THR A 322 -21.11 16.66 -4.40
CA THR A 322 -20.34 17.71 -3.73
C THR A 322 -21.25 18.71 -3.03
N VAL A 323 -22.46 18.90 -3.53
CA VAL A 323 -23.37 19.88 -2.92
C VAL A 323 -24.00 19.31 -1.66
N PHE A 324 -24.32 18.02 -1.65
CA PHE A 324 -24.99 17.42 -0.51
C PHE A 324 -24.04 17.30 0.66
N PRO A 325 -24.56 17.34 1.90
CA PRO A 325 -23.68 17.28 3.06
C PRO A 325 -23.05 15.89 3.17
N PRO A 326 -21.82 15.81 3.70
CA PRO A 326 -21.17 14.49 3.82
C PRO A 326 -21.75 13.60 4.91
N THR A 327 -22.60 14.14 5.80
CA THR A 327 -23.19 13.34 6.86
C THR A 327 -24.30 12.43 6.36
N SER A 328 -24.89 12.73 5.21
CA SER A 328 -25.95 11.88 4.68
C SER A 328 -25.40 10.60 4.05
N PHE A 329 -24.18 10.66 3.51
CA PHE A 329 -23.59 9.49 2.87
C PHE A 329 -23.16 8.47 3.92
N GLY A 330 -22.95 7.24 3.47
CA GLY A 330 -22.55 6.16 4.34
C GLY A 330 -23.61 5.09 4.44
N PRO A 331 -23.39 4.11 5.33
CA PRO A 331 -24.37 3.04 5.48
C PRO A 331 -25.71 3.54 5.99
N LEU A 332 -26.78 2.92 5.51
CA LEU A 332 -28.14 3.21 5.93
C LEU A 332 -28.52 2.19 7.00
N VAL A 333 -28.69 2.66 8.23
CA VAL A 333 -28.94 1.78 9.37
C VAL A 333 -30.42 1.77 9.69
N ARG A 334 -30.84 0.75 10.43
CA ARG A 334 -32.23 0.60 10.83
C ARG A 334 -32.30 -0.39 11.99
N LYS A 335 -33.36 -0.26 12.80
CA LYS A 335 -33.56 -1.12 13.94
C LYS A 335 -34.39 -2.33 13.56
N ILE A 336 -33.91 -3.52 13.92
CA ILE A 336 -34.64 -4.76 13.73
C ILE A 336 -34.80 -5.43 15.10
N PHE A 337 -35.50 -6.55 15.15
CA PHE A 337 -35.70 -7.30 16.38
C PHE A 337 -35.18 -8.71 16.21
N VAL A 338 -34.30 -9.13 17.11
CA VAL A 338 -33.71 -10.47 17.10
C VAL A 338 -34.12 -11.14 18.40
N ASP A 339 -34.98 -12.15 18.30
CA ASP A 339 -35.42 -12.93 19.47
C ASP A 339 -36.01 -12.05 20.55
N GLY A 340 -36.43 -10.83 20.20
CA GLY A 340 -37.04 -9.90 21.13
C GLY A 340 -36.20 -8.69 21.48
N VAL A 341 -34.90 -8.74 21.23
CA VAL A 341 -34.02 -7.62 21.59
C VAL A 341 -33.82 -6.73 20.36
N PRO A 342 -33.82 -5.41 20.50
CA PRO A 342 -33.63 -4.54 19.33
C PRO A 342 -32.17 -4.48 18.91
N PHE A 343 -31.88 -4.95 17.70
CA PHE A 343 -30.58 -4.82 17.07
C PHE A 343 -30.59 -3.64 16.10
N VAL A 344 -29.38 -3.18 15.75
CA VAL A 344 -29.20 -2.08 14.80
C VAL A 344 -28.33 -2.61 13.67
N VAL A 345 -28.90 -2.73 12.47
CA VAL A 345 -28.21 -3.33 11.34
C VAL A 345 -28.33 -2.41 10.13
N SER A 346 -27.35 -2.50 9.24
CA SER A 346 -27.34 -1.69 8.03
C SER A 346 -28.24 -2.31 6.96
N THR A 347 -29.15 -1.50 6.41
CA THR A 347 -30.09 -1.94 5.39
C THR A 347 -29.94 -1.15 4.11
N GLY A 348 -28.74 -0.68 3.81
CA GLY A 348 -28.52 0.07 2.60
C GLY A 348 -27.18 0.78 2.63
N TYR A 349 -26.97 1.64 1.64
CA TYR A 349 -25.74 2.41 1.52
C TYR A 349 -25.96 3.55 0.55
N HIS A 350 -25.41 4.71 0.89
CA HIS A 350 -25.51 5.92 0.07
C HIS A 350 -24.12 6.21 -0.51
N PHE A 351 -23.88 5.71 -1.72
CA PHE A 351 -22.64 5.97 -2.42
C PHE A 351 -22.70 7.33 -3.12
N ARG A 352 -21.59 8.07 -3.05
CA ARG A 352 -21.51 9.35 -3.75
C ARG A 352 -21.59 9.19 -5.26
N GLU A 353 -21.34 7.98 -5.78
CA GLU A 353 -21.36 7.72 -7.21
C GLU A 353 -22.51 6.81 -7.64
N LEU A 354 -22.99 5.92 -6.76
CA LEU A 354 -24.04 4.99 -7.10
C LEU A 354 -25.39 5.36 -6.51
N GLY A 355 -25.46 6.37 -5.65
CA GLY A 355 -26.73 6.77 -5.08
C GLY A 355 -27.16 5.88 -3.93
N VAL A 356 -28.46 5.70 -3.79
CA VAL A 356 -29.04 4.90 -2.72
C VAL A 356 -29.15 3.46 -3.18
N VAL A 357 -28.68 2.53 -2.34
CA VAL A 357 -28.74 1.10 -2.62
C VAL A 357 -29.36 0.43 -1.40
N HIS A 358 -30.55 -0.13 -1.57
CA HIS A 358 -31.27 -0.79 -0.48
C HIS A 358 -31.13 -2.30 -0.61
N ASN A 359 -30.90 -2.96 0.52
CA ASN A 359 -30.78 -4.41 0.53
C ASN A 359 -32.13 -5.05 0.24
N GLN A 360 -32.10 -6.20 -0.45
CA GLN A 360 -33.31 -6.91 -0.81
C GLN A 360 -33.66 -8.05 0.13
N ASP A 361 -32.69 -8.56 0.90
CA ASP A 361 -32.95 -9.65 1.82
C ASP A 361 -32.87 -9.17 3.27
N VAL A 362 -33.73 -8.22 3.63
CA VAL A 362 -33.80 -7.69 4.98
C VAL A 362 -35.01 -8.33 5.67
N ASN A 363 -34.76 -9.16 6.67
CA ASN A 363 -35.79 -9.89 7.39
C ASN A 363 -35.89 -9.36 8.80
N LEU A 364 -37.05 -8.80 9.14
CA LEU A 364 -37.29 -8.24 10.46
C LEU A 364 -37.86 -9.30 11.39
N HIS A 365 -37.75 -9.04 12.69
CA HIS A 365 -38.31 -9.92 13.72
C HIS A 365 -37.74 -11.33 13.63
N SER A 366 -36.42 -11.42 13.52
CA SER A 366 -35.76 -12.72 13.49
C SER A 366 -35.72 -13.33 14.88
N SER A 367 -35.50 -14.65 14.92
CA SER A 367 -35.47 -15.39 16.18
C SER A 367 -34.19 -16.20 16.35
N ARG A 368 -33.24 -16.12 15.42
CA ARG A 368 -31.99 -16.84 15.53
C ARG A 368 -30.98 -16.22 14.58
N LEU A 369 -29.70 -16.31 14.95
CA LEU A 369 -28.61 -15.72 14.18
C LEU A 369 -27.53 -16.76 13.99
N SER A 370 -27.17 -17.02 12.74
CA SER A 370 -26.22 -18.06 12.39
C SER A 370 -24.82 -17.47 12.21
N PHE A 371 -23.87 -18.31 11.80
CA PHE A 371 -22.50 -17.86 11.63
C PHE A 371 -22.38 -16.81 10.53
N LYS A 372 -23.06 -17.04 9.41
CA LYS A 372 -22.98 -16.09 8.30
C LYS A 372 -23.49 -14.71 8.73
N GLU A 373 -24.69 -14.66 9.32
CA GLU A 373 -25.23 -13.38 9.78
C GLU A 373 -24.39 -12.80 10.91
N LEU A 374 -23.80 -13.65 11.75
CA LEU A 374 -22.88 -13.16 12.77
C LEU A 374 -21.71 -12.41 12.15
N LEU A 375 -21.09 -12.99 11.12
CA LEU A 375 -20.00 -12.31 10.44
C LEU A 375 -20.48 -11.03 9.77
N VAL A 376 -21.66 -11.08 9.14
CA VAL A 376 -22.18 -9.91 8.44
C VAL A 376 -22.39 -8.76 9.40
N TYR A 377 -22.89 -9.06 10.61
CA TYR A 377 -23.14 -7.99 11.58
C TYR A 377 -21.87 -7.56 12.31
N ALA A 378 -20.89 -8.46 12.47
CA ALA A 378 -19.64 -8.08 13.10
C ALA A 378 -18.83 -7.17 12.18
N ALA A 379 -18.78 -7.48 10.89
CA ALA A 379 -18.07 -6.64 9.95
C ALA A 379 -18.79 -5.31 9.71
N ASP A 380 -20.09 -5.25 9.99
CA ASP A 380 -20.86 -4.03 9.75
C ASP A 380 -20.53 -2.99 10.81
N PRO A 381 -20.17 -1.76 10.42
CA PRO A 381 -19.78 -0.75 11.41
C PRO A 381 -20.94 -0.08 12.12
N ALA A 382 -22.18 -0.50 11.88
CA ALA A 382 -23.32 0.18 12.49
C ALA A 382 -23.28 0.03 14.01
N MET A 383 -23.09 -1.19 14.49
CA MET A 383 -23.07 -1.42 15.94
C MET A 383 -21.89 -0.73 16.59
N HIS A 384 -20.71 -0.78 15.95
CA HIS A 384 -19.53 -0.13 16.52
C HIS A 384 -19.72 1.38 16.59
N ALA A 385 -20.31 1.98 15.55
CA ALA A 385 -20.53 3.42 15.57
C ALA A 385 -21.62 3.83 16.54
N ALA A 386 -22.62 2.97 16.75
CA ALA A 386 -23.69 3.30 17.69
C ALA A 386 -23.20 3.16 19.13
N SER A 387 -22.37 2.15 19.41
CA SER A 387 -21.88 1.95 20.76
C SER A 387 -20.79 2.95 21.11
N GLY A 388 -19.99 3.37 20.13
CA GLY A 388 -18.92 4.30 20.39
C GLY A 388 -19.42 5.72 20.63
N ASN A 389 -18.57 6.51 21.26
CA ASN A 389 -18.89 7.89 21.58
C ASN A 389 -18.41 8.81 20.47
N LEU A 390 -18.97 10.02 20.44
CA LEU A 390 -18.65 10.98 19.41
C LEU A 390 -17.18 11.38 19.48
N LEU A 391 -16.59 11.66 18.32
CA LEU A 391 -15.18 12.03 18.22
C LEU A 391 -15.04 13.24 17.32
N LEU A 392 -14.18 14.17 17.72
CA LEU A 392 -13.86 15.37 16.94
C LEU A 392 -12.34 15.43 16.83
N ASP A 393 -11.81 15.04 15.68
CA ASP A 393 -10.37 15.01 15.44
C ASP A 393 -9.97 16.24 14.64
N LYS A 394 -9.14 17.08 15.24
CA LYS A 394 -8.66 18.30 14.60
C LYS A 394 -7.32 18.10 13.89
N ARG A 395 -6.66 16.97 14.08
CA ARG A 395 -5.37 16.74 13.43
C ARG A 395 -5.54 16.53 11.94
N THR A 396 -6.61 15.86 11.53
CA THR A 396 -6.88 15.57 10.14
C THR A 396 -8.10 16.35 9.66
N THR A 397 -8.25 16.42 8.34
CA THR A 397 -9.37 17.12 7.72
C THR A 397 -10.49 16.18 7.30
N CYS A 398 -10.28 14.87 7.36
CA CYS A 398 -11.31 13.92 6.99
C CYS A 398 -12.39 13.84 8.06
N PHE A 399 -13.55 13.34 7.68
CA PHE A 399 -14.67 13.24 8.59
C PHE A 399 -14.43 12.14 9.62
N SER A 400 -14.74 12.45 10.88
CA SER A 400 -14.60 11.50 11.98
C SER A 400 -15.97 10.97 12.39
N VAL A 401 -16.03 9.67 12.66
CA VAL A 401 -17.29 9.02 13.01
C VAL A 401 -17.43 8.95 14.52
N ALA A 402 -16.67 8.07 15.15
CA ALA A 402 -16.76 7.87 16.60
C ALA A 402 -15.43 7.35 17.10
N ALA A 403 -15.35 7.16 18.42
CA ALA A 403 -14.17 6.63 19.09
C ALA A 403 -14.57 5.39 19.85
N LEU A 404 -14.11 4.23 19.38
CA LEU A 404 -14.51 2.96 19.99
C LEU A 404 -13.83 2.71 21.33
N THR A 405 -12.87 3.54 21.73
CA THR A 405 -12.17 3.37 23.00
C THR A 405 -12.09 4.72 23.71
N ASN A 406 -12.06 4.66 25.04
CA ASN A 406 -11.98 5.87 25.84
C ASN A 406 -10.60 6.51 25.79
N ASN A 407 -9.58 5.76 25.41
CA ASN A 407 -8.20 6.25 25.34
C ASN A 407 -7.69 6.14 23.92
N VAL A 408 -7.15 7.24 23.40
CA VAL A 408 -6.58 7.23 22.05
C VAL A 408 -5.28 6.46 22.06
N ALA A 409 -5.06 5.66 21.02
CA ALA A 409 -3.88 4.83 20.90
C ALA A 409 -2.91 5.45 19.90
N PHE A 410 -1.65 5.54 20.29
CA PHE A 410 -0.59 6.07 19.44
C PHE A 410 0.40 4.96 19.12
N GLN A 411 0.55 4.65 17.84
CA GLN A 411 1.44 3.58 17.40
C GLN A 411 2.75 4.16 16.91
N THR A 412 3.86 3.63 17.41
CA THR A 412 5.20 4.06 17.03
C THR A 412 5.95 2.92 16.36
N VAL A 413 6.92 3.29 15.53
CA VAL A 413 7.76 2.33 14.82
C VAL A 413 9.04 2.12 15.62
N LYS A 414 9.44 0.86 15.76
CA LYS A 414 10.62 0.54 16.54
C LYS A 414 11.88 0.83 15.73
N PRO A 415 13.00 1.14 16.40
CA PRO A 415 14.26 1.32 15.66
C PRO A 415 14.75 0.01 15.08
N GLY A 416 15.50 0.11 13.99
CA GLY A 416 15.99 -1.07 13.31
C GLY A 416 17.19 -1.69 14.00
N ASN A 417 17.34 -2.99 13.82
CA ASN A 417 18.46 -3.72 14.39
C ASN A 417 19.71 -3.51 13.53
N PHE A 418 20.87 -3.83 14.12
CA PHE A 418 22.16 -3.65 13.47
C PHE A 418 22.98 -4.91 13.63
N ASN A 419 23.35 -5.52 12.50
CA ASN A 419 24.19 -6.72 12.48
C ASN A 419 25.64 -6.28 12.48
N LYS A 420 26.28 -6.32 13.64
CA LYS A 420 27.67 -5.86 13.74
C LYS A 420 28.63 -6.78 13.01
N ASP A 421 28.33 -8.09 12.98
CA ASP A 421 29.27 -9.04 12.38
C ASP A 421 29.45 -8.74 10.90
N PHE A 422 28.35 -8.62 10.16
CA PHE A 422 28.45 -8.35 8.72
C PHE A 422 29.06 -6.99 8.46
N TYR A 423 28.73 -6.00 9.29
CA TYR A 423 29.30 -4.67 9.11
C TYR A 423 30.82 -4.70 9.27
N ASP A 424 31.30 -5.35 10.32
CA ASP A 424 32.73 -5.44 10.53
C ASP A 424 33.40 -6.26 9.42
N PHE A 425 32.75 -7.33 8.96
CA PHE A 425 33.31 -8.13 7.89
C PHE A 425 33.43 -7.33 6.60
N ALA A 426 32.45 -6.46 6.34
CA ALA A 426 32.52 -5.63 5.14
C ALA A 426 33.56 -4.52 5.28
N VAL A 427 33.66 -3.93 6.48
CA VAL A 427 34.65 -2.87 6.69
C VAL A 427 36.06 -3.43 6.57
N SER A 428 36.26 -4.67 7.02
CA SER A 428 37.58 -5.30 6.93
C SER A 428 38.01 -5.54 5.49
N LYS A 429 37.05 -5.58 4.55
CA LYS A 429 37.35 -5.82 3.14
C LYS A 429 37.46 -4.53 2.34
N GLY A 430 37.41 -3.38 2.99
CA GLY A 430 37.59 -2.12 2.31
C GLY A 430 36.31 -1.45 1.85
N PHE A 431 35.18 -1.74 2.48
CA PHE A 431 33.91 -1.12 2.11
C PHE A 431 33.64 0.09 2.99
N PHE A 432 32.67 0.90 2.54
CA PHE A 432 32.23 2.09 3.26
C PHE A 432 33.35 3.10 3.46
N LYS A 433 34.38 3.07 2.61
CA LYS A 433 35.46 4.03 2.71
C LYS A 433 35.02 5.39 2.17
N GLU A 434 35.80 6.41 2.51
CA GLU A 434 35.47 7.77 2.07
C GLU A 434 35.69 7.90 0.57
N GLY A 435 34.76 8.59 -0.09
CA GLY A 435 34.82 8.80 -1.52
C GLY A 435 34.37 7.61 -2.36
N SER A 436 33.91 6.53 -1.73
CA SER A 436 33.47 5.36 -2.48
C SER A 436 32.07 5.58 -3.02
N SER A 437 31.82 5.04 -4.21
CA SER A 437 30.50 5.18 -4.84
C SER A 437 29.45 4.31 -4.18
N VAL A 438 29.85 3.30 -3.40
CA VAL A 438 28.93 2.38 -2.75
C VAL A 438 28.89 2.75 -1.27
N GLU A 439 27.73 3.23 -0.82
CA GLU A 439 27.52 3.58 0.58
C GLU A 439 26.11 3.16 0.98
N LEU A 440 25.84 3.22 2.28
CA LEU A 440 24.55 2.82 2.81
C LEU A 440 23.54 3.96 2.64
N LYS A 441 22.45 3.68 1.92
CA LYS A 441 21.41 4.66 1.69
C LYS A 441 20.05 4.22 2.23
N HIS A 442 19.89 2.97 2.64
CA HIS A 442 18.62 2.42 3.08
C HIS A 442 18.76 1.94 4.52
N PHE A 443 17.90 2.44 5.40
CA PHE A 443 17.86 2.03 6.79
C PHE A 443 16.42 1.95 7.25
N PHE A 444 16.23 1.46 8.48
CA PHE A 444 14.92 1.42 9.11
C PHE A 444 14.63 2.77 9.74
N PHE A 445 13.63 3.48 9.24
CA PHE A 445 13.27 4.79 9.74
C PHE A 445 12.18 4.66 10.79
N ALA A 446 12.39 5.26 11.95
CA ALA A 446 11.43 5.23 13.04
C ALA A 446 10.50 6.44 12.95
N GLN A 447 9.35 6.31 13.63
CA GLN A 447 8.33 7.35 13.63
C GLN A 447 7.83 7.58 15.04
N ASP A 448 7.16 8.70 15.23
CA ASP A 448 6.58 9.05 16.53
C ASP A 448 5.15 8.54 16.60
N GLY A 449 4.42 8.92 17.64
CA GLY A 449 3.07 8.41 17.82
C GLY A 449 2.07 9.02 16.86
N ASN A 450 2.20 10.31 16.58
CA ASN A 450 1.28 11.03 15.71
C ASN A 450 1.65 10.91 14.24
N ALA A 451 2.44 9.91 13.87
CA ALA A 451 2.84 9.72 12.48
C ALA A 451 1.85 8.84 11.71
N ALA A 452 1.40 7.75 12.32
CA ALA A 452 0.47 6.85 11.64
C ALA A 452 -0.74 7.63 11.12
N ILE A 453 -1.45 8.32 12.02
CA ILE A 453 -2.60 9.11 11.59
C ILE A 453 -2.17 10.17 10.59
N SER A 454 -0.95 10.70 10.71
CA SER A 454 -0.49 11.68 9.75
C SER A 454 -0.44 11.10 8.34
N ASP A 455 -0.12 9.81 8.21
CA ASP A 455 -0.21 9.15 6.92
C ASP A 455 -1.64 9.22 6.39
N TYR A 456 -2.62 8.93 7.25
CA TYR A 456 -4.01 9.10 6.86
C TYR A 456 -4.30 10.54 6.47
N ASP A 457 -3.58 11.50 7.06
CA ASP A 457 -3.74 12.90 6.70
C ASP A 457 -3.40 13.17 5.25
N TYR A 458 -2.77 12.22 4.54
CA TYR A 458 -2.52 12.40 3.13
C TYR A 458 -3.76 12.20 2.27
N TYR A 459 -4.80 11.54 2.81
CA TYR A 459 -5.97 11.23 2.01
C TYR A 459 -6.71 12.47 1.54
N ARG A 460 -6.35 13.66 2.02
CA ARG A 460 -6.93 14.88 1.48
C ARG A 460 -6.49 15.15 0.05
N TYR A 461 -5.49 14.42 -0.46
CA TYR A 461 -5.08 14.57 -1.85
C TYR A 461 -6.09 14.01 -2.83
N ASN A 462 -7.12 13.30 -2.34
CA ASN A 462 -8.15 12.75 -3.20
C ASN A 462 -9.30 13.75 -3.29
N LEU A 463 -9.54 14.25 -4.50
CA LEU A 463 -10.58 15.24 -4.74
C LEU A 463 -11.65 14.66 -5.66
N PRO A 464 -12.92 15.03 -5.49
CA PRO A 464 -13.94 14.61 -6.46
C PRO A 464 -13.63 15.15 -7.85
N THR A 465 -13.37 14.24 -8.78
CA THR A 465 -12.95 14.60 -10.12
C THR A 465 -13.95 14.05 -11.13
N MET A 466 -14.41 14.91 -12.02
CA MET A 466 -15.27 14.52 -13.13
C MET A 466 -14.41 14.31 -14.38
N CYS A 467 -14.60 13.17 -15.04
CA CYS A 467 -13.81 12.82 -16.21
C CYS A 467 -14.64 13.00 -17.47
N ASP A 468 -13.93 13.14 -18.59
CA ASP A 468 -14.58 13.19 -19.90
C ASP A 468 -15.29 11.87 -20.15
N ILE A 469 -16.62 11.91 -20.21
CA ILE A 469 -17.40 10.67 -20.17
C ILE A 469 -17.25 9.88 -21.47
N ARG A 470 -17.27 10.56 -22.62
CA ARG A 470 -17.13 9.84 -23.88
C ARG A 470 -15.72 9.29 -24.04
N GLN A 471 -14.71 10.10 -23.73
CA GLN A 471 -13.34 9.61 -23.75
C GLN A 471 -13.14 8.46 -22.78
N LEU A 472 -13.81 8.51 -21.61
CA LEU A 472 -13.69 7.42 -20.66
C LEU A 472 -14.36 6.15 -21.17
N LEU A 473 -15.53 6.30 -21.80
CA LEU A 473 -16.23 5.14 -22.35
C LEU A 473 -15.47 4.53 -23.53
N PHE A 474 -14.64 5.33 -24.22
CA PHE A 474 -13.79 4.76 -25.26
C PHE A 474 -12.56 4.09 -24.67
N VAL A 475 -11.94 4.73 -23.67
CA VAL A 475 -10.73 4.19 -23.06
C VAL A 475 -11.02 2.90 -22.32
N VAL A 476 -12.21 2.78 -21.70
CA VAL A 476 -12.54 1.55 -20.99
C VAL A 476 -12.59 0.38 -21.97
N GLU A 477 -13.15 0.61 -23.16
CA GLU A 477 -13.18 -0.44 -24.17
C GLU A 477 -11.78 -0.75 -24.68
N VAL A 478 -11.00 0.29 -24.97
CA VAL A 478 -9.64 0.06 -25.47
C VAL A 478 -8.82 -0.73 -24.45
N VAL A 479 -9.06 -0.49 -23.16
CA VAL A 479 -8.33 -1.22 -22.12
C VAL A 479 -8.86 -2.64 -21.99
N ASP A 480 -10.18 -2.81 -22.06
CA ASP A 480 -10.75 -4.15 -22.00
C ASP A 480 -10.23 -5.01 -23.15
N LYS A 481 -9.88 -4.39 -24.28
CA LYS A 481 -9.27 -5.15 -25.37
C LYS A 481 -7.90 -5.70 -25.00
N TYR A 482 -7.22 -5.10 -24.03
CA TYR A 482 -5.95 -5.67 -23.57
C TYR A 482 -6.16 -6.94 -22.75
N PHE A 483 -7.35 -7.13 -22.17
CA PHE A 483 -7.64 -8.28 -21.33
C PHE A 483 -8.56 -9.28 -22.02
N ASP A 484 -8.49 -9.36 -23.35
CA ASP A 484 -9.29 -10.33 -24.09
C ASP A 484 -8.65 -11.71 -24.12
N CYS A 485 -7.34 -11.81 -23.86
CA CYS A 485 -6.66 -13.09 -23.89
C CYS A 485 -6.86 -13.91 -22.62
N TYR A 486 -7.30 -13.29 -21.54
CA TYR A 486 -7.52 -14.00 -20.29
C TYR A 486 -8.97 -14.46 -20.19
N ASP A 487 -9.22 -15.31 -19.20
CA ASP A 487 -10.55 -15.83 -18.91
C ASP A 487 -10.92 -15.53 -17.46
N GLY A 488 -12.21 -15.29 -17.22
CA GLY A 488 -12.68 -14.96 -15.89
C GLY A 488 -14.04 -15.59 -15.62
N GLY A 489 -14.42 -15.56 -14.34
CA GLY A 489 -15.68 -16.12 -13.94
C GLY A 489 -15.75 -16.23 -12.43
N CYS A 490 -16.76 -16.96 -11.97
CA CYS A 490 -16.99 -17.19 -10.54
C CYS A 490 -16.65 -18.64 -10.21
N ILE A 491 -15.91 -18.83 -9.13
CA ILE A 491 -15.49 -20.15 -8.69
C ILE A 491 -16.11 -20.44 -7.34
N ASN A 492 -16.28 -21.73 -7.05
CA ASN A 492 -16.85 -22.15 -5.79
C ASN A 492 -15.81 -22.07 -4.68
N ALA A 493 -16.25 -22.34 -3.45
CA ALA A 493 -15.34 -22.26 -2.30
C ALA A 493 -14.30 -23.37 -2.32
N ASN A 494 -14.62 -24.51 -2.94
CA ASN A 494 -13.66 -25.60 -3.00
C ASN A 494 -12.49 -25.27 -3.91
N GLN A 495 -12.70 -24.36 -4.87
CA GLN A 495 -11.65 -23.98 -5.81
C GLN A 495 -10.87 -22.75 -5.36
N VAL A 496 -11.11 -22.24 -4.16
CA VAL A 496 -10.42 -21.05 -3.67
C VAL A 496 -9.07 -21.48 -3.10
N ILE A 497 -8.02 -20.73 -3.46
CA ILE A 497 -6.66 -20.98 -2.99
C ILE A 497 -6.21 -19.76 -2.20
N VAL A 498 -5.74 -19.97 -0.98
CA VAL A 498 -5.26 -18.91 -0.11
C VAL A 498 -3.77 -19.12 0.12
N ASN A 499 -2.97 -18.08 -0.12
CA ASN A 499 -1.52 -18.20 0.00
C ASN A 499 -1.12 -18.45 1.46
N ASN A 500 -1.49 -17.55 2.35
CA ASN A 500 -1.15 -17.65 3.77
C ASN A 500 -2.40 -17.46 4.59
N LEU A 501 -2.71 -18.45 5.43
CA LEU A 501 -3.91 -18.40 6.25
C LEU A 501 -3.66 -17.78 7.63
N ASP A 502 -2.44 -17.92 8.16
CA ASP A 502 -2.11 -17.38 9.48
C ASP A 502 -1.79 -15.89 9.38
N LYS A 503 -2.79 -15.12 8.95
CA LYS A 503 -2.68 -13.68 8.84
C LYS A 503 -3.93 -13.03 9.41
N SER A 504 -3.81 -11.74 9.72
CA SER A 504 -4.90 -11.04 10.39
C SER A 504 -6.13 -10.97 9.50
N ALA A 505 -7.30 -11.01 10.12
CA ALA A 505 -8.58 -10.99 9.43
C ALA A 505 -9.28 -9.65 9.53
N GLY A 506 -8.58 -8.61 9.99
CA GLY A 506 -9.18 -7.29 10.08
C GLY A 506 -9.94 -7.07 11.37
N PHE A 507 -10.63 -5.93 11.42
CA PHE A 507 -11.42 -5.52 12.57
C PHE A 507 -12.90 -5.81 12.33
N PRO A 508 -13.64 -6.37 13.30
CA PRO A 508 -13.23 -6.82 14.63
C PRO A 508 -12.82 -8.28 14.66
N PHE A 509 -12.42 -8.81 13.50
CA PHE A 509 -12.09 -10.22 13.38
C PHE A 509 -10.70 -10.55 13.90
N ASN A 510 -9.84 -9.56 14.12
CA ASN A 510 -8.51 -9.81 14.64
C ASN A 510 -8.50 -10.04 16.15
N LYS A 511 -9.61 -9.76 16.84
CA LYS A 511 -9.65 -9.92 18.28
C LYS A 511 -9.83 -11.38 18.71
N TRP A 512 -10.33 -12.24 17.81
CA TRP A 512 -10.62 -13.63 18.16
C TRP A 512 -9.69 -14.63 17.50
N GLY A 513 -9.05 -14.28 16.38
CA GLY A 513 -8.14 -15.19 15.74
C GLY A 513 -7.70 -14.67 14.40
N LYS A 514 -6.98 -15.53 13.67
CA LYS A 514 -6.45 -15.19 12.36
C LYS A 514 -7.45 -15.59 11.28
N ALA A 515 -7.03 -15.53 10.02
CA ALA A 515 -7.92 -15.90 8.92
C ALA A 515 -8.16 -17.41 8.88
N ARG A 516 -7.20 -18.21 9.33
CA ARG A 516 -7.39 -19.65 9.35
C ARG A 516 -8.58 -20.03 10.23
N LEU A 517 -8.78 -19.31 11.33
CA LEU A 517 -9.91 -19.60 12.21
C LEU A 517 -11.22 -19.57 11.44
N TYR A 518 -11.49 -18.47 10.73
CA TYR A 518 -12.75 -18.33 10.01
C TYR A 518 -12.79 -19.17 8.74
N TYR A 519 -11.64 -19.46 8.15
CA TYR A 519 -11.63 -20.31 6.96
C TYR A 519 -11.89 -21.76 7.31
N ASP A 520 -11.55 -22.18 8.53
CA ASP A 520 -11.86 -23.54 8.97
C ASP A 520 -13.22 -23.64 9.64
N SER A 521 -13.69 -22.57 10.29
CA SER A 521 -15.00 -22.62 10.92
C SER A 521 -16.12 -22.66 9.88
N MET A 522 -16.01 -21.87 8.82
CA MET A 522 -17.03 -21.81 7.79
C MET A 522 -16.78 -22.88 6.74
N SER A 523 -17.80 -23.68 6.47
CA SER A 523 -17.71 -24.70 5.44
C SER A 523 -17.87 -24.07 4.06
N TYR A 524 -17.74 -24.89 3.01
CA TYR A 524 -17.89 -24.37 1.66
C TYR A 524 -19.31 -23.90 1.39
N GLU A 525 -20.30 -24.59 1.97
CA GLU A 525 -21.69 -24.17 1.80
C GLU A 525 -21.92 -22.81 2.45
N ASP A 526 -21.30 -22.57 3.62
CA ASP A 526 -21.46 -21.27 4.27
C ASP A 526 -20.81 -20.17 3.44
N GLN A 527 -19.65 -20.44 2.83
CA GLN A 527 -19.01 -19.45 1.98
C GLN A 527 -19.85 -19.17 0.74
N ASP A 528 -20.45 -20.21 0.16
CA ASP A 528 -21.32 -20.01 -1.00
C ASP A 528 -22.55 -19.19 -0.61
N ALA A 529 -23.09 -19.44 0.59
CA ALA A 529 -24.24 -18.66 1.04
C ALA A 529 -23.86 -17.20 1.26
N LEU A 530 -22.69 -16.96 1.84
CA LEU A 530 -22.22 -15.58 2.01
C LEU A 530 -22.03 -14.89 0.66
N PHE A 531 -21.49 -15.62 -0.31
CA PHE A 531 -21.30 -15.05 -1.65
C PHE A 531 -22.64 -14.72 -2.28
N ALA A 532 -23.61 -15.62 -2.17
CA ALA A 532 -24.94 -15.35 -2.72
C ALA A 532 -25.60 -14.18 -2.01
N TYR A 533 -25.36 -14.02 -0.72
CA TYR A 533 -25.91 -12.87 0.01
C TYR A 533 -25.28 -11.57 -0.47
N THR A 534 -23.95 -11.58 -0.68
CA THR A 534 -23.29 -10.38 -1.19
C THR A 534 -23.71 -10.09 -2.62
N LYS A 535 -24.14 -11.11 -3.37
CA LYS A 535 -24.60 -10.88 -4.74
C LYS A 535 -25.89 -10.09 -4.81
N ARG A 536 -26.64 -10.01 -3.69
CA ARG A 536 -27.89 -9.28 -3.66
C ARG A 536 -27.90 -8.12 -2.67
N ASN A 537 -27.00 -8.10 -1.71
CA ASN A 537 -26.93 -7.04 -0.70
C ASN A 537 -25.50 -6.57 -0.54
N VAL A 538 -25.35 -5.37 0.04
CA VAL A 538 -24.05 -4.76 0.26
C VAL A 538 -23.77 -4.76 1.76
N ILE A 539 -22.53 -5.10 2.13
CA ILE A 539 -22.12 -5.16 3.52
C ILE A 539 -20.99 -4.16 3.75
N PRO A 540 -21.21 -3.08 4.48
CA PRO A 540 -20.10 -2.19 4.82
C PRO A 540 -19.14 -2.89 5.77
N THR A 541 -17.84 -2.62 5.58
CA THR A 541 -16.80 -3.28 6.36
C THR A 541 -15.88 -2.24 6.98
N ILE A 542 -15.05 -2.69 7.91
CA ILE A 542 -14.05 -1.87 8.58
C ILE A 542 -12.68 -2.40 8.22
N THR A 543 -11.79 -1.52 7.78
CA THR A 543 -10.43 -1.88 7.39
C THR A 543 -9.45 -1.20 8.34
N GLN A 544 -8.48 -1.96 8.82
CA GLN A 544 -7.51 -1.48 9.81
C GLN A 544 -6.22 -1.11 9.10
N MET A 545 -5.80 0.15 9.23
CA MET A 545 -4.53 0.61 8.66
C MET A 545 -3.45 0.58 9.73
N ASN A 546 -2.35 -0.09 9.42
CA ASN A 546 -1.23 -0.24 10.34
C ASN A 546 0.07 0.13 9.62
N LEU A 547 1.09 0.43 10.42
CA LEU A 547 2.39 0.79 9.88
C LEU A 547 3.16 -0.46 9.48
N LYS A 548 3.91 -0.34 8.38
CA LYS A 548 4.74 -1.45 7.89
C LYS A 548 6.17 -1.27 8.37
N TYR A 549 6.73 -2.36 8.91
CA TYR A 549 8.12 -2.38 9.34
C TYR A 549 8.96 -2.94 8.19
N ALA A 550 9.53 -2.04 7.39
CA ALA A 550 10.28 -2.45 6.20
C ALA A 550 11.36 -1.42 5.93
N ILE A 551 12.29 -1.79 5.04
CA ILE A 551 13.40 -0.91 4.69
C ILE A 551 12.93 0.12 3.68
N SER A 552 13.39 1.36 3.85
CA SER A 552 13.06 2.44 2.94
C SER A 552 14.21 3.42 2.92
N ALA A 553 14.20 4.31 1.92
CA ALA A 553 15.21 5.34 1.76
C ALA A 553 14.66 6.74 2.04
N LYS A 554 13.44 6.84 2.56
CA LYS A 554 12.83 8.12 2.88
C LYS A 554 12.29 8.07 4.30
N ASN A 555 12.26 9.23 4.96
CA ASN A 555 11.79 9.31 6.33
C ASN A 555 10.28 9.10 6.45
N ARG A 556 9.54 9.18 5.34
CA ARG A 556 8.10 8.97 5.39
C ARG A 556 7.77 7.51 5.69
N ALA A 557 6.67 7.31 6.41
CA ALA A 557 6.23 5.98 6.80
C ALA A 557 5.25 5.42 5.78
N ARG A 558 5.10 4.09 5.81
CA ARG A 558 4.20 3.38 4.92
C ARG A 558 3.14 2.65 5.73
N THR A 559 1.89 2.74 5.26
CA THR A 559 0.74 2.14 5.93
C THR A 559 0.05 1.16 5.00
N VAL A 560 -0.43 0.06 5.56
CA VAL A 560 -1.18 -0.95 4.83
C VAL A 560 -2.56 -1.07 5.48
N ALA A 561 -3.58 -1.19 4.64
CA ALA A 561 -4.98 -1.23 5.08
C ALA A 561 -5.49 -2.66 4.93
N GLY A 562 -5.33 -3.45 5.99
CA GLY A 562 -5.87 -4.79 6.01
C GLY A 562 -7.38 -4.76 6.07
N VAL A 563 -8.04 -5.33 5.06
CA VAL A 563 -9.50 -5.37 5.00
C VAL A 563 -10.00 -6.55 5.82
N SER A 564 -11.30 -6.57 6.11
CA SER A 564 -11.89 -7.68 6.85
C SER A 564 -11.93 -8.93 6.00
N ILE A 565 -12.13 -10.07 6.66
CA ILE A 565 -12.18 -11.34 5.95
C ILE A 565 -13.47 -11.45 5.14
N CYS A 566 -14.54 -10.80 5.60
CA CYS A 566 -15.79 -10.82 4.83
C CYS A 566 -15.59 -10.21 3.45
N SER A 567 -14.65 -9.28 3.31
CA SER A 567 -14.36 -8.70 2.00
C SER A 567 -13.47 -9.61 1.17
N THR A 568 -12.49 -10.26 1.80
CA THR A 568 -11.55 -11.09 1.07
C THR A 568 -12.24 -12.34 0.53
N MET A 569 -13.00 -13.03 1.38
CA MET A 569 -13.64 -14.27 0.93
C MET A 569 -14.61 -14.04 -0.21
N THR A 570 -15.05 -12.80 -0.42
CA THR A 570 -15.93 -12.48 -1.53
C THR A 570 -15.15 -12.00 -2.75
N ASN A 571 -14.18 -11.09 -2.55
CA ASN A 571 -13.39 -10.61 -3.67
C ASN A 571 -12.64 -11.74 -4.35
N ARG A 572 -12.10 -12.67 -3.55
CA ARG A 572 -11.44 -13.84 -4.15
C ARG A 572 -12.43 -14.66 -4.95
N GLN A 573 -13.51 -15.12 -4.31
CA GLN A 573 -14.51 -15.91 -5.01
C GLN A 573 -14.96 -15.25 -6.30
N PHE A 574 -14.90 -13.92 -6.36
CA PHE A 574 -15.37 -13.20 -7.55
C PHE A 574 -14.29 -13.08 -8.62
N HIS A 575 -13.05 -12.77 -8.25
CA HIS A 575 -12.04 -12.37 -9.23
C HIS A 575 -10.84 -13.32 -9.31
N GLN A 576 -10.86 -14.46 -8.62
CA GLN A 576 -9.66 -15.29 -8.56
C GLN A 576 -9.38 -15.97 -9.88
N LYS A 577 -10.42 -16.36 -10.63
CA LYS A 577 -10.18 -16.97 -11.93
C LYS A 577 -9.42 -16.03 -12.84
N LEU A 578 -9.87 -14.78 -12.94
CA LEU A 578 -9.17 -13.80 -13.78
C LEU A 578 -7.80 -13.48 -13.21
N LEU A 579 -7.67 -13.42 -11.89
CA LEU A 579 -6.37 -13.11 -11.29
C LEU A 579 -5.35 -14.20 -11.60
N LYS A 580 -5.78 -15.45 -11.61
CA LYS A 580 -4.88 -16.55 -11.93
C LYS A 580 -4.63 -16.67 -13.43
N SER A 581 -5.61 -16.30 -14.25
CA SER A 581 -5.40 -16.32 -15.69
C SER A 581 -4.42 -15.24 -16.11
N ILE A 582 -4.45 -14.07 -15.46
CA ILE A 582 -3.52 -13.00 -15.79
C ILE A 582 -2.12 -13.36 -15.31
N ALA A 583 -2.01 -13.99 -14.14
CA ALA A 583 -0.70 -14.33 -13.60
C ALA A 583 -0.04 -15.49 -14.32
N ALA A 584 -0.81 -16.27 -15.08
CA ALA A 584 -0.29 -17.44 -15.79
C ALA A 584 -0.11 -17.19 -17.28
N THR A 585 -0.26 -15.95 -17.73
CA THR A 585 -0.13 -15.60 -19.14
C THR A 585 1.21 -14.91 -19.37
N ARG A 586 1.93 -15.36 -20.38
CA ARG A 586 3.23 -14.81 -20.74
C ARG A 586 3.17 -14.13 -22.10
N GLY A 587 3.95 -13.07 -22.26
CA GLY A 587 4.00 -12.36 -23.52
C GLY A 587 2.88 -11.37 -23.73
N ALA A 588 2.32 -10.82 -22.66
CA ALA A 588 1.24 -9.84 -22.73
C ALA A 588 1.72 -8.51 -22.17
N THR A 589 0.82 -7.52 -22.19
CA THR A 589 1.15 -6.21 -21.67
C THR A 589 1.32 -6.26 -20.15
N VAL A 590 0.38 -6.90 -19.46
CA VAL A 590 0.46 -7.04 -18.02
C VAL A 590 1.42 -8.19 -17.70
N VAL A 591 2.54 -7.87 -17.05
CA VAL A 591 3.59 -8.85 -16.81
C VAL A 591 3.52 -9.34 -15.37
N ILE A 592 2.31 -9.43 -14.82
CA ILE A 592 2.13 -10.03 -13.50
C ILE A 592 2.31 -11.54 -13.61
N GLY A 593 3.12 -12.10 -12.72
CA GLY A 593 3.38 -13.52 -12.70
C GLY A 593 4.64 -13.95 -13.45
N THR A 594 5.20 -13.06 -14.27
CA THR A 594 6.40 -13.39 -15.04
C THR A 594 7.63 -13.17 -14.17
N SER A 595 8.41 -14.23 -13.97
CA SER A 595 9.63 -14.14 -13.18
C SER A 595 10.74 -13.50 -14.00
N LYS A 596 11.66 -12.84 -13.29
CA LYS A 596 12.82 -12.24 -13.91
C LYS A 596 14.02 -13.17 -13.94
N PHE A 597 13.93 -14.34 -13.31
CA PHE A 597 15.00 -15.31 -13.32
C PHE A 597 14.85 -16.25 -14.51
N TYR A 598 15.92 -17.01 -14.78
CA TYR A 598 15.93 -17.99 -15.86
C TYR A 598 15.60 -17.35 -17.20
N GLY A 599 16.20 -16.19 -17.45
CA GLY A 599 16.02 -15.51 -18.72
C GLY A 599 14.67 -14.85 -18.90
N GLY A 600 13.89 -14.68 -17.83
CA GLY A 600 12.60 -14.04 -17.96
C GLY A 600 12.70 -12.56 -18.30
N TRP A 601 13.65 -11.86 -17.68
CA TRP A 601 13.83 -10.44 -17.96
C TRP A 601 14.13 -10.22 -19.44
N HIS A 602 15.00 -11.05 -20.02
CA HIS A 602 15.29 -10.95 -21.44
C HIS A 602 14.04 -11.21 -22.27
N ASN A 603 13.20 -12.16 -21.84
CA ASN A 603 11.97 -12.44 -22.57
C ASN A 603 11.04 -11.23 -22.57
N MET A 604 10.85 -10.60 -21.41
CA MET A 604 10.01 -9.41 -21.36
C MET A 604 10.61 -8.28 -22.19
N LEU A 605 11.93 -8.10 -22.14
CA LEU A 605 12.55 -7.03 -22.88
C LEU A 605 12.38 -7.22 -24.38
N LYS A 606 12.52 -8.46 -24.87
CA LYS A 606 12.29 -8.73 -26.29
C LYS A 606 10.81 -8.68 -26.65
N THR A 607 9.92 -8.91 -25.68
CA THR A 607 8.49 -8.77 -25.95
C THR A 607 8.11 -7.30 -26.11
N VAL A 608 8.74 -6.41 -25.33
CA VAL A 608 8.44 -4.99 -25.49
C VAL A 608 8.99 -4.46 -26.79
N TYR A 609 10.09 -5.03 -27.29
CA TYR A 609 10.70 -4.62 -28.55
C TYR A 609 10.06 -5.31 -29.75
N SER A 610 8.75 -5.58 -29.69
CA SER A 610 8.06 -6.32 -30.74
C SER A 610 7.84 -5.40 -31.93
N ASP A 611 8.80 -5.38 -32.85
CA ASP A 611 8.66 -4.65 -34.10
C ASP A 611 8.32 -3.19 -33.89
N VAL A 612 9.34 -2.36 -33.65
CA VAL A 612 9.18 -0.92 -33.52
C VAL A 612 10.14 -0.24 -34.47
N GLU A 613 9.64 0.73 -35.24
CA GLU A 613 10.46 1.38 -36.25
C GLU A 613 11.61 2.15 -35.61
N ASN A 614 11.30 3.23 -34.89
CA ASN A 614 12.29 4.06 -34.20
C ASN A 614 12.07 3.90 -32.71
N PRO A 615 12.64 2.86 -32.09
CA PRO A 615 12.30 2.55 -30.69
C PRO A 615 12.97 3.53 -29.73
N HIS A 616 12.17 4.08 -28.82
CA HIS A 616 12.67 4.86 -27.70
C HIS A 616 11.91 4.45 -26.45
N LEU A 617 12.63 4.26 -25.35
CA LEU A 617 12.03 3.81 -24.11
C LEU A 617 11.72 4.98 -23.20
N MET A 618 10.65 4.84 -22.42
CA MET A 618 10.25 5.88 -21.46
C MET A 618 9.64 5.22 -20.25
N GLY A 619 9.82 5.87 -19.11
CA GLY A 619 9.22 5.41 -17.86
C GLY A 619 8.93 6.58 -16.96
N TRP A 620 7.88 6.43 -16.15
CA TRP A 620 7.41 7.50 -15.26
C TRP A 620 6.95 6.87 -13.95
N ASP A 621 6.44 7.73 -13.07
CA ASP A 621 5.89 7.31 -11.79
C ASP A 621 4.59 8.04 -11.53
N TYR A 622 3.85 7.57 -10.53
CA TYR A 622 2.56 8.15 -10.15
C TYR A 622 2.66 8.73 -8.74
N PRO A 623 2.85 10.03 -8.59
CA PRO A 623 2.91 10.62 -7.24
C PRO A 623 1.57 10.49 -6.54
N LYS A 624 1.59 9.87 -5.36
CA LYS A 624 0.39 9.67 -4.56
C LYS A 624 -0.68 8.95 -5.37
N CYS A 625 -0.32 7.76 -5.86
CA CYS A 625 -1.21 6.99 -6.71
C CYS A 625 -2.35 6.39 -5.89
N ASP A 626 -2.02 5.61 -4.86
CA ASP A 626 -3.04 4.95 -4.06
C ASP A 626 -3.91 5.95 -3.29
N ARG A 627 -3.47 7.19 -3.15
CA ARG A 627 -4.18 8.19 -2.36
C ARG A 627 -5.02 9.14 -3.20
N ALA A 628 -4.43 9.72 -4.25
CA ALA A 628 -5.07 10.80 -5.00
C ALA A 628 -5.80 10.31 -6.25
N MET A 629 -5.86 9.00 -6.48
CA MET A 629 -6.53 8.50 -7.67
C MET A 629 -8.04 8.64 -7.51
N PRO A 630 -8.75 9.22 -8.47
CA PRO A 630 -10.19 9.43 -8.29
C PRO A 630 -10.95 8.12 -8.20
N ASN A 631 -12.20 8.23 -7.77
CA ASN A 631 -13.05 7.05 -7.63
C ASN A 631 -13.59 6.57 -8.97
N MET A 632 -13.73 7.46 -9.95
CA MET A 632 -14.26 7.05 -11.25
C MET A 632 -13.36 6.01 -11.90
N LEU A 633 -12.04 6.21 -11.84
CA LEU A 633 -11.12 5.26 -12.46
C LEU A 633 -11.13 3.93 -11.73
N ARG A 634 -11.29 3.94 -10.41
CA ARG A 634 -11.39 2.70 -9.66
C ARG A 634 -12.66 1.94 -10.02
N ILE A 635 -13.78 2.65 -10.15
CA ILE A 635 -15.01 2.00 -10.57
C ILE A 635 -14.87 1.43 -11.97
N MET A 636 -14.18 2.17 -12.86
CA MET A 636 -13.95 1.68 -14.21
C MET A 636 -13.10 0.41 -14.20
N ALA A 637 -12.06 0.38 -13.36
CA ALA A 637 -11.22 -0.81 -13.27
C ALA A 637 -12.02 -2.00 -12.73
N SER A 638 -12.85 -1.75 -11.71
CA SER A 638 -13.69 -2.82 -11.18
C SER A 638 -14.64 -3.35 -12.24
N LEU A 639 -15.22 -2.44 -13.06
CA LEU A 639 -16.11 -2.89 -14.12
C LEU A 639 -15.37 -3.69 -15.18
N VAL A 640 -14.15 -3.28 -15.52
CA VAL A 640 -13.34 -4.03 -16.47
C VAL A 640 -13.04 -5.42 -15.93
N LEU A 641 -12.75 -5.51 -14.62
CA LEU A 641 -12.46 -6.81 -14.03
C LEU A 641 -13.70 -7.68 -13.95
N ALA A 642 -14.88 -7.08 -13.78
CA ALA A 642 -16.12 -7.83 -13.65
C ALA A 642 -16.80 -8.14 -14.97
N ARG A 643 -16.36 -7.51 -16.07
CA ARG A 643 -16.95 -7.79 -17.37
C ARG A 643 -16.75 -9.23 -17.82
N LYS A 644 -15.89 -10.00 -17.16
CA LYS A 644 -15.70 -11.40 -17.52
C LYS A 644 -16.88 -12.28 -17.10
N HIS A 645 -17.79 -11.77 -16.28
CA HIS A 645 -18.94 -12.54 -15.81
C HIS A 645 -20.14 -12.26 -16.73
N THR A 646 -20.05 -12.82 -17.94
CA THR A 646 -21.10 -12.66 -18.93
C THR A 646 -22.12 -13.80 -18.90
N THR A 647 -21.76 -14.95 -18.33
CA THR A 647 -22.65 -16.11 -18.26
C THR A 647 -22.95 -16.58 -16.85
N CYS A 648 -22.10 -16.26 -15.88
CA CYS A 648 -22.32 -16.71 -14.50
C CYS A 648 -23.08 -15.68 -13.68
N CYS A 649 -22.77 -14.40 -13.84
CA CYS A 649 -23.41 -13.34 -13.08
C CYS A 649 -24.43 -12.62 -13.95
N SER A 650 -25.51 -12.16 -13.32
CA SER A 650 -26.55 -11.42 -14.00
C SER A 650 -26.24 -9.92 -13.91
N LEU A 651 -27.19 -9.08 -14.32
CA LEU A 651 -26.99 -7.64 -14.25
C LEU A 651 -27.03 -7.15 -12.80
N SER A 652 -28.09 -7.48 -12.08
CA SER A 652 -28.21 -7.03 -10.69
C SER A 652 -27.10 -7.62 -9.84
N HIS A 653 -26.71 -8.87 -10.11
CA HIS A 653 -25.63 -9.49 -9.35
C HIS A 653 -24.32 -8.72 -9.53
N ARG A 654 -23.99 -8.39 -10.78
CA ARG A 654 -22.77 -7.64 -11.03
C ARG A 654 -22.84 -6.25 -10.43
N PHE A 655 -24.00 -5.60 -10.50
CA PHE A 655 -24.13 -4.27 -9.92
C PHE A 655 -23.94 -4.32 -8.40
N TYR A 656 -24.51 -5.33 -7.74
CA TYR A 656 -24.37 -5.43 -6.30
C TYR A 656 -22.94 -5.81 -5.91
N ARG A 657 -22.26 -6.61 -6.74
CA ARG A 657 -20.85 -6.87 -6.49
C ARG A 657 -20.02 -5.60 -6.60
N LEU A 658 -20.32 -4.76 -7.60
CA LEU A 658 -19.64 -3.48 -7.72
C LEU A 658 -19.92 -2.59 -6.50
N ALA A 659 -21.17 -2.59 -6.03
CA ALA A 659 -21.52 -1.79 -4.86
C ALA A 659 -20.78 -2.29 -3.63
N ASN A 660 -20.66 -3.62 -3.48
CA ASN A 660 -19.89 -4.17 -2.36
C ASN A 660 -18.42 -3.75 -2.46
N GLU A 661 -17.85 -3.83 -3.65
CA GLU A 661 -16.46 -3.43 -3.82
C GLU A 661 -16.27 -1.96 -3.49
N CYS A 662 -17.25 -1.11 -3.83
CA CYS A 662 -17.13 0.32 -3.54
C CYS A 662 -17.30 0.58 -2.05
N ALA A 663 -18.18 -0.16 -1.38
CA ALA A 663 -18.40 0.04 0.05
C ALA A 663 -17.29 -0.54 0.90
N GLN A 664 -16.54 -1.51 0.39
CA GLN A 664 -15.49 -2.18 1.15
C GLN A 664 -14.08 -1.81 0.71
N VAL A 665 -13.93 -0.97 -0.31
CA VAL A 665 -12.60 -0.59 -0.79
C VAL A 665 -12.60 0.91 -1.11
N LEU A 666 -13.53 1.34 -1.95
CA LEU A 666 -13.58 2.72 -2.38
C LEU A 666 -13.95 3.65 -1.22
N SER A 667 -15.21 3.65 -0.81
CA SER A 667 -15.69 4.46 0.29
C SER A 667 -15.95 3.53 1.48
N GLU A 668 -14.96 3.42 2.36
CA GLU A 668 -14.97 2.48 3.46
C GLU A 668 -14.86 3.24 4.79
N MET A 669 -14.81 2.47 5.87
CA MET A 669 -14.68 3.00 7.22
C MET A 669 -13.33 2.58 7.77
N VAL A 670 -12.51 3.56 8.14
CA VAL A 670 -11.13 3.33 8.54
C VAL A 670 -11.04 3.39 10.06
N MET A 671 -10.55 2.31 10.67
CA MET A 671 -10.36 2.24 12.12
C MET A 671 -8.88 2.50 12.40
N CYS A 672 -8.56 3.77 12.70
CA CYS A 672 -7.21 4.18 13.01
C CYS A 672 -7.14 4.65 14.45
N GLY A 673 -6.17 4.14 15.20
CA GLY A 673 -6.02 4.53 16.59
C GLY A 673 -7.26 4.32 17.42
N GLY A 674 -8.03 3.27 17.14
CA GLY A 674 -9.26 3.04 17.86
C GLY A 674 -10.34 4.07 17.58
N SER A 675 -10.31 4.70 16.42
CA SER A 675 -11.30 5.70 16.05
C SER A 675 -11.71 5.49 14.59
N LEU A 676 -12.99 5.68 14.31
CA LEU A 676 -13.54 5.46 12.98
C LEU A 676 -13.56 6.76 12.20
N TYR A 677 -13.10 6.71 10.95
CA TYR A 677 -13.12 7.84 10.04
C TYR A 677 -13.69 7.40 8.70
N VAL A 678 -14.16 8.37 7.94
CA VAL A 678 -14.72 8.13 6.60
C VAL A 678 -13.63 8.39 5.58
N LYS A 679 -13.31 7.39 4.79
CA LYS A 679 -12.29 7.52 3.75
C LYS A 679 -12.89 8.25 2.56
N PRO A 680 -12.32 9.38 2.13
CA PRO A 680 -12.91 10.10 0.99
C PRO A 680 -12.81 9.35 -0.33
N GLY A 681 -11.83 8.46 -0.47
CA GLY A 681 -11.68 7.70 -1.69
C GLY A 681 -10.30 7.07 -1.75
N GLY A 682 -9.90 6.70 -2.97
CA GLY A 682 -8.61 6.09 -3.19
C GLY A 682 -8.68 4.56 -3.13
N THR A 683 -7.55 3.95 -3.46
CA THR A 683 -7.43 2.50 -3.51
C THR A 683 -6.80 1.99 -2.23
N SER A 684 -7.49 1.08 -1.54
CA SER A 684 -6.88 0.40 -0.41
C SER A 684 -5.86 -0.63 -0.91
N SER A 685 -4.86 -0.88 -0.08
CA SER A 685 -3.75 -1.75 -0.45
C SER A 685 -3.86 -3.14 0.15
N GLY A 686 -5.02 -3.50 0.67
CA GLY A 686 -5.24 -4.83 1.22
C GLY A 686 -6.30 -5.61 0.48
N ASP A 687 -6.72 -5.09 -0.67
CA ASP A 687 -7.75 -5.74 -1.46
C ASP A 687 -7.17 -6.91 -2.24
N ALA A 688 -8.04 -7.84 -2.63
CA ALA A 688 -7.62 -8.95 -3.49
C ALA A 688 -7.15 -8.43 -4.84
N THR A 689 -7.90 -7.49 -5.42
CA THR A 689 -7.55 -6.92 -6.73
C THR A 689 -6.78 -5.61 -6.56
N THR A 690 -5.60 -5.74 -5.95
CA THR A 690 -4.77 -4.57 -5.67
C THR A 690 -3.83 -4.25 -6.83
N ALA A 691 -2.89 -5.15 -7.11
CA ALA A 691 -1.95 -4.90 -8.21
C ALA A 691 -2.66 -4.82 -9.55
N TYR A 692 -3.71 -5.63 -9.73
CA TYR A 692 -4.39 -5.67 -11.02
C TYR A 692 -5.22 -4.42 -11.24
N ALA A 693 -5.82 -3.87 -10.19
CA ALA A 693 -6.51 -2.60 -10.32
C ALA A 693 -5.55 -1.50 -10.73
N ASN A 694 -4.37 -1.46 -10.12
CA ASN A 694 -3.37 -0.47 -10.49
C ASN A 694 -2.89 -0.68 -11.92
N SER A 695 -2.78 -1.93 -12.37
CA SER A 695 -2.38 -2.20 -13.74
C SER A 695 -3.44 -1.67 -14.72
N VAL A 696 -4.71 -1.94 -14.45
CA VAL A 696 -5.77 -1.44 -15.31
C VAL A 696 -5.78 0.08 -15.30
N PHE A 697 -5.54 0.69 -14.15
CA PHE A 697 -5.47 2.15 -14.07
C PHE A 697 -4.32 2.69 -14.91
N ASN A 698 -3.18 2.02 -14.88
CA ASN A 698 -2.04 2.46 -15.68
C ASN A 698 -2.34 2.34 -17.17
N ILE A 699 -2.94 1.23 -17.59
CA ILE A 699 -3.30 1.09 -19.00
C ILE A 699 -4.29 2.17 -19.41
N CYS A 700 -5.26 2.47 -18.54
CA CYS A 700 -6.24 3.51 -18.86
C CYS A 700 -5.56 4.87 -18.99
N GLN A 701 -4.65 5.20 -18.08
CA GLN A 701 -3.95 6.47 -18.16
C GLN A 701 -3.10 6.55 -19.43
N ALA A 702 -2.48 5.43 -19.81
CA ALA A 702 -1.67 5.43 -21.02
C ALA A 702 -2.53 5.64 -22.26
N VAL A 703 -3.67 4.96 -22.34
CA VAL A 703 -4.56 5.15 -23.48
C VAL A 703 -5.10 6.57 -23.51
N THR A 704 -5.41 7.12 -22.33
CA THR A 704 -5.88 8.50 -22.28
C THR A 704 -4.83 9.46 -22.79
N ALA A 705 -3.57 9.27 -22.37
CA ALA A 705 -2.49 10.12 -22.87
C ALA A 705 -2.34 9.97 -24.37
N ASN A 706 -2.46 8.75 -24.88
CA ASN A 706 -2.35 8.53 -26.32
C ASN A 706 -3.44 9.29 -27.07
N VAL A 707 -4.69 9.17 -26.61
CA VAL A 707 -5.79 9.84 -27.29
C VAL A 707 -5.64 11.36 -27.20
N ASN A 708 -5.20 11.87 -26.05
CA ASN A 708 -5.03 13.30 -25.90
C ASN A 708 -3.88 13.84 -26.74
N ALA A 709 -2.84 13.03 -26.95
CA ALA A 709 -1.73 13.45 -27.78
C ALA A 709 -2.12 13.43 -29.25
N LEU A 710 -2.83 12.39 -29.68
CA LEU A 710 -3.19 12.28 -31.09
C LEU A 710 -4.21 13.33 -31.49
N LEU A 711 -5.12 13.71 -30.58
CA LEU A 711 -6.16 14.68 -30.88
C LEU A 711 -5.70 16.12 -30.66
N SER A 712 -4.54 16.34 -30.06
CA SER A 712 -4.00 17.67 -29.87
C SER A 712 -3.18 18.15 -31.07
N THR A 713 -2.99 17.32 -32.07
CA THR A 713 -2.25 17.71 -33.27
C THR A 713 -3.16 18.51 -34.21
N ASP A 714 -2.54 19.34 -35.04
CA ASP A 714 -3.29 20.16 -35.98
C ASP A 714 -4.07 19.29 -36.96
N GLY A 715 -3.41 18.25 -37.49
CA GLY A 715 -4.03 17.38 -38.46
C GLY A 715 -3.81 17.77 -39.91
N ASN A 716 -3.44 19.02 -40.17
CA ASN A 716 -3.18 19.50 -41.52
C ASN A 716 -1.70 19.49 -41.88
N LYS A 717 -0.82 19.18 -40.94
CA LYS A 717 0.62 19.13 -41.19
C LYS A 717 1.15 17.71 -41.24
N ILE A 718 0.27 16.70 -41.19
CA ILE A 718 0.68 15.31 -41.18
C ILE A 718 0.69 14.80 -42.62
N ALA A 719 1.80 14.17 -43.02
CA ALA A 719 1.98 13.70 -44.38
C ALA A 719 1.46 12.28 -44.59
N ASP A 720 0.98 11.61 -43.54
CA ASP A 720 0.46 10.26 -43.62
C ASP A 720 -1.06 10.33 -43.52
N LYS A 721 -1.74 9.82 -44.56
CA LYS A 721 -3.20 9.88 -44.58
C LYS A 721 -3.83 8.90 -43.60
N TYR A 722 -3.16 7.78 -43.34
CA TYR A 722 -3.76 6.75 -42.47
C TYR A 722 -4.03 7.31 -41.07
N VAL A 723 -3.02 7.93 -40.46
CA VAL A 723 -3.22 8.46 -39.12
C VAL A 723 -4.20 9.62 -39.13
N ARG A 724 -4.27 10.38 -40.22
CA ARG A 724 -5.23 11.48 -40.30
C ARG A 724 -6.66 10.94 -40.29
N ASN A 725 -6.94 9.94 -41.14
CA ASN A 725 -8.27 9.34 -41.14
C ASN A 725 -8.55 8.64 -39.81
N LEU A 726 -7.54 8.07 -39.17
CA LEU A 726 -7.75 7.42 -37.89
C LEU A 726 -8.10 8.43 -36.81
N GLN A 727 -7.45 9.59 -36.84
CA GLN A 727 -7.81 10.66 -35.89
C GLN A 727 -9.21 11.18 -36.17
N HIS A 728 -9.58 11.30 -37.44
CA HIS A 728 -10.94 11.73 -37.79
C HIS A 728 -11.97 10.75 -37.22
N ARG A 729 -11.76 9.45 -37.45
CA ARG A 729 -12.69 8.46 -36.91
C ARG A 729 -12.64 8.41 -35.39
N LEU A 730 -11.49 8.72 -34.79
CA LEU A 730 -11.43 8.80 -33.33
C LEU A 730 -12.32 9.91 -32.80
N TYR A 731 -12.21 11.11 -33.39
CA TYR A 731 -13.08 12.20 -32.99
C TYR A 731 -14.54 11.84 -33.23
N GLU A 732 -14.83 11.14 -34.33
CA GLU A 732 -16.20 10.73 -34.62
C GLU A 732 -16.74 9.82 -33.53
N CYS A 733 -16.02 8.73 -33.24
CA CYS A 733 -16.46 7.79 -32.22
C CYS A 733 -16.45 8.39 -30.83
N LEU A 734 -15.72 9.49 -30.61
CA LEU A 734 -15.69 10.11 -29.29
C LEU A 734 -16.87 11.06 -29.11
N TYR A 735 -16.93 12.12 -29.91
CA TYR A 735 -17.89 13.20 -29.68
C TYR A 735 -19.03 13.24 -30.69
N ARG A 736 -19.01 12.38 -31.71
CA ARG A 736 -20.08 12.34 -32.70
C ARG A 736 -20.77 10.97 -32.77
N ASN A 737 -20.34 10.01 -31.98
CA ASN A 737 -20.94 8.68 -31.96
C ASN A 737 -21.15 8.25 -30.52
N ARG A 738 -22.11 7.36 -30.32
CA ARG A 738 -22.47 6.85 -29.00
C ARG A 738 -22.31 5.36 -28.87
N ASP A 739 -22.61 4.60 -29.91
CA ASP A 739 -22.46 3.14 -29.85
C ASP A 739 -21.00 2.75 -30.08
N VAL A 740 -20.65 1.56 -29.58
CA VAL A 740 -19.29 1.07 -29.70
C VAL A 740 -19.05 0.60 -31.12
N ASP A 741 -17.93 1.04 -31.70
CA ASP A 741 -17.51 0.64 -33.04
C ASP A 741 -16.30 -0.29 -32.88
N THR A 742 -16.58 -1.59 -32.86
CA THR A 742 -15.52 -2.56 -32.58
C THR A 742 -14.41 -2.51 -33.62
N ASP A 743 -14.74 -2.15 -34.87
CA ASP A 743 -13.72 -2.10 -35.91
C ASP A 743 -12.66 -1.05 -35.59
N PHE A 744 -13.10 0.17 -35.25
CA PHE A 744 -12.12 1.19 -34.91
C PHE A 744 -11.39 0.88 -33.62
N VAL A 745 -12.05 0.17 -32.68
CA VAL A 745 -11.35 -0.25 -31.48
C VAL A 745 -10.21 -1.20 -31.83
N ASN A 746 -10.47 -2.14 -32.75
CA ASN A 746 -9.41 -3.03 -33.21
C ASN A 746 -8.29 -2.25 -33.88
N GLU A 747 -8.66 -1.29 -34.74
CA GLU A 747 -7.64 -0.49 -35.42
C GLU A 747 -6.77 0.27 -34.44
N PHE A 748 -7.39 0.90 -33.44
CA PHE A 748 -6.64 1.67 -32.46
C PHE A 748 -5.78 0.77 -31.58
N TYR A 749 -6.28 -0.41 -31.22
CA TYR A 749 -5.48 -1.34 -30.45
C TYR A 749 -4.26 -1.79 -31.23
N ALA A 750 -4.43 -2.09 -32.52
CA ALA A 750 -3.30 -2.46 -33.35
C ALA A 750 -2.30 -1.31 -33.48
N TYR A 751 -2.81 -0.10 -33.66
CA TYR A 751 -1.93 1.07 -33.76
C TYR A 751 -1.11 1.25 -32.48
N LEU A 752 -1.76 1.08 -31.33
CA LEU A 752 -1.05 1.23 -30.06
C LEU A 752 -0.01 0.13 -29.88
N ARG A 753 -0.37 -1.12 -30.17
CA ARG A 753 0.58 -2.21 -30.04
C ARG A 753 1.75 -2.05 -31.02
N LYS A 754 1.52 -1.38 -32.14
CA LYS A 754 2.58 -1.19 -33.13
C LYS A 754 3.51 -0.05 -32.75
N HIS A 755 2.95 1.09 -32.35
CA HIS A 755 3.73 2.31 -32.11
C HIS A 755 3.80 2.67 -30.63
N PHE A 756 3.45 1.76 -29.73
CA PHE A 756 3.40 2.09 -28.32
C PHE A 756 3.37 0.82 -27.47
N SER A 757 4.44 0.02 -27.54
CA SER A 757 4.50 -1.21 -26.78
C SER A 757 4.65 -0.91 -25.30
N MET A 758 3.96 -1.67 -24.46
CA MET A 758 3.86 -1.39 -23.04
C MET A 758 4.24 -2.60 -22.21
N MET A 759 4.95 -2.36 -21.10
CA MET A 759 5.19 -3.35 -20.07
C MET A 759 4.78 -2.72 -18.74
N ILE A 760 3.68 -3.20 -18.18
CA ILE A 760 3.08 -2.61 -16.99
C ILE A 760 3.00 -3.66 -15.89
N LEU A 761 3.55 -3.32 -14.73
CA LEU A 761 3.44 -4.14 -13.52
C LEU A 761 2.93 -3.23 -12.42
N SER A 762 1.63 -3.31 -12.14
CA SER A 762 0.99 -2.45 -11.14
C SER A 762 1.18 -0.99 -11.50
N ASP A 763 2.03 -0.28 -10.75
CA ASP A 763 2.26 1.15 -10.99
C ASP A 763 3.51 1.42 -11.81
N ASP A 764 4.31 0.40 -12.10
CA ASP A 764 5.52 0.58 -12.89
C ASP A 764 5.21 0.34 -14.37
N ALA A 765 5.78 1.17 -15.23
CA ALA A 765 5.49 1.08 -16.66
C ALA A 765 6.74 1.44 -17.45
N VAL A 766 6.99 0.65 -18.51
CA VAL A 766 8.06 0.91 -19.46
C VAL A 766 7.45 0.84 -20.85
N VAL A 767 7.58 1.92 -21.61
CA VAL A 767 6.96 2.02 -22.93
C VAL A 767 8.05 2.15 -23.98
N CYS A 768 7.91 1.40 -25.06
CA CYS A 768 8.76 1.52 -26.25
C CYS A 768 7.91 2.12 -27.36
N PHE A 769 8.24 3.34 -27.76
CA PHE A 769 7.44 4.09 -28.72
C PHE A 769 8.27 4.46 -29.92
N ASN A 770 7.59 4.62 -31.06
CA ASN A 770 8.24 5.14 -32.26
C ASN A 770 8.64 6.59 -32.02
N SER A 771 9.94 6.87 -32.11
CA SER A 771 10.44 8.21 -31.77
C SER A 771 9.88 9.26 -32.72
N THR A 772 9.82 8.96 -34.01
CA THR A 772 9.32 9.94 -34.98
C THR A 772 7.87 10.29 -34.68
N TYR A 773 7.04 9.28 -34.38
CA TYR A 773 5.64 9.56 -34.10
C TYR A 773 5.47 10.39 -32.83
N ALA A 774 6.34 10.18 -31.84
CA ALA A 774 6.29 11.03 -30.65
C ALA A 774 6.76 12.44 -30.95
N SER A 775 7.71 12.59 -31.87
CA SER A 775 8.19 13.91 -32.23
C SER A 775 7.13 14.71 -32.98
N GLN A 776 6.42 14.05 -33.89
CA GLN A 776 5.33 14.70 -34.63
C GLN A 776 4.02 14.72 -33.85
N GLY A 777 4.00 14.19 -32.63
CA GLY A 777 2.79 14.25 -31.81
C GLY A 777 1.74 13.23 -32.19
N LEU A 778 2.14 12.09 -32.75
CA LEU A 778 1.20 11.04 -33.12
C LEU A 778 0.93 10.06 -31.99
N VAL A 779 1.83 9.95 -31.02
CA VAL A 779 1.67 9.08 -29.88
C VAL A 779 1.89 9.90 -28.61
N ALA A 780 1.70 9.25 -27.46
CA ALA A 780 1.82 9.93 -26.19
C ALA A 780 3.28 10.25 -25.87
N SER A 781 3.48 11.36 -25.17
CA SER A 781 4.80 11.77 -24.72
C SER A 781 4.78 12.13 -23.24
N ILE A 782 5.89 12.63 -22.73
CA ILE A 782 5.99 12.92 -21.29
C ILE A 782 5.04 14.06 -20.92
N LYS A 783 5.02 15.13 -21.72
CA LYS A 783 4.15 16.26 -21.41
C LYS A 783 2.69 15.87 -21.47
N ASN A 784 2.34 14.91 -22.34
CA ASN A 784 0.95 14.50 -22.44
C ASN A 784 0.53 13.67 -21.22
N PHE A 785 1.41 12.80 -20.73
CA PHE A 785 1.15 12.11 -19.48
C PHE A 785 1.04 13.09 -18.33
N LYS A 786 1.91 14.11 -18.31
CA LYS A 786 1.84 15.12 -17.27
C LYS A 786 0.50 15.84 -17.30
N SER A 787 0.03 16.23 -18.49
CA SER A 787 -1.24 16.93 -18.59
C SER A 787 -2.39 16.03 -18.17
N VAL A 788 -2.38 14.76 -18.60
CA VAL A 788 -3.45 13.86 -18.23
C VAL A 788 -3.49 13.66 -16.72
N LEU A 789 -2.32 13.48 -16.09
CA LEU A 789 -2.28 13.36 -14.65
C LEU A 789 -2.70 14.66 -13.96
N TYR A 790 -2.48 15.80 -14.62
CA TYR A 790 -2.90 17.06 -14.03
C TYR A 790 -4.42 17.19 -14.02
N TYR A 791 -5.08 16.88 -15.13
CA TYR A 791 -6.53 17.08 -15.21
C TYR A 791 -7.33 15.84 -14.88
N GLN A 792 -6.70 14.69 -14.63
CA GLN A 792 -7.40 13.50 -14.18
C GLN A 792 -6.98 13.12 -12.76
N ASN A 793 -5.76 12.61 -12.57
CA ASN A 793 -5.33 12.17 -11.25
C ASN A 793 -5.14 13.33 -10.28
N ASN A 794 -5.17 14.57 -10.76
CA ASN A 794 -5.03 15.75 -9.89
C ASN A 794 -3.71 15.71 -9.12
N VAL A 795 -2.66 15.23 -9.79
CA VAL A 795 -1.30 15.28 -9.25
C VAL A 795 -0.40 15.85 -10.33
N PHE A 796 0.73 16.41 -9.88
CA PHE A 796 1.72 16.99 -10.78
C PHE A 796 2.90 16.03 -10.91
N MET A 797 3.14 15.58 -12.14
CA MET A 797 4.23 14.65 -12.42
C MET A 797 5.44 15.46 -12.89
N SER A 798 6.48 15.49 -12.08
CA SER A 798 7.70 16.21 -12.44
C SER A 798 8.56 15.37 -13.37
N GLU A 799 9.18 16.04 -14.34
CA GLU A 799 10.00 15.35 -15.32
C GLU A 799 11.29 14.81 -14.72
N ALA A 800 11.64 15.19 -13.49
CA ALA A 800 12.88 14.71 -12.89
C ALA A 800 12.79 13.23 -12.54
N LYS A 801 11.59 12.71 -12.27
CA LYS A 801 11.41 11.32 -11.91
C LYS A 801 11.12 10.41 -13.11
N CYS A 802 10.82 10.98 -14.27
CA CYS A 802 10.59 10.21 -15.48
C CYS A 802 11.87 10.13 -16.29
N TRP A 803 12.18 8.93 -16.78
CA TRP A 803 13.40 8.69 -17.54
C TRP A 803 13.07 8.36 -18.99
N THR A 804 13.99 8.74 -19.88
CA THR A 804 13.86 8.50 -21.31
C THR A 804 15.17 7.96 -21.83
N GLU A 805 15.10 6.85 -22.57
CA GLU A 805 16.27 6.15 -23.09
C GLU A 805 16.19 6.08 -24.60
N THR A 806 17.30 6.43 -25.27
CA THR A 806 17.37 6.43 -26.72
C THR A 806 18.16 5.26 -27.29
N ASP A 807 18.78 4.44 -26.45
CA ASP A 807 19.58 3.30 -26.89
C ASP A 807 19.04 2.05 -26.22
N LEU A 808 18.58 1.08 -27.04
CA LEU A 808 18.07 -0.17 -26.50
C LEU A 808 19.18 -1.06 -25.95
N THR A 809 20.43 -0.84 -26.37
CA THR A 809 21.52 -1.69 -25.89
C THR A 809 21.72 -1.55 -24.39
N LYS A 810 21.54 -0.35 -23.84
CA LYS A 810 21.69 -0.16 -22.41
C LYS A 810 20.48 -0.66 -21.63
N GLY A 811 19.30 -0.62 -22.23
CA GLY A 811 18.10 -1.12 -21.59
C GLY A 811 17.39 -0.06 -20.78
N PRO A 812 16.31 -0.44 -20.10
CA PRO A 812 15.58 0.52 -19.28
C PRO A 812 16.43 1.04 -18.14
N HIS A 813 16.11 2.26 -17.69
CA HIS A 813 16.85 2.87 -16.60
C HIS A 813 16.56 2.16 -15.28
N GLU A 814 15.28 2.02 -14.94
CA GLU A 814 14.89 1.41 -13.68
C GLU A 814 13.49 0.84 -13.81
N PHE A 815 13.33 -0.44 -13.51
CA PHE A 815 12.04 -1.11 -13.52
C PHE A 815 11.95 -1.98 -12.28
N CYS A 816 10.98 -1.69 -11.41
CA CYS A 816 10.82 -2.42 -10.15
C CYS A 816 12.09 -2.34 -9.31
N SER A 817 12.68 -1.14 -9.24
CA SER A 817 13.91 -0.92 -8.48
C SER A 817 15.03 -1.83 -8.97
N GLN A 818 15.05 -2.09 -10.27
CA GLN A 818 16.06 -2.94 -10.89
C GLN A 818 16.56 -2.27 -12.15
N HIS A 819 17.88 -2.24 -12.32
CA HIS A 819 18.50 -1.72 -13.53
C HIS A 819 18.83 -2.88 -14.47
N THR A 820 18.96 -2.56 -15.75
CA THR A 820 19.18 -3.56 -16.78
C THR A 820 20.56 -3.39 -17.40
N MET A 821 21.23 -4.50 -17.68
CA MET A 821 22.56 -4.47 -18.28
C MET A 821 22.69 -5.60 -19.30
N LEU A 822 23.26 -5.28 -20.45
CA LEU A 822 23.45 -6.24 -21.54
C LEU A 822 24.80 -6.94 -21.33
N VAL A 823 24.76 -8.25 -21.07
CA VAL A 823 25.96 -9.03 -20.80
C VAL A 823 26.03 -10.18 -21.80
N LYS A 824 27.15 -10.90 -21.75
CA LYS A 824 27.42 -12.02 -22.64
C LYS A 824 27.41 -13.30 -21.83
N GLN A 825 26.49 -14.20 -22.16
CA GLN A 825 26.34 -15.48 -21.45
C GLN A 825 26.22 -16.59 -22.49
N GLY A 826 27.27 -17.39 -22.64
CA GLY A 826 27.27 -18.49 -23.57
C GLY A 826 27.17 -18.04 -25.01
N ASP A 827 28.04 -17.11 -25.40
CA ASP A 827 28.08 -16.55 -26.75
C ASP A 827 26.76 -15.90 -27.13
N ASP A 828 25.96 -15.49 -26.15
CA ASP A 828 24.68 -14.84 -26.39
C ASP A 828 24.63 -13.54 -25.59
N TYR A 829 24.09 -12.49 -26.21
CA TYR A 829 23.94 -11.20 -25.56
C TYR A 829 22.54 -11.13 -24.94
N VAL A 830 22.48 -11.15 -23.61
CA VAL A 830 21.22 -11.19 -22.89
C VAL A 830 21.18 -10.05 -21.87
N TYR A 831 19.97 -9.60 -21.56
CA TYR A 831 19.76 -8.54 -20.58
C TYR A 831 19.57 -9.15 -19.20
N LEU A 832 20.34 -8.67 -18.22
CA LEU A 832 20.26 -9.11 -16.84
C LEU A 832 19.82 -7.97 -15.95
N PRO A 833 18.94 -8.22 -14.97
CA PRO A 833 18.57 -7.17 -14.02
C PRO A 833 19.39 -7.21 -12.74
N TYR A 834 20.07 -6.10 -12.43
CA TYR A 834 20.82 -5.97 -11.19
C TYR A 834 20.22 -4.88 -10.31
N PRO A 835 20.14 -5.11 -8.99
CA PRO A 835 19.59 -4.07 -8.10
C PRO A 835 20.64 -3.07 -7.66
N ASP A 836 20.24 -2.11 -6.83
CA ASP A 836 21.18 -1.15 -6.28
C ASP A 836 21.98 -1.80 -5.15
N PRO A 837 23.31 -1.74 -5.17
CA PRO A 837 24.07 -2.39 -4.09
C PRO A 837 23.77 -1.81 -2.71
N SER A 838 23.38 -0.54 -2.64
CA SER A 838 23.08 0.06 -1.35
C SER A 838 21.90 -0.62 -0.68
N ARG A 839 20.86 -0.94 -1.45
CA ARG A 839 19.69 -1.62 -0.89
C ARG A 839 20.05 -3.00 -0.35
N ILE A 840 20.85 -3.76 -1.11
CA ILE A 840 21.23 -5.10 -0.67
C ILE A 840 22.11 -5.02 0.58
N LEU A 841 23.05 -4.06 0.61
CA LEU A 841 23.90 -3.93 1.78
C LEU A 841 23.11 -3.48 3.00
N GLY A 842 22.10 -2.62 2.81
CA GLY A 842 21.26 -2.23 3.93
C GLY A 842 20.42 -3.38 4.45
N ALA A 843 19.92 -4.21 3.54
CA ALA A 843 19.17 -5.39 3.96
C ALA A 843 20.08 -6.36 4.71
N GLY A 844 21.33 -6.47 4.29
CA GLY A 844 22.24 -7.38 4.96
C GLY A 844 22.68 -6.87 6.33
N CYS A 845 22.90 -5.56 6.45
CA CYS A 845 23.40 -5.00 7.70
C CYS A 845 22.29 -4.79 8.71
N PHE A 846 21.14 -4.27 8.28
CA PHE A 846 20.03 -3.93 9.17
C PHE A 846 18.89 -4.92 8.94
N VAL A 847 18.47 -5.58 10.01
CA VAL A 847 17.37 -6.52 9.96
C VAL A 847 16.20 -5.94 10.76
N ASP A 848 15.05 -6.62 10.66
CA ASP A 848 13.82 -6.17 11.29
C ASP A 848 13.49 -6.93 12.57
N ASP A 849 14.36 -7.83 13.01
CA ASP A 849 14.13 -8.59 14.23
C ASP A 849 15.47 -8.92 14.88
N ILE A 850 15.41 -9.30 16.15
CA ILE A 850 16.65 -9.58 16.88
C ILE A 850 17.20 -10.96 16.50
N VAL A 851 16.32 -11.94 16.25
CA VAL A 851 16.79 -13.28 15.94
C VAL A 851 17.47 -13.31 14.58
N LYS A 852 17.05 -12.44 13.66
CA LYS A 852 17.66 -12.40 12.33
C LYS A 852 19.09 -11.86 12.37
N THR A 853 19.49 -11.24 13.47
CA THR A 853 20.84 -10.68 13.56
C THR A 853 21.89 -11.78 13.60
N ASP A 854 21.87 -12.59 14.67
CA ASP A 854 22.85 -13.66 14.85
C ASP A 854 22.13 -14.93 15.32
N GLY A 855 21.16 -15.38 14.55
CA GLY A 855 20.40 -16.58 14.87
C GLY A 855 20.75 -17.80 14.04
N THR A 856 21.81 -17.75 13.25
CA THR A 856 22.24 -18.81 12.34
C THR A 856 21.18 -19.17 11.31
N LEU A 857 20.09 -18.39 11.22
CA LEU A 857 19.11 -18.52 10.16
C LEU A 857 19.39 -17.57 9.00
N MET A 858 20.32 -16.64 9.19
CA MET A 858 20.66 -15.66 8.16
C MET A 858 21.35 -16.28 6.95
N ILE A 859 21.73 -17.55 7.01
CA ILE A 859 22.40 -18.17 5.87
C ILE A 859 21.51 -18.12 4.65
N GLU A 860 20.25 -18.52 4.80
CA GLU A 860 19.32 -18.48 3.67
C GLU A 860 19.03 -17.04 3.25
N ARG A 861 18.97 -16.12 4.22
CA ARG A 861 18.77 -14.71 3.87
C ARG A 861 19.87 -14.21 2.95
N PHE A 862 21.12 -14.47 3.32
CA PHE A 862 22.23 -14.00 2.51
C PHE A 862 22.35 -14.77 1.21
N VAL A 863 21.95 -16.04 1.19
CA VAL A 863 21.90 -16.78 -0.06
C VAL A 863 20.91 -16.13 -1.02
N SER A 864 19.75 -15.73 -0.52
CA SER A 864 18.77 -15.07 -1.36
C SER A 864 19.27 -13.69 -1.81
N LEU A 865 19.92 -12.96 -0.92
CA LEU A 865 20.47 -11.66 -1.30
C LEU A 865 21.52 -11.81 -2.39
N ALA A 866 22.37 -12.83 -2.28
CA ALA A 866 23.37 -13.07 -3.32
C ALA A 866 22.71 -13.51 -4.62
N ILE A 867 21.66 -14.33 -4.54
CA ILE A 867 20.92 -14.69 -5.74
C ILE A 867 20.38 -13.45 -6.43
N ASP A 868 19.90 -12.49 -5.64
CA ASP A 868 19.32 -11.28 -6.22
C ASP A 868 20.39 -10.34 -6.78
N ALA A 869 21.57 -10.30 -6.15
CA ALA A 869 22.61 -9.35 -6.52
C ALA A 869 23.72 -9.94 -7.37
N TYR A 870 23.58 -11.20 -7.79
CA TYR A 870 24.61 -11.81 -8.63
C TYR A 870 24.94 -11.01 -9.89
N PRO A 871 23.98 -10.48 -10.63
CA PRO A 871 24.32 -9.77 -11.88
C PRO A 871 25.24 -8.57 -11.68
N LEU A 872 25.53 -8.22 -10.42
CA LEU A 872 26.44 -7.12 -10.15
C LEU A 872 27.88 -7.46 -10.48
N THR A 873 28.22 -8.76 -10.57
CA THR A 873 29.61 -9.13 -10.82
C THR A 873 30.08 -8.76 -12.22
N LYS A 874 29.15 -8.50 -13.15
CA LYS A 874 29.48 -8.13 -14.51
C LYS A 874 29.44 -6.62 -14.74
N HIS A 875 29.28 -5.84 -13.68
CA HIS A 875 29.24 -4.38 -13.82
C HIS A 875 30.65 -3.85 -14.04
N PRO A 876 30.82 -2.82 -14.88
CA PRO A 876 32.17 -2.25 -15.06
C PRO A 876 32.74 -1.66 -13.79
N ASN A 877 31.89 -1.22 -12.86
CA ASN A 877 32.36 -0.70 -11.59
C ASN A 877 32.75 -1.86 -10.68
N GLN A 878 34.03 -1.92 -10.30
CA GLN A 878 34.50 -3.02 -9.48
C GLN A 878 33.88 -2.99 -8.09
N GLU A 879 33.53 -1.80 -7.59
CA GLU A 879 32.88 -1.72 -6.28
C GLU A 879 31.52 -2.40 -6.30
N TYR A 880 30.83 -2.38 -7.44
CA TYR A 880 29.55 -3.09 -7.54
C TYR A 880 29.76 -4.60 -7.57
N ALA A 881 30.83 -5.05 -8.23
CA ALA A 881 31.08 -6.48 -8.36
C ALA A 881 31.62 -7.08 -7.07
N ASP A 882 32.33 -6.30 -6.25
CA ASP A 882 32.89 -6.83 -5.02
C ASP A 882 31.84 -7.18 -3.99
N VAL A 883 30.62 -6.65 -4.12
CA VAL A 883 29.57 -6.93 -3.15
C VAL A 883 29.21 -8.42 -3.16
N PHE A 884 29.12 -9.02 -4.36
CA PHE A 884 28.78 -10.43 -4.45
C PHE A 884 29.86 -11.30 -3.83
N HIS A 885 31.13 -10.99 -4.09
CA HIS A 885 32.21 -11.75 -3.48
C HIS A 885 32.21 -11.58 -1.96
N LEU A 886 31.93 -10.36 -1.48
CA LEU A 886 31.85 -10.15 -0.05
C LEU A 886 30.73 -10.99 0.56
N TYR A 887 29.57 -11.04 -0.10
CA TYR A 887 28.48 -11.87 0.41
C TYR A 887 28.87 -13.34 0.43
N LEU A 888 29.57 -13.80 -0.61
CA LEU A 888 30.00 -15.20 -0.64
C LEU A 888 30.94 -15.50 0.52
N GLN A 889 31.94 -14.64 0.73
CA GLN A 889 32.88 -14.87 1.83
C GLN A 889 32.18 -14.81 3.18
N TYR A 890 31.18 -13.93 3.32
CA TYR A 890 30.47 -13.86 4.59
C TYR A 890 29.64 -15.11 4.82
N ILE A 891 29.02 -15.64 3.76
CA ILE A 891 28.29 -16.91 3.91
C ILE A 891 29.24 -18.02 4.32
N ARG A 892 30.43 -18.06 3.71
CA ARG A 892 31.39 -19.10 4.08
C ARG A 892 31.83 -18.95 5.53
N LYS A 893 32.07 -17.70 5.98
CA LYS A 893 32.47 -17.48 7.37
C LYS A 893 31.35 -17.86 8.33
N LEU A 894 30.10 -17.58 7.96
CA LEU A 894 28.98 -17.98 8.80
C LEU A 894 28.87 -19.49 8.89
N HIS A 895 29.07 -20.18 7.77
CA HIS A 895 29.08 -21.65 7.81
C HIS A 895 30.20 -22.16 8.71
N ASP A 896 31.37 -21.53 8.64
CA ASP A 896 32.47 -21.96 9.50
C ASP A 896 32.13 -21.77 10.97
N GLU A 897 31.56 -20.61 11.33
CA GLU A 897 31.18 -20.37 12.72
C GLU A 897 30.11 -21.36 13.17
N LEU A 898 29.16 -21.67 12.29
CA LEU A 898 28.11 -22.63 12.64
C LEU A 898 28.70 -24.01 12.88
N THR A 899 29.62 -24.44 12.02
CA THR A 899 30.27 -25.73 12.21
C THR A 899 31.05 -25.75 13.52
N GLY A 900 31.77 -24.66 13.82
CA GLY A 900 32.49 -24.60 15.08
C GLY A 900 31.58 -24.69 16.28
N HIS A 901 30.44 -23.98 16.24
CA HIS A 901 29.51 -24.02 17.35
C HIS A 901 28.92 -25.43 17.52
N MET A 902 28.56 -26.08 16.40
CA MET A 902 28.03 -27.43 16.49
C MET A 902 29.06 -28.40 17.04
N LEU A 903 30.33 -28.22 16.65
CA LEU A 903 31.40 -29.07 17.19
C LEU A 903 31.59 -28.82 18.68
N ASP A 904 31.44 -27.56 19.11
CA ASP A 904 31.60 -27.25 20.52
C ASP A 904 30.46 -27.84 21.35
N MET A 905 29.23 -27.75 20.86
CA MET A 905 28.10 -28.24 21.64
C MET A 905 28.00 -29.76 21.61
N TYR A 906 28.18 -30.37 20.44
CA TYR A 906 28.02 -31.81 20.31
C TYR A 906 29.01 -32.38 19.30
N SER A 907 28.58 -32.56 18.05
CA SER A 907 29.42 -33.16 17.02
C SER A 907 29.09 -32.52 15.68
N VAL A 908 29.95 -32.79 14.69
CA VAL A 908 29.77 -32.23 13.36
C VAL A 908 28.66 -32.97 12.63
N MET A 909 27.99 -32.25 11.72
CA MET A 909 26.92 -32.84 10.93
C MET A 909 27.50 -33.65 9.78
N LEU A 910 26.72 -34.62 9.31
CA LEU A 910 27.18 -35.50 8.25
C LEU A 910 26.99 -34.89 6.87
N THR A 911 25.86 -34.21 6.66
CA THR A 911 25.56 -33.57 5.37
C THR A 911 26.18 -32.19 5.25
N ASN A 912 27.40 -32.02 5.75
CA ASN A 912 28.04 -30.71 5.71
C ASN A 912 28.43 -30.33 4.28
N ASP A 913 28.85 -31.30 3.47
CA ASP A 913 29.32 -31.00 2.12
C ASP A 913 28.22 -30.34 1.29
N ASN A 914 26.95 -30.62 1.60
CA ASN A 914 25.85 -30.01 0.85
C ASN A 914 25.91 -28.48 0.93
N THR A 915 26.52 -27.94 1.98
CA THR A 915 26.60 -26.50 2.13
C THR A 915 27.59 -25.88 1.13
N SER A 916 28.47 -26.68 0.55
CA SER A 916 29.50 -26.13 -0.33
C SER A 916 28.88 -25.32 -1.47
N ARG A 917 27.81 -25.84 -2.08
CA ARG A 917 27.21 -25.16 -3.22
C ARG A 917 26.76 -23.73 -2.89
N TYR A 918 26.63 -23.40 -1.60
CA TYR A 918 26.19 -22.06 -1.22
C TYR A 918 27.32 -21.03 -1.27
N TRP A 919 28.58 -21.45 -1.33
CA TRP A 919 29.68 -20.51 -1.49
C TRP A 919 30.41 -20.71 -2.82
N GLU A 920 29.73 -21.27 -3.83
CA GLU A 920 30.25 -21.37 -5.19
C GLU A 920 29.43 -20.49 -6.12
N PRO A 921 30.07 -19.83 -7.10
CA PRO A 921 29.31 -18.93 -7.99
C PRO A 921 28.46 -19.66 -9.02
N GLU A 922 28.60 -20.99 -9.16
CA GLU A 922 27.83 -21.70 -10.16
C GLU A 922 26.36 -21.77 -9.77
N PHE A 923 26.07 -21.95 -8.48
CA PHE A 923 24.69 -22.03 -8.04
C PHE A 923 23.93 -20.74 -8.31
N TYR A 924 24.62 -19.60 -8.24
CA TYR A 924 24.00 -18.31 -8.53
C TYR A 924 24.01 -17.97 -10.01
N GLU A 925 24.95 -18.52 -10.77
CA GLU A 925 24.95 -18.30 -12.21
C GLU A 925 23.87 -19.12 -12.90
N ALA A 926 23.58 -20.32 -12.42
CA ALA A 926 22.54 -21.14 -13.02
C ALA A 926 21.15 -20.55 -12.82
N MET A 927 20.98 -19.63 -11.87
CA MET A 927 19.67 -19.06 -11.60
C MET A 927 19.21 -18.13 -12.71
N TYR A 928 20.11 -17.68 -13.57
CA TYR A 928 19.78 -16.76 -14.66
C TYR A 928 19.86 -17.40 -16.03
N THR A 929 20.26 -18.67 -16.12
CA THR A 929 20.31 -19.34 -17.41
C THR A 929 18.89 -19.65 -17.89
N PRO A 930 18.61 -19.46 -19.19
CA PRO A 930 17.23 -19.68 -19.66
C PRO A 930 16.89 -21.14 -19.89
N HIS A 931 17.67 -22.05 -19.31
CA HIS A 931 17.40 -23.47 -19.49
C HIS A 931 16.19 -23.91 -18.67
N THR A 932 16.13 -23.53 -17.40
CA THR A 932 15.02 -23.89 -16.54
C THR A 932 14.06 -22.71 -16.38
N PHE B 9 1.37 -60.25 12.43
CA PHE B 9 0.98 -60.59 11.07
C PHE B 9 0.40 -62.00 11.00
N SER B 10 0.18 -62.62 12.17
CA SER B 10 -0.37 -63.97 12.21
C SER B 10 -1.83 -64.01 11.76
N SER B 11 -2.53 -62.88 11.80
CA SER B 11 -3.94 -62.84 11.41
C SER B 11 -4.14 -62.91 9.91
N LEU B 12 -3.08 -62.82 9.11
CA LEU B 12 -3.23 -62.88 7.67
C LEU B 12 -3.38 -64.33 7.20
N PRO B 13 -4.30 -64.61 6.27
CA PRO B 13 -4.43 -65.99 5.81
C PRO B 13 -3.19 -66.52 5.11
N SER B 14 -2.53 -65.68 4.30
CA SER B 14 -1.34 -66.13 3.59
C SER B 14 -0.14 -66.29 4.51
N TYR B 15 -0.16 -65.67 5.69
CA TYR B 15 0.95 -65.82 6.63
C TYR B 15 1.10 -67.27 7.08
N ALA B 16 -0.03 -67.94 7.35
CA ALA B 16 0.03 -69.33 7.77
C ALA B 16 0.60 -70.21 6.65
N ALA B 17 0.18 -69.98 5.41
CA ALA B 17 0.71 -70.75 4.30
C ALA B 17 2.20 -70.50 4.12
N PHE B 18 2.64 -69.25 4.27
CA PHE B 18 4.06 -68.95 4.17
C PHE B 18 4.86 -69.63 5.27
N ALA B 19 4.33 -69.63 6.50
CA ALA B 19 5.01 -70.29 7.60
C ALA B 19 5.10 -71.79 7.36
N THR B 20 4.02 -72.39 6.86
CA THR B 20 4.04 -73.82 6.56
C THR B 20 5.05 -74.13 5.47
N ALA B 21 5.11 -73.29 4.44
CA ALA B 21 6.08 -73.51 3.37
C ALA B 21 7.51 -73.40 3.89
N GLN B 22 7.76 -72.42 4.76
CA GLN B 22 9.10 -72.27 5.32
C GLN B 22 9.47 -73.46 6.20
N GLU B 23 8.51 -73.95 6.98
CA GLU B 23 8.77 -75.13 7.81
C GLU B 23 9.07 -76.34 6.95
N ALA B 24 8.30 -76.54 5.88
CA ALA B 24 8.56 -77.66 4.98
C ALA B 24 9.91 -77.53 4.31
N TYR B 25 10.29 -76.30 3.91
CA TYR B 25 11.59 -76.09 3.30
C TYR B 25 12.71 -76.42 4.28
N GLU B 26 12.58 -75.97 5.52
CA GLU B 26 13.60 -76.29 6.52
C GLU B 26 13.69 -77.79 6.77
N GLN B 27 12.55 -78.46 6.86
CA GLN B 27 12.55 -79.90 7.09
C GLN B 27 13.19 -80.65 5.93
N ALA B 28 12.93 -80.20 4.71
CA ALA B 28 13.52 -80.87 3.54
C ALA B 28 15.00 -80.57 3.40
N VAL B 29 15.44 -79.37 3.78
CA VAL B 29 16.86 -79.06 3.72
C VAL B 29 17.62 -79.79 4.81
N ALA B 30 16.98 -80.03 5.96
CA ALA B 30 17.63 -80.79 7.01
C ALA B 30 17.76 -82.27 6.67
N ASN B 31 16.94 -82.78 5.76
CA ASN B 31 16.99 -84.18 5.36
C ASN B 31 17.85 -84.41 4.12
N GLY B 32 18.04 -83.38 3.29
CA GLY B 32 18.84 -83.52 2.09
C GLY B 32 18.18 -84.39 1.04
N ASP B 33 17.14 -83.87 0.39
CA ASP B 33 16.41 -84.60 -0.63
C ASP B 33 16.96 -84.24 -2.01
N SER B 34 16.24 -84.61 -3.06
CA SER B 34 16.68 -84.33 -4.41
C SER B 34 16.53 -82.85 -4.73
N GLU B 35 17.26 -82.40 -5.74
CA GLU B 35 17.22 -80.99 -6.13
C GLU B 35 15.85 -80.59 -6.65
N VAL B 36 15.11 -81.54 -7.23
CA VAL B 36 13.83 -81.21 -7.85
C VAL B 36 12.82 -80.76 -6.80
N VAL B 37 12.66 -81.57 -5.74
CA VAL B 37 11.71 -81.19 -4.70
C VAL B 37 12.18 -79.93 -3.99
N LEU B 38 13.50 -79.75 -3.86
CA LEU B 38 14.01 -78.54 -3.20
C LEU B 38 13.65 -77.30 -3.99
N LYS B 39 13.85 -77.32 -5.31
CA LYS B 39 13.50 -76.14 -6.09
C LYS B 39 12.00 -75.95 -6.21
N LYS B 40 11.23 -77.05 -6.19
CA LYS B 40 9.77 -76.92 -6.19
C LYS B 40 9.29 -76.23 -4.92
N LEU B 41 9.78 -76.68 -3.76
CA LEU B 41 9.38 -76.03 -2.52
C LEU B 41 9.94 -74.62 -2.43
N LYS B 42 11.08 -74.35 -3.08
CA LYS B 42 11.57 -72.98 -3.14
C LYS B 42 10.62 -72.09 -3.92
N LYS B 43 10.14 -72.55 -5.08
CA LYS B 43 9.18 -71.78 -5.84
C LYS B 43 7.89 -71.56 -5.06
N SER B 44 7.41 -72.60 -4.38
CA SER B 44 6.20 -72.47 -3.58
C SER B 44 6.40 -71.46 -2.45
N LEU B 45 7.54 -71.54 -1.77
CA LEU B 45 7.85 -70.58 -0.70
C LEU B 45 7.93 -69.17 -1.25
N ASN B 46 8.46 -69.01 -2.46
CA ASN B 46 8.55 -67.67 -3.04
C ASN B 46 7.17 -67.12 -3.37
N VAL B 47 6.28 -67.97 -3.89
CA VAL B 47 4.91 -67.53 -4.14
C VAL B 47 4.24 -67.13 -2.83
N ALA B 48 4.41 -67.95 -1.80
CA ALA B 48 3.81 -67.64 -0.51
C ALA B 48 4.36 -66.33 0.06
N LYS B 49 5.66 -66.10 -0.10
CA LYS B 49 6.26 -64.86 0.38
C LYS B 49 5.77 -63.65 -0.40
N SER B 50 5.54 -63.81 -1.71
CA SER B 50 4.97 -62.72 -2.49
C SER B 50 3.57 -62.37 -1.99
N GLU B 51 2.74 -63.39 -1.76
CA GLU B 51 1.40 -63.14 -1.23
C GLU B 51 1.47 -62.49 0.14
N PHE B 52 2.40 -62.95 0.98
CA PHE B 52 2.59 -62.35 2.30
C PHE B 52 2.95 -60.88 2.19
N ASP B 53 3.87 -60.55 1.27
CA ASP B 53 4.25 -59.17 1.06
C ASP B 53 3.05 -58.33 0.62
N ARG B 54 2.23 -58.87 -0.29
CA ARG B 54 1.08 -58.10 -0.76
C ARG B 54 0.09 -57.84 0.36
N ASP B 55 -0.23 -58.87 1.16
CA ASP B 55 -1.19 -58.65 2.24
C ASP B 55 -0.62 -57.75 3.33
N ALA B 56 0.69 -57.84 3.60
CA ALA B 56 1.28 -56.92 4.56
C ALA B 56 1.25 -55.48 4.05
N ALA B 57 1.45 -55.30 2.74
CA ALA B 57 1.39 -53.97 2.16
C ALA B 57 -0.01 -53.38 2.29
N MET B 58 -1.03 -54.16 1.95
CA MET B 58 -2.39 -53.64 2.07
C MET B 58 -2.77 -53.43 3.54
N GLN B 59 -2.19 -54.22 4.46
CA GLN B 59 -2.44 -53.99 5.87
C GLN B 59 -1.83 -52.68 6.34
N ARG B 60 -0.57 -52.41 5.94
CA ARG B 60 0.02 -51.11 6.24
C ARG B 60 -0.80 -49.98 5.63
N LYS B 61 -1.35 -50.21 4.43
CA LYS B 61 -2.14 -49.17 3.78
C LYS B 61 -3.43 -48.89 4.55
N LEU B 62 -4.14 -49.94 4.96
CA LEU B 62 -5.37 -49.71 5.71
C LEU B 62 -5.08 -49.07 7.06
N GLU B 63 -3.99 -49.47 7.71
CA GLU B 63 -3.60 -48.80 8.96
C GLU B 63 -3.29 -47.32 8.72
N LYS B 64 -2.63 -47.02 7.60
CA LYS B 64 -2.30 -45.63 7.30
C LYS B 64 -3.55 -44.79 7.10
N MET B 65 -4.51 -45.31 6.32
CA MET B 65 -5.75 -44.56 6.11
C MET B 65 -6.56 -44.47 7.40
N ALA B 66 -6.46 -45.47 8.28
CA ALA B 66 -7.12 -45.36 9.57
C ALA B 66 -6.53 -44.24 10.40
N ASP B 67 -5.19 -44.13 10.43
CA ASP B 67 -4.55 -43.03 11.13
C ASP B 67 -4.94 -41.69 10.52
N GLN B 68 -5.02 -41.64 9.19
CA GLN B 68 -5.41 -40.40 8.52
C GLN B 68 -6.84 -40.01 8.89
N ALA B 69 -7.75 -40.98 8.96
CA ALA B 69 -9.12 -40.67 9.35
C ALA B 69 -9.19 -40.23 10.80
N MET B 70 -8.36 -40.83 11.67
CA MET B 70 -8.31 -40.38 13.06
C MET B 70 -7.86 -38.92 13.14
N THR B 71 -6.80 -38.58 12.40
CA THR B 71 -6.33 -37.20 12.39
C THR B 71 -7.41 -36.26 11.83
N GLN B 72 -8.14 -36.73 10.81
CA GLN B 72 -9.18 -35.89 10.22
C GLN B 72 -10.32 -35.63 11.20
N MET B 73 -10.76 -36.66 11.93
CA MET B 73 -11.83 -36.45 12.89
C MET B 73 -11.36 -35.60 14.06
N TYR B 74 -10.09 -35.74 14.47
CA TYR B 74 -9.56 -34.85 15.50
C TYR B 74 -9.55 -33.40 15.03
N LYS B 75 -9.13 -33.17 13.78
CA LYS B 75 -9.13 -31.83 13.23
C LYS B 75 -10.55 -31.28 13.15
N GLN B 76 -11.51 -32.12 12.79
CA GLN B 76 -12.91 -31.68 12.72
C GLN B 76 -13.44 -31.31 14.10
N ALA B 77 -13.09 -32.10 15.12
CA ALA B 77 -13.50 -31.76 16.49
C ALA B 77 -12.89 -30.44 16.93
N ARG B 78 -11.60 -30.24 16.62
CA ARG B 78 -10.96 -28.96 16.94
C ARG B 78 -11.68 -27.81 16.23
N SER B 79 -12.04 -28.02 14.95
CA SER B 79 -12.72 -26.97 14.21
C SER B 79 -14.08 -26.65 14.83
N GLU B 80 -14.83 -27.67 15.24
CA GLU B 80 -16.12 -27.44 15.88
C GLU B 80 -15.94 -26.70 17.19
N ASP B 81 -14.93 -27.06 17.97
CA ASP B 81 -14.69 -26.38 19.24
C ASP B 81 -14.38 -24.91 19.01
N LYS B 82 -13.48 -24.61 18.07
CA LYS B 82 -13.12 -23.23 17.80
C LYS B 82 -14.29 -22.45 17.21
N ARG B 83 -15.13 -23.11 16.41
CA ARG B 83 -16.31 -22.44 15.88
C ARG B 83 -17.29 -22.08 17.00
N ALA B 84 -17.49 -22.99 17.94
CA ALA B 84 -18.34 -22.68 19.09
C ALA B 84 -17.77 -21.52 19.89
N LYS B 85 -16.45 -21.54 20.12
CA LYS B 85 -15.82 -20.44 20.86
C LYS B 85 -16.02 -19.11 20.14
N VAL B 86 -15.81 -19.09 18.82
CA VAL B 86 -15.96 -17.85 18.07
C VAL B 86 -17.40 -17.38 18.10
N THR B 87 -18.36 -18.30 17.98
CA THR B 87 -19.76 -17.91 18.04
C THR B 87 -20.09 -17.29 19.39
N SER B 88 -19.63 -17.92 20.48
CA SER B 88 -19.89 -17.38 21.81
C SER B 88 -19.28 -15.99 21.96
N ALA B 89 -18.03 -15.82 21.53
CA ALA B 89 -17.36 -14.53 21.67
C ALA B 89 -18.07 -13.45 20.85
N MET B 90 -18.45 -13.78 19.61
CA MET B 90 -19.12 -12.79 18.77
C MET B 90 -20.48 -12.41 19.35
N GLN B 91 -21.24 -13.38 19.84
CA GLN B 91 -22.52 -13.06 20.45
C GLN B 91 -22.35 -12.19 21.69
N THR B 92 -21.35 -12.51 22.51
CA THR B 92 -21.09 -11.72 23.71
C THR B 92 -20.75 -10.28 23.34
N MET B 93 -19.84 -10.10 22.37
CA MET B 93 -19.45 -8.76 21.98
C MET B 93 -20.62 -8.00 21.37
N LEU B 94 -21.44 -8.67 20.57
CA LEU B 94 -22.59 -8.01 19.96
C LEU B 94 -23.58 -7.55 21.02
N PHE B 95 -23.89 -8.42 21.99
CA PHE B 95 -24.82 -8.03 23.04
C PHE B 95 -24.23 -6.93 23.93
N THR B 96 -22.92 -6.94 24.15
CA THR B 96 -22.30 -5.88 24.93
C THR B 96 -22.44 -4.54 24.22
N MET B 97 -22.05 -4.48 22.95
CA MET B 97 -22.20 -3.23 22.21
C MET B 97 -23.66 -2.86 22.00
N LEU B 98 -24.58 -3.82 22.11
CA LEU B 98 -26.00 -3.51 22.02
C LEU B 98 -26.48 -2.83 23.30
N ARG B 99 -26.10 -3.36 24.46
CA ARG B 99 -26.44 -2.71 25.72
C ARG B 99 -25.68 -1.41 25.92
N LYS B 100 -24.59 -1.20 25.18
CA LYS B 100 -23.79 0.01 25.38
C LYS B 100 -24.44 1.25 24.76
N LEU B 101 -25.15 1.10 23.65
CA LEU B 101 -25.71 2.25 22.97
C LEU B 101 -26.87 2.85 23.77
N ASP B 102 -27.17 4.11 23.48
CA ASP B 102 -28.24 4.83 24.15
C ASP B 102 -29.53 4.71 23.33
N ASN B 103 -30.60 4.27 23.98
CA ASN B 103 -31.87 4.05 23.31
C ASN B 103 -32.77 5.27 23.35
N ASP B 104 -32.64 6.12 24.38
CA ASP B 104 -33.55 7.25 24.53
C ASP B 104 -33.53 8.16 23.31
N ALA B 105 -32.35 8.40 22.75
CA ALA B 105 -32.23 9.24 21.56
C ALA B 105 -32.31 8.44 20.27
N LEU B 106 -31.88 7.18 20.28
CA LEU B 106 -31.96 6.37 19.07
C LEU B 106 -33.41 6.14 18.65
N ASN B 107 -34.25 5.72 19.61
CA ASN B 107 -35.67 5.53 19.29
C ASN B 107 -36.30 6.84 18.84
N ASN B 108 -35.90 7.96 19.45
CA ASN B 108 -36.46 9.26 19.06
C ASN B 108 -36.13 9.58 17.62
N ILE B 109 -34.85 9.46 17.24
CA ILE B 109 -34.45 9.79 15.88
C ILE B 109 -34.98 8.79 14.87
N ILE B 110 -35.28 7.56 15.30
CA ILE B 110 -35.84 6.58 14.38
C ILE B 110 -37.32 6.86 14.14
N ASN B 111 -38.08 7.11 15.21
CA ASN B 111 -39.49 7.45 15.04
C ASN B 111 -39.68 8.81 14.38
N ASN B 112 -38.68 9.69 14.45
CA ASN B 112 -38.77 10.96 13.74
C ASN B 112 -38.61 10.77 12.24
N ALA B 113 -37.83 9.78 11.83
CA ALA B 113 -37.66 9.51 10.41
C ALA B 113 -38.91 8.86 9.85
N ARG B 114 -39.35 9.33 8.68
CA ARG B 114 -40.54 8.79 8.05
C ARG B 114 -40.26 7.44 7.40
N ASP B 115 -39.13 7.31 6.70
CA ASP B 115 -38.80 6.05 6.04
C ASP B 115 -38.31 5.00 7.03
N GLY B 116 -37.76 5.41 8.16
CA GLY B 116 -37.23 4.50 9.15
C GLY B 116 -35.75 4.24 9.03
N CYS B 117 -35.12 4.63 7.92
CA CYS B 117 -33.69 4.47 7.71
C CYS B 117 -33.01 5.82 7.89
N VAL B 118 -31.88 5.81 8.59
CA VAL B 118 -31.11 7.03 8.85
C VAL B 118 -29.65 6.78 8.53
N PRO B 119 -28.88 7.81 8.13
CA PRO B 119 -27.45 7.60 7.92
C PRO B 119 -26.76 7.17 9.22
N LEU B 120 -25.64 6.47 9.05
CA LEU B 120 -24.89 6.00 10.22
C LEU B 120 -24.15 7.14 10.91
N ASN B 121 -23.58 8.06 10.13
CA ASN B 121 -22.72 9.09 10.70
C ASN B 121 -23.46 9.98 11.68
N ILE B 122 -24.78 10.15 11.50
CA ILE B 122 -25.54 11.00 12.42
C ILE B 122 -25.87 10.30 13.73
N ILE B 123 -25.63 9.00 13.84
CA ILE B 123 -25.98 8.26 15.04
C ILE B 123 -25.13 8.75 16.21
N PRO B 124 -23.79 8.75 16.10
CA PRO B 124 -22.98 9.26 17.21
C PRO B 124 -23.05 10.77 17.36
N LEU B 125 -23.48 11.49 16.33
CA LEU B 125 -23.53 12.95 16.42
C LEU B 125 -24.68 13.43 17.30
N THR B 126 -25.80 12.69 17.33
CA THR B 126 -27.00 13.13 18.03
C THR B 126 -27.41 12.22 19.18
N THR B 127 -26.85 11.02 19.29
CA THR B 127 -27.24 10.08 20.33
C THR B 127 -26.12 9.75 21.30
N ALA B 128 -24.94 10.33 21.15
CA ALA B 128 -23.81 10.08 22.03
C ALA B 128 -23.75 11.14 23.12
N ALA B 129 -23.52 10.70 24.35
CA ALA B 129 -23.40 11.61 25.49
C ALA B 129 -21.97 12.03 25.77
N LYS B 130 -21.00 11.22 25.37
CA LYS B 130 -19.58 11.53 25.57
C LYS B 130 -18.97 11.97 24.25
N LEU B 131 -18.06 12.94 24.33
CA LEU B 131 -17.37 13.48 23.16
C LEU B 131 -15.89 13.59 23.48
N MET B 132 -15.06 12.99 22.63
CA MET B 132 -13.62 13.02 22.77
C MET B 132 -13.03 13.86 21.66
N VAL B 133 -12.39 14.97 22.03
CA VAL B 133 -11.79 15.90 21.07
C VAL B 133 -10.28 15.83 21.22
N VAL B 134 -9.58 15.62 20.11
CA VAL B 134 -8.13 15.60 20.07
C VAL B 134 -7.66 16.94 19.52
N ILE B 135 -6.95 17.70 20.33
CA ILE B 135 -6.48 19.04 19.98
C ILE B 135 -4.97 18.96 19.79
N PRO B 136 -4.43 19.34 18.62
CA PRO B 136 -2.98 19.24 18.41
C PRO B 136 -2.20 20.41 18.98
N ASP B 137 -2.72 21.63 18.85
CA ASP B 137 -2.01 22.83 19.24
C ASP B 137 -2.90 23.73 20.08
N TYR B 138 -2.28 24.76 20.65
CA TYR B 138 -2.99 25.66 21.55
C TYR B 138 -3.96 26.56 20.80
N ASN B 139 -3.65 26.91 19.56
CA ASN B 139 -4.54 27.75 18.77
C ASN B 139 -5.88 27.07 18.55
N THR B 140 -5.85 25.79 18.17
CA THR B 140 -7.11 25.05 18.01
C THR B 140 -7.83 24.89 19.33
N TYR B 141 -7.10 24.77 20.44
CA TYR B 141 -7.74 24.68 21.75
C TYR B 141 -8.51 25.95 22.06
N LYS B 142 -7.92 27.12 21.77
CA LYS B 142 -8.62 28.37 22.01
C LYS B 142 -9.75 28.59 21.01
N ASN B 143 -9.61 28.06 19.79
CA ASN B 143 -10.64 28.26 18.78
C ASN B 143 -11.86 27.36 19.00
N THR B 144 -11.66 26.17 19.57
CA THR B 144 -12.73 25.21 19.76
C THR B 144 -13.08 25.04 21.23
N CYS B 145 -12.26 24.33 22.00
CA CYS B 145 -12.58 24.02 23.40
C CYS B 145 -12.09 25.14 24.31
N ASP B 146 -12.79 26.27 24.22
CA ASP B 146 -12.50 27.43 25.05
C ASP B 146 -13.44 27.43 26.26
N GLY B 147 -12.85 27.50 27.45
CA GLY B 147 -13.62 27.51 28.67
C GLY B 147 -14.00 26.11 29.14
N THR B 148 -14.76 26.07 30.23
CA THR B 148 -15.18 24.79 30.78
C THR B 148 -16.27 24.15 29.93
N THR B 149 -17.07 24.95 29.24
CA THR B 149 -18.14 24.45 28.39
C THR B 149 -17.95 24.99 26.98
N PHE B 150 -18.26 24.16 25.99
CA PHE B 150 -18.14 24.54 24.59
C PHE B 150 -19.37 24.05 23.83
N THR B 151 -19.46 24.41 22.56
CA THR B 151 -20.59 24.07 21.71
C THR B 151 -20.09 23.32 20.48
N TYR B 152 -20.74 22.20 20.18
CA TYR B 152 -20.40 21.41 19.00
C TYR B 152 -21.61 20.59 18.61
N ALA B 153 -21.84 20.47 17.29
CA ALA B 153 -22.97 19.72 16.76
C ALA B 153 -24.28 20.23 17.36
N SER B 154 -24.37 21.54 17.56
CA SER B 154 -25.56 22.17 18.13
C SER B 154 -25.89 21.58 19.50
N ALA B 155 -24.84 21.28 20.28
CA ALA B 155 -25.00 20.72 21.61
C ALA B 155 -23.95 21.31 22.52
N LEU B 156 -24.32 21.55 23.79
CA LEU B 156 -23.42 22.11 24.77
C LEU B 156 -22.74 20.98 25.53
N TRP B 157 -21.41 20.94 25.48
CA TRP B 157 -20.62 19.91 26.14
C TRP B 157 -19.75 20.56 27.21
N GLU B 158 -19.85 20.03 28.43
CA GLU B 158 -19.04 20.49 29.55
C GLU B 158 -17.81 19.60 29.69
N ILE B 159 -16.64 20.23 29.77
CA ILE B 159 -15.39 19.48 29.83
C ILE B 159 -15.36 18.66 31.13
N GLN B 160 -15.16 17.35 30.99
CA GLN B 160 -15.11 16.44 32.13
C GLN B 160 -13.69 16.03 32.49
N GLN B 161 -12.84 15.77 31.49
CA GLN B 161 -11.47 15.33 31.75
C GLN B 161 -10.58 15.73 30.59
N VAL B 162 -9.31 16.01 30.92
CA VAL B 162 -8.29 16.34 29.93
C VAL B 162 -7.08 15.45 30.19
N VAL B 163 -6.61 14.78 29.15
CA VAL B 163 -5.48 13.85 29.25
C VAL B 163 -4.46 14.23 28.19
N ASP B 164 -3.18 14.05 28.51
CA ASP B 164 -2.10 14.36 27.58
C ASP B 164 -1.81 13.16 26.70
N ALA B 165 -0.72 13.22 25.92
CA ALA B 165 -0.35 12.13 25.05
C ALA B 165 0.26 10.96 25.81
N ASP B 166 0.73 11.18 27.04
CA ASP B 166 1.32 10.14 27.87
C ASP B 166 0.33 9.53 28.85
N SER B 167 -0.96 9.71 28.62
CA SER B 167 -2.00 9.17 29.48
C SER B 167 -1.86 9.69 30.91
N LYS B 168 -1.69 11.01 31.02
CA LYS B 168 -1.58 11.67 32.30
C LYS B 168 -2.63 12.76 32.42
N ILE B 169 -3.08 13.01 33.65
CA ILE B 169 -4.12 14.00 33.89
C ILE B 169 -3.52 15.40 33.77
N VAL B 170 -4.21 16.28 33.05
CA VAL B 170 -3.78 17.66 32.85
C VAL B 170 -4.92 18.57 33.31
N GLN B 171 -4.60 19.49 34.22
CA GLN B 171 -5.61 20.40 34.72
C GLN B 171 -5.93 21.47 33.68
N LEU B 172 -7.04 22.17 33.90
CA LEU B 172 -7.45 23.23 32.98
C LEU B 172 -6.54 24.45 33.07
N SER B 173 -6.00 24.71 34.26
CA SER B 173 -5.11 25.86 34.43
C SER B 173 -3.73 25.61 33.81
N GLU B 174 -3.33 24.35 33.66
CA GLU B 174 -2.03 24.04 33.06
C GLU B 174 -1.98 24.38 31.58
N ILE B 175 -3.12 24.46 30.91
CA ILE B 175 -3.17 24.76 29.48
C ILE B 175 -3.08 26.26 29.30
N SER B 176 -1.86 26.77 29.13
CA SER B 176 -1.62 28.20 28.93
C SER B 176 -0.62 28.38 27.80
N MET B 177 -0.44 29.63 27.38
CA MET B 177 0.46 29.92 26.28
C MET B 177 1.92 29.71 26.69
N ASP B 178 2.27 30.09 27.92
CA ASP B 178 3.64 29.92 28.38
C ASP B 178 3.94 28.47 28.74
N ASN B 179 2.93 27.71 29.13
CA ASN B 179 3.08 26.30 29.50
C ASN B 179 2.76 25.35 28.35
N SER B 180 2.50 25.88 27.15
CA SER B 180 2.14 25.03 26.02
C SER B 180 3.32 24.15 25.59
N PRO B 181 4.55 24.67 25.55
CA PRO B 181 5.67 23.81 25.12
C PRO B 181 5.93 22.66 26.08
N ASN B 182 5.69 22.86 27.37
CA ASN B 182 5.93 21.81 28.36
C ASN B 182 4.83 20.74 28.34
N LEU B 183 3.66 21.06 27.83
CA LEU B 183 2.59 20.07 27.74
C LEU B 183 2.91 19.04 26.66
N ALA B 184 2.33 17.86 26.81
CA ALA B 184 2.55 16.74 25.88
C ALA B 184 1.37 16.71 24.91
N TRP B 185 1.50 17.48 23.82
CA TRP B 185 0.46 17.51 22.79
C TRP B 185 0.51 16.25 21.95
N PRO B 186 -0.63 15.84 21.36
CA PRO B 186 -1.95 16.47 21.45
C PRO B 186 -2.66 16.16 22.77
N LEU B 187 -3.74 16.89 23.04
CA LEU B 187 -4.52 16.70 24.26
C LEU B 187 -5.87 16.10 23.90
N ILE B 188 -6.28 15.07 24.63
CA ILE B 188 -7.58 14.43 24.44
C ILE B 188 -8.48 14.89 25.57
N VAL B 189 -9.55 15.61 25.21
CA VAL B 189 -10.51 16.13 26.18
C VAL B 189 -11.81 15.34 26.01
N THR B 190 -12.27 14.73 27.10
CA THR B 190 -13.54 14.02 27.14
C THR B 190 -14.56 14.87 27.87
N ALA B 191 -15.70 15.10 27.23
CA ALA B 191 -16.75 15.96 27.77
C ALA B 191 -18.09 15.25 27.66
N LEU B 192 -18.86 15.28 28.75
CA LEU B 192 -20.18 14.69 28.76
C LEU B 192 -21.21 15.70 28.27
N ARG B 193 -22.29 15.20 27.67
CA ARG B 193 -23.33 16.06 27.16
C ARG B 193 -24.15 16.65 28.30
N ALA B 194 -24.63 17.87 28.10
CA ALA B 194 -25.44 18.55 29.10
C ALA B 194 -26.53 19.38 28.43
N SER C 4 34.95 5.31 6.30
CA SER C 4 34.46 6.70 6.53
C SER C 4 33.76 6.80 7.88
N LYS C 5 33.62 8.03 8.38
CA LYS C 5 32.94 8.26 9.64
C LYS C 5 31.43 8.34 9.50
N MET C 6 30.92 8.67 8.31
CA MET C 6 29.48 8.80 8.15
C MET C 6 28.78 7.48 8.41
N SER C 7 29.31 6.38 7.86
CA SER C 7 28.62 5.09 7.97
C SER C 7 28.52 4.64 9.41
N ASP C 8 29.65 4.58 10.11
CA ASP C 8 29.62 4.12 11.50
C ASP C 8 28.93 5.12 12.41
N VAL C 9 28.92 6.41 12.06
CA VAL C 9 28.12 7.35 12.83
C VAL C 9 26.64 7.05 12.70
N LYS C 10 26.19 6.76 11.47
CA LYS C 10 24.79 6.37 11.28
C LYS C 10 24.46 5.10 12.05
N CYS C 11 25.38 4.12 12.02
CA CYS C 11 25.15 2.87 12.75
C CYS C 11 25.07 3.14 14.26
N THR C 12 25.94 4.00 14.77
CA THR C 12 25.93 4.33 16.19
C THR C 12 24.64 5.05 16.56
N SER C 13 24.13 5.92 15.68
CA SER C 13 22.87 6.58 15.95
C SER C 13 21.71 5.59 15.95
N VAL C 14 21.76 4.61 15.05
CA VAL C 14 20.72 3.58 15.02
C VAL C 14 20.73 2.79 16.32
N VAL C 15 21.91 2.37 16.76
CA VAL C 15 22.00 1.61 18.01
C VAL C 15 21.58 2.49 19.19
N LEU C 16 21.88 3.79 19.13
CA LEU C 16 21.49 4.69 20.20
C LEU C 16 19.97 4.78 20.31
N LEU C 17 19.29 4.97 19.18
CA LEU C 17 17.83 5.00 19.20
C LEU C 17 17.26 3.66 19.64
N SER C 18 17.91 2.56 19.26
CA SER C 18 17.47 1.25 19.71
C SER C 18 17.54 1.14 21.22
N VAL C 19 18.65 1.55 21.81
CA VAL C 19 18.80 1.48 23.26
C VAL C 19 17.80 2.40 23.94
N LEU C 20 17.56 3.58 23.35
CA LEU C 20 16.60 4.52 23.94
C LEU C 20 15.20 3.92 23.94
N GLN C 21 14.79 3.32 22.82
CA GLN C 21 13.49 2.66 22.78
C GLN C 21 13.43 1.51 23.78
N GLN C 22 14.54 0.79 23.93
CA GLN C 22 14.57 -0.32 24.88
C GLN C 22 14.46 0.16 26.33
N LEU C 23 14.93 1.39 26.60
CA LEU C 23 14.88 1.94 27.95
C LEU C 23 13.52 2.57 28.27
N ARG C 24 12.49 2.25 27.50
CA ARG C 24 11.13 2.73 27.75
C ARG C 24 11.06 4.25 27.65
N VAL C 25 11.85 4.82 26.73
CA VAL C 25 11.77 6.26 26.50
C VAL C 25 10.55 6.58 25.65
N GLU C 26 10.06 5.63 24.87
CA GLU C 26 8.88 5.87 24.03
C GLU C 26 7.63 6.19 24.84
N SER C 27 7.66 5.98 26.16
CA SER C 27 6.51 6.36 26.99
C SER C 27 6.28 7.86 26.95
N SER C 28 7.34 8.65 26.84
CA SER C 28 7.23 10.09 26.72
C SER C 28 7.10 10.45 25.24
N SER C 29 6.03 11.17 24.89
CA SER C 29 5.78 11.47 23.49
C SER C 29 6.77 12.49 22.96
N LYS C 30 6.98 13.59 23.70
CA LYS C 30 7.85 14.65 23.20
C LYS C 30 9.29 14.18 23.06
N LEU C 31 9.82 13.52 24.10
CA LEU C 31 11.21 13.05 24.05
C LEU C 31 11.40 12.03 22.94
N TRP C 32 10.45 11.09 22.81
CA TRP C 32 10.58 10.07 21.77
C TRP C 32 10.48 10.68 20.38
N ALA C 33 9.59 11.66 20.20
CA ALA C 33 9.48 12.31 18.89
C ALA C 33 10.76 13.06 18.56
N GLN C 34 11.35 13.74 19.54
CA GLN C 34 12.59 14.46 19.29
C GLN C 34 13.73 13.49 18.97
N CYS C 35 13.79 12.35 19.68
CA CYS C 35 14.81 11.36 19.38
C CYS C 35 14.64 10.79 17.98
N VAL C 36 13.39 10.52 17.59
CA VAL C 36 13.13 9.99 16.25
C VAL C 36 13.53 11.01 15.19
N GLN C 37 13.20 12.28 15.43
CA GLN C 37 13.59 13.33 14.49
C GLN C 37 15.10 13.41 14.36
N LEU C 38 15.82 13.38 15.48
CA LEU C 38 17.27 13.44 15.44
C LEU C 38 17.85 12.25 14.70
N HIS C 39 17.33 11.05 14.97
CA HIS C 39 17.84 9.86 14.30
C HIS C 39 17.59 9.91 12.81
N ASN C 40 16.38 10.33 12.40
CA ASN C 40 16.08 10.42 10.97
C ASN C 40 16.93 11.49 10.29
N ASP C 41 17.24 12.58 11.00
CA ASP C 41 18.13 13.59 10.43
C ASP C 41 19.56 13.07 10.29
N ILE C 42 20.01 12.25 11.24
CA ILE C 42 21.34 11.66 11.13
C ILE C 42 21.39 10.70 9.95
N LEU C 43 20.35 9.89 9.79
CA LEU C 43 20.33 8.95 8.67
C LEU C 43 20.31 9.68 7.33
N LEU C 44 19.42 10.67 7.20
CA LEU C 44 19.30 11.44 5.95
C LEU C 44 20.13 12.71 6.05
N ALA C 45 21.45 12.52 6.04
CA ALA C 45 22.39 13.62 6.09
C ALA C 45 23.59 13.32 5.21
N LYS C 46 24.25 14.37 4.75
CA LYS C 46 25.44 14.26 3.91
C LYS C 46 26.65 14.97 4.49
N ASP C 47 26.48 15.67 5.63
CA ASP C 47 27.57 16.39 6.27
C ASP C 47 27.93 15.68 7.57
N THR C 48 29.22 15.43 7.77
CA THR C 48 29.66 14.72 8.97
C THR C 48 29.53 15.59 10.22
N THR C 49 29.66 16.91 10.06
CA THR C 49 29.61 17.79 11.23
C THR C 49 28.22 17.80 11.87
N GLU C 50 27.18 18.02 11.06
CA GLU C 50 25.82 18.02 11.59
C GLU C 50 25.45 16.65 12.14
N ALA C 51 25.90 15.59 11.48
CA ALA C 51 25.65 14.25 11.99
C ALA C 51 26.29 14.06 13.36
N PHE C 52 27.51 14.54 13.53
CA PHE C 52 28.18 14.40 14.82
C PHE C 52 27.49 15.25 15.89
N GLU C 53 27.02 16.44 15.53
CA GLU C 53 26.31 17.26 16.51
C GLU C 53 25.01 16.58 16.94
N LYS C 54 24.26 16.02 16.00
CA LYS C 54 23.03 15.32 16.36
C LYS C 54 23.33 14.06 17.16
N MET C 55 24.44 13.39 16.87
CA MET C 55 24.84 12.24 17.68
C MET C 55 25.16 12.68 19.10
N VAL C 56 25.82 13.82 19.26
CA VAL C 56 26.09 14.35 20.59
C VAL C 56 24.77 14.64 21.32
N SER C 57 23.81 15.21 20.60
CA SER C 57 22.51 15.51 21.21
C SER C 57 21.82 14.23 21.69
N LEU C 58 21.80 13.20 20.83
CA LEU C 58 21.13 11.95 21.22
C LEU C 58 21.88 11.25 22.34
N LEU C 59 23.22 11.32 22.34
CA LEU C 59 23.97 10.73 23.43
C LEU C 59 23.71 11.46 24.74
N SER C 60 23.54 12.78 24.68
CA SER C 60 23.15 13.52 25.88
C SER C 60 21.75 13.13 26.34
N VAL C 61 20.85 12.89 25.39
CA VAL C 61 19.53 12.39 25.74
C VAL C 61 19.67 11.09 26.53
N LEU C 62 20.51 10.17 26.04
CA LEU C 62 20.72 8.91 26.73
C LEU C 62 21.34 9.14 28.12
N LEU C 63 22.28 10.09 28.21
CA LEU C 63 22.97 10.35 29.47
C LEU C 63 22.09 11.08 30.48
N SER C 64 20.97 11.67 30.04
CA SER C 64 20.11 12.41 30.95
C SER C 64 19.61 11.51 32.07
N MET C 65 19.25 10.27 31.76
CA MET C 65 18.79 9.31 32.75
C MET C 65 20.00 8.67 33.41
N GLN C 66 20.18 8.93 34.71
CA GLN C 66 21.36 8.44 35.42
C GLN C 66 21.13 7.02 35.94
N GLY C 67 20.00 6.79 36.60
CA GLY C 67 19.72 5.48 37.16
C GLY C 67 19.39 4.41 36.14
N ALA C 68 19.09 4.82 34.90
CA ALA C 68 18.72 3.84 33.88
C ALA C 68 19.93 3.04 33.41
N VAL C 69 21.06 3.71 33.17
CA VAL C 69 22.26 3.08 32.66
C VAL C 69 23.41 3.35 33.63
N ASP C 70 24.20 2.31 33.91
CA ASP C 70 25.37 2.43 34.77
C ASP C 70 26.57 2.71 33.86
N ILE C 71 26.99 3.97 33.82
CA ILE C 71 28.06 4.36 32.91
C ILE C 71 29.40 3.81 33.40
N ASN C 72 29.69 3.94 34.70
CA ASN C 72 31.01 3.61 35.21
C ASN C 72 31.32 2.12 35.01
N LYS C 73 30.39 1.25 35.39
CA LYS C 73 30.65 -0.18 35.30
C LYS C 73 30.64 -0.67 33.87
N LEU C 74 29.77 -0.11 33.03
CA LEU C 74 29.60 -0.62 31.67
C LEU C 74 30.66 -0.11 30.72
N CYS C 75 31.14 1.13 30.89
CA CYS C 75 32.12 1.68 29.97
C CYS C 75 33.45 0.95 30.10
N GLU C 76 33.82 0.55 31.31
CA GLU C 76 35.07 -0.15 31.54
C GLU C 76 34.94 -1.63 31.16
N PHE D 9 30.81 -47.85 6.98
CA PHE D 9 29.79 -48.84 6.65
C PHE D 9 30.26 -50.26 6.93
N SER D 10 31.52 -50.38 7.38
CA SER D 10 32.07 -51.70 7.68
C SER D 10 31.48 -52.30 8.95
N SER D 11 30.90 -51.48 9.82
CA SER D 11 30.33 -51.98 11.07
C SER D 11 29.02 -52.74 10.85
N LEU D 12 28.40 -52.61 9.68
CA LEU D 12 27.13 -53.31 9.45
C LEU D 12 27.40 -54.79 9.22
N PRO D 13 26.51 -55.67 9.70
CA PRO D 13 26.74 -57.11 9.47
C PRO D 13 26.73 -57.50 8.01
N SER D 14 25.98 -56.79 7.16
CA SER D 14 25.90 -57.11 5.74
C SER D 14 27.14 -56.69 4.96
N TYR D 15 28.00 -55.85 5.55
CA TYR D 15 29.20 -55.41 4.84
C TYR D 15 30.13 -56.59 4.56
N ALA D 16 30.32 -57.48 5.53
CA ALA D 16 31.17 -58.64 5.31
C ALA D 16 30.62 -59.52 4.21
N ALA D 17 29.30 -59.76 4.23
CA ALA D 17 28.68 -60.60 3.20
C ALA D 17 28.84 -59.97 1.82
N PHE D 18 28.60 -58.66 1.72
CA PHE D 18 28.73 -57.98 0.43
C PHE D 18 30.18 -58.04 -0.08
N ALA D 19 31.15 -57.81 0.81
CA ALA D 19 32.54 -57.87 0.41
C ALA D 19 32.93 -59.27 -0.04
N THR D 20 32.46 -60.30 0.68
CA THR D 20 32.76 -61.67 0.29
C THR D 20 32.14 -62.00 -1.06
N ALA D 21 30.91 -61.57 -1.29
CA ALA D 21 30.27 -61.82 -2.58
C ALA D 21 31.01 -61.13 -3.71
N GLN D 22 31.42 -59.87 -3.49
CA GLN D 22 32.14 -59.14 -4.52
C GLN D 22 33.49 -59.81 -4.81
N GLU D 23 34.20 -60.25 -3.78
CA GLU D 23 35.48 -60.90 -3.99
C GLU D 23 35.30 -62.22 -4.72
N ALA D 24 34.29 -62.99 -4.36
CA ALA D 24 34.03 -64.25 -5.06
C ALA D 24 33.69 -64.01 -6.52
N TYR D 25 32.88 -62.99 -6.80
CA TYR D 25 32.54 -62.67 -8.18
C TYR D 25 33.78 -62.26 -8.97
N GLU D 26 34.63 -61.43 -8.37
CA GLU D 26 35.85 -61.00 -9.05
C GLU D 26 36.76 -62.18 -9.32
N GLN D 27 36.92 -63.08 -8.35
CA GLN D 27 37.79 -64.24 -8.54
C GLN D 27 37.22 -65.21 -9.56
N ALA D 28 35.89 -65.30 -9.66
CA ALA D 28 35.28 -66.20 -10.63
C ALA D 28 35.38 -65.64 -12.05
N VAL D 29 35.16 -64.33 -12.21
CA VAL D 29 35.27 -63.75 -13.54
C VAL D 29 36.73 -63.67 -13.98
N ALA D 30 37.66 -63.53 -13.01
CA ALA D 30 39.07 -63.50 -13.37
C ALA D 30 39.58 -64.89 -13.75
N ASN D 31 38.95 -65.95 -13.24
CA ASN D 31 39.36 -67.31 -13.54
C ASN D 31 38.68 -67.87 -14.78
N GLY D 32 37.64 -67.21 -15.29
CA GLY D 32 36.96 -67.67 -16.48
C GLY D 32 36.15 -68.93 -16.24
N ASP D 33 35.07 -68.82 -15.48
CA ASP D 33 34.20 -69.95 -15.18
C ASP D 33 33.09 -70.04 -16.22
N SER D 34 32.13 -70.93 -16.00
CA SER D 34 31.02 -71.09 -16.92
C SER D 34 30.02 -69.95 -16.75
N GLU D 35 28.95 -69.98 -17.54
CA GLU D 35 27.94 -68.93 -17.48
C GLU D 35 27.00 -69.11 -16.30
N VAL D 36 26.76 -70.36 -15.88
CA VAL D 36 25.91 -70.57 -14.71
C VAL D 36 26.59 -70.00 -13.46
N VAL D 37 27.91 -70.11 -13.37
CA VAL D 37 28.63 -69.50 -12.26
C VAL D 37 28.46 -67.99 -12.29
N LEU D 38 28.57 -67.39 -13.47
CA LEU D 38 28.33 -65.96 -13.60
C LEU D 38 26.93 -65.60 -13.13
N LYS D 39 25.94 -66.40 -13.49
CA LYS D 39 24.56 -66.09 -13.10
C LYS D 39 24.38 -66.18 -11.59
N LYS D 40 24.92 -67.22 -10.97
CA LYS D 40 24.71 -67.36 -9.52
C LYS D 40 25.47 -66.29 -8.75
N LEU D 41 26.68 -65.95 -9.18
CA LEU D 41 27.41 -64.87 -8.51
C LEU D 41 26.72 -63.52 -8.73
N LYS D 42 26.12 -63.33 -9.90
CA LYS D 42 25.34 -62.12 -10.14
C LYS D 42 24.16 -62.04 -9.19
N LYS D 43 23.42 -63.14 -9.05
CA LYS D 43 22.30 -63.17 -8.11
C LYS D 43 22.77 -62.88 -6.69
N SER D 44 23.88 -63.50 -6.28
CA SER D 44 24.38 -63.31 -4.92
C SER D 44 24.74 -61.85 -4.68
N LEU D 45 25.52 -61.25 -5.59
CA LEU D 45 25.92 -59.86 -5.40
C LEU D 45 24.72 -58.92 -5.50
N ASN D 46 23.71 -59.27 -6.30
CA ASN D 46 22.54 -58.42 -6.41
C ASN D 46 21.74 -58.41 -5.11
N VAL D 47 21.51 -59.60 -4.53
CA VAL D 47 20.79 -59.62 -3.25
C VAL D 47 21.63 -58.99 -2.15
N ALA D 48 22.95 -59.16 -2.19
CA ALA D 48 23.80 -58.51 -1.21
C ALA D 48 23.70 -57.00 -1.32
N LYS D 49 23.71 -56.47 -2.54
CA LYS D 49 23.59 -55.02 -2.73
C LYS D 49 22.20 -54.53 -2.34
N SER D 50 21.17 -55.34 -2.57
CA SER D 50 19.83 -54.95 -2.13
C SER D 50 19.79 -54.78 -0.62
N GLU D 51 20.29 -55.78 0.11
CA GLU D 51 20.33 -55.68 1.57
C GLU D 51 21.20 -54.53 2.02
N PHE D 52 22.32 -54.30 1.32
CA PHE D 52 23.24 -53.22 1.70
C PHE D 52 22.58 -51.86 1.54
N ASP D 53 21.89 -51.62 0.42
CA ASP D 53 21.22 -50.33 0.26
C ASP D 53 20.05 -50.20 1.21
N ARG D 54 19.36 -51.30 1.52
CA ARG D 54 18.34 -51.25 2.56
C ARG D 54 18.93 -50.71 3.87
N ASP D 55 19.97 -51.36 4.36
CA ASP D 55 20.58 -50.96 5.63
C ASP D 55 21.14 -49.55 5.55
N ALA D 56 21.72 -49.19 4.40
CA ALA D 56 22.30 -47.87 4.25
C ALA D 56 21.22 -46.78 4.28
N ALA D 57 20.10 -47.01 3.61
CA ALA D 57 19.01 -46.06 3.66
C ALA D 57 18.45 -45.93 5.06
N MET D 58 18.32 -47.05 5.78
CA MET D 58 17.84 -46.99 7.15
C MET D 58 18.77 -46.14 8.01
N GLN D 59 20.07 -46.44 7.96
CA GLN D 59 21.03 -45.72 8.79
C GLN D 59 21.10 -44.24 8.40
N ARG D 60 20.99 -43.96 7.09
CA ARG D 60 21.06 -42.57 6.64
C ARG D 60 19.83 -41.79 7.10
N LYS D 61 18.66 -42.42 7.07
CA LYS D 61 17.46 -41.75 7.59
C LYS D 61 17.58 -41.51 9.09
N LEU D 62 18.14 -42.48 9.82
CA LEU D 62 18.36 -42.28 11.25
C LEU D 62 19.28 -41.08 11.50
N GLU D 63 20.42 -41.05 10.81
CA GLU D 63 21.36 -39.95 11.00
C GLU D 63 20.78 -38.62 10.56
N LYS D 64 19.94 -38.63 9.52
CA LYS D 64 19.31 -37.40 9.07
C LYS D 64 18.32 -36.88 10.10
N MET D 65 17.53 -37.78 10.69
CA MET D 65 16.63 -37.37 11.77
C MET D 65 17.42 -36.79 12.93
N ALA D 66 18.53 -37.44 13.31
CA ALA D 66 19.34 -36.93 14.40
C ALA D 66 19.89 -35.54 14.07
N ASP D 67 20.37 -35.37 12.84
CA ASP D 67 20.94 -34.08 12.44
C ASP D 67 19.87 -32.98 12.46
N GLN D 68 18.67 -33.29 11.96
CA GLN D 68 17.60 -32.30 11.99
C GLN D 68 17.22 -31.93 13.42
N ALA D 69 17.12 -32.92 14.30
CA ALA D 69 16.82 -32.62 15.70
C ALA D 69 17.90 -31.75 16.32
N MET D 70 19.17 -32.06 16.04
CA MET D 70 20.26 -31.29 16.64
C MET D 70 20.26 -29.85 16.12
N THR D 71 20.08 -29.66 14.82
CA THR D 71 20.07 -28.30 14.29
C THR D 71 18.86 -27.53 14.77
N GLN D 72 17.72 -28.21 14.98
CA GLN D 72 16.54 -27.52 15.48
C GLN D 72 16.73 -27.07 16.93
N MET D 73 17.26 -27.96 17.77
CA MET D 73 17.52 -27.56 19.15
C MET D 73 18.59 -26.48 19.23
N TYR D 74 19.59 -26.53 18.34
CA TYR D 74 20.58 -25.46 18.30
C TYR D 74 19.96 -24.13 17.90
N LYS D 75 19.06 -24.15 16.92
CA LYS D 75 18.35 -22.94 16.53
C LYS D 75 17.56 -22.38 17.70
N GLN D 76 16.83 -23.23 18.42
CA GLN D 76 16.04 -22.77 19.55
C GLN D 76 16.95 -22.21 20.65
N ALA D 77 18.08 -22.88 20.91
CA ALA D 77 19.00 -22.40 21.94
C ALA D 77 19.57 -21.03 21.57
N ARG D 78 19.99 -20.86 20.32
CA ARG D 78 20.52 -19.57 19.90
C ARG D 78 19.44 -18.49 19.97
N SER D 79 18.21 -18.82 19.58
CA SER D 79 17.13 -17.85 19.65
C SER D 79 16.88 -17.40 21.09
N GLU D 80 16.79 -18.35 22.02
CA GLU D 80 16.53 -17.97 23.40
C GLU D 80 17.72 -17.25 24.02
N ASP D 81 18.95 -17.61 23.61
CA ASP D 81 20.13 -16.92 24.13
C ASP D 81 20.18 -15.48 23.64
N LYS D 82 19.78 -15.24 22.39
CA LYS D 82 19.75 -13.88 21.88
C LYS D 82 18.59 -13.09 22.47
N ARG D 83 17.47 -13.75 22.76
CA ARG D 83 16.36 -13.06 23.40
C ARG D 83 16.70 -12.70 24.85
N ALA D 84 17.49 -13.52 25.52
CA ALA D 84 17.83 -13.25 26.92
C ALA D 84 18.83 -12.11 27.03
N LYS D 85 19.99 -12.26 26.39
CA LYS D 85 21.08 -11.29 26.48
C LYS D 85 20.98 -10.33 25.30
N VAL D 86 20.08 -9.36 25.41
CA VAL D 86 19.92 -8.32 24.42
C VAL D 86 20.31 -6.96 24.96
N THR D 87 19.88 -6.62 26.18
CA THR D 87 20.13 -5.30 26.72
C THR D 87 21.62 -5.05 26.95
N SER D 88 22.25 -5.92 27.73
CA SER D 88 23.66 -5.73 28.05
C SER D 88 24.52 -5.80 26.79
N ALA D 89 24.23 -6.76 25.91
CA ALA D 89 25.02 -6.90 24.68
C ALA D 89 24.88 -5.66 23.81
N MET D 90 23.65 -5.17 23.63
CA MET D 90 23.43 -4.00 22.80
C MET D 90 24.11 -2.77 23.38
N GLN D 91 24.03 -2.60 24.71
CA GLN D 91 24.66 -1.43 25.33
C GLN D 91 26.18 -1.51 25.24
N THR D 92 26.75 -2.71 25.41
CA THR D 92 28.19 -2.85 25.27
C THR D 92 28.63 -2.56 23.85
N MET D 93 27.87 -3.05 22.87
CA MET D 93 28.18 -2.73 21.47
C MET D 93 28.09 -1.22 21.23
N LEU D 94 27.07 -0.58 21.80
CA LEU D 94 26.91 0.86 21.63
C LEU D 94 28.14 1.60 22.16
N PHE D 95 28.55 1.29 23.39
CA PHE D 95 29.69 1.99 23.97
C PHE D 95 30.98 1.65 23.26
N THR D 96 31.11 0.42 22.75
CA THR D 96 32.30 0.06 21.99
C THR D 96 32.40 0.90 20.72
N MET D 97 31.30 1.01 19.97
CA MET D 97 31.32 1.84 18.76
C MET D 97 31.50 3.31 19.11
N LEU D 98 30.97 3.76 20.25
CA LEU D 98 31.16 5.13 20.67
C LEU D 98 32.64 5.42 20.92
N ARG D 99 33.31 4.53 21.64
CA ARG D 99 34.75 4.69 21.86
C ARG D 99 35.54 4.58 20.57
N LYS D 100 35.06 3.75 19.63
CA LYS D 100 35.74 3.62 18.35
C LYS D 100 35.60 4.88 17.51
N LEU D 101 34.50 5.61 17.67
CA LEU D 101 34.30 6.83 16.89
C LEU D 101 35.41 7.84 17.18
N ASP D 102 35.71 8.05 18.47
CA ASP D 102 36.79 8.92 18.91
C ASP D 102 36.57 10.35 18.39
N ASN D 103 35.63 11.04 19.04
CA ASN D 103 35.38 12.44 18.81
C ASN D 103 35.68 13.23 20.08
N ASP D 104 36.00 14.52 19.90
CA ASP D 104 36.30 15.36 21.04
C ASP D 104 35.07 15.55 21.93
N ALA D 105 33.96 15.99 21.34
CA ALA D 105 32.76 16.24 22.13
C ALA D 105 32.21 14.94 22.72
N LEU D 106 32.22 13.86 21.94
CA LEU D 106 31.71 12.59 22.44
C LEU D 106 32.50 12.13 23.65
N ASN D 107 33.82 12.05 23.53
CA ASN D 107 34.65 11.61 24.64
C ASN D 107 34.52 12.55 25.82
N ASN D 108 34.43 13.85 25.57
CA ASN D 108 34.30 14.81 26.65
C ASN D 108 33.02 14.58 27.45
N ILE D 109 31.89 14.41 26.75
CA ILE D 109 30.64 14.21 27.46
C ILE D 109 30.59 12.84 28.13
N ILE D 110 31.26 11.84 27.55
CA ILE D 110 31.32 10.53 28.19
C ILE D 110 32.08 10.62 29.49
N ASN D 111 33.24 11.30 29.49
CA ASN D 111 34.00 11.47 30.72
C ASN D 111 33.22 12.31 31.73
N ASN D 112 32.48 13.31 31.25
CA ASN D 112 31.74 14.17 32.17
C ASN D 112 30.55 13.44 32.79
N ALA D 113 29.96 12.50 32.06
CA ALA D 113 28.94 11.64 32.66
C ALA D 113 29.55 10.56 33.55
N ARG D 114 30.81 10.18 33.29
CA ARG D 114 31.47 9.19 34.13
C ARG D 114 31.81 9.77 35.49
N ASP D 115 32.46 10.93 35.52
CA ASP D 115 32.88 11.50 36.81
C ASP D 115 31.70 12.06 37.60
N GLY D 116 30.59 12.39 36.94
CA GLY D 116 29.39 12.81 37.64
C GLY D 116 28.71 14.03 37.06
N CYS D 117 29.27 14.60 35.99
CA CYS D 117 28.70 15.81 35.37
C CYS D 117 27.74 15.38 34.27
N VAL D 118 26.51 15.08 34.68
CA VAL D 118 25.47 14.64 33.75
C VAL D 118 24.48 15.77 33.54
N PRO D 119 23.95 15.95 32.34
CA PRO D 119 23.00 17.05 32.10
C PRO D 119 21.58 16.67 32.52
N LEU D 120 20.69 17.68 32.46
CA LEU D 120 19.28 17.48 32.75
C LEU D 120 18.42 17.34 31.50
N ASN D 121 18.90 17.82 30.36
CA ASN D 121 18.10 17.83 29.14
C ASN D 121 19.05 17.70 27.95
N ILE D 122 18.52 17.88 26.74
CA ILE D 122 19.30 17.72 25.54
C ILE D 122 20.23 18.91 25.36
N ILE D 123 21.48 18.65 24.99
CA ILE D 123 22.43 19.70 24.65
C ILE D 123 21.95 20.33 23.35
N PRO D 124 21.53 21.59 23.35
CA PRO D 124 20.99 22.19 22.13
C PRO D 124 22.08 22.58 21.15
N LEU D 125 21.72 22.57 19.87
CA LEU D 125 22.61 22.99 18.79
C LEU D 125 22.32 24.41 18.33
N THR D 126 21.27 25.03 18.85
CA THR D 126 20.94 26.40 18.48
C THR D 126 21.97 27.37 19.07
N THR D 127 22.13 28.51 18.40
CA THR D 127 23.10 29.50 18.86
C THR D 127 22.72 30.08 20.23
N ALA D 128 21.42 30.07 20.57
CA ALA D 128 20.93 30.63 21.82
C ALA D 128 19.92 29.66 22.41
N ALA D 129 20.32 28.99 23.50
CA ALA D 129 19.43 28.06 24.20
C ALA D 129 19.98 27.82 25.59
N LYS D 130 19.11 27.28 26.46
CA LYS D 130 19.45 27.03 27.85
C LYS D 130 19.93 25.60 28.01
N LEU D 131 21.13 25.44 28.57
CA LEU D 131 21.69 24.12 28.87
C LEU D 131 21.91 24.02 30.37
N MET D 132 21.32 23.01 31.00
CA MET D 132 21.38 22.81 32.44
C MET D 132 22.11 21.51 32.73
N VAL D 133 23.05 21.55 33.68
CA VAL D 133 23.86 20.39 34.01
C VAL D 133 24.25 20.45 35.47
N VAL D 134 24.38 19.28 36.10
CA VAL D 134 24.76 19.18 37.51
C VAL D 134 26.27 19.02 37.62
N ILE D 135 26.81 19.48 38.73
CA ILE D 135 28.22 19.31 39.07
C ILE D 135 28.29 18.83 40.51
N PRO D 136 28.82 17.62 40.78
CA PRO D 136 28.81 17.11 42.16
C PRO D 136 29.94 17.65 43.04
N ASP D 137 31.15 17.75 42.48
CA ASP D 137 32.33 18.11 43.26
C ASP D 137 33.00 19.34 42.68
N TYR D 138 33.71 20.06 43.55
CA TYR D 138 34.43 21.24 43.13
C TYR D 138 35.59 20.91 42.18
N ASN D 139 36.10 19.68 42.22
CA ASN D 139 37.17 19.30 41.31
C ASN D 139 36.69 19.33 39.87
N THR D 140 35.58 18.64 39.58
CA THR D 140 35.02 18.68 38.24
C THR D 140 34.58 20.09 37.87
N TYR D 141 34.16 20.89 38.85
CA TYR D 141 33.78 22.27 38.58
C TYR D 141 34.97 23.06 38.06
N LYS D 142 36.06 23.09 38.82
CA LYS D 142 37.25 23.81 38.38
C LYS D 142 37.87 23.19 37.13
N ASN D 143 37.60 21.91 36.86
CA ASN D 143 38.10 21.31 35.63
C ASN D 143 37.29 21.77 34.42
N THR D 144 35.98 21.93 34.58
CA THR D 144 35.10 22.29 33.47
C THR D 144 34.72 23.76 33.47
N CYS D 145 34.52 24.38 34.62
CA CYS D 145 34.10 25.76 34.72
C CYS D 145 35.30 26.68 34.94
N ASP D 146 35.27 27.85 34.30
CA ASP D 146 36.33 28.85 34.44
C ASP D 146 35.63 30.21 34.45
N GLY D 147 35.35 30.72 35.64
CA GLY D 147 34.66 31.99 35.76
C GLY D 147 33.26 31.95 35.20
N THR D 148 33.05 32.64 34.07
CA THR D 148 31.77 32.64 33.38
C THR D 148 31.80 31.82 32.09
N THR D 149 32.87 31.05 31.88
CA THR D 149 33.02 30.22 30.68
C THR D 149 32.93 28.76 31.08
N PHE D 150 32.07 28.00 30.39
CA PHE D 150 31.86 26.59 30.66
C PHE D 150 32.32 25.79 29.44
N THR D 151 33.22 24.84 29.65
CA THR D 151 33.72 23.96 28.59
C THR D 151 32.91 22.67 28.63
N TYR D 152 31.94 22.55 27.73
CA TYR D 152 31.06 21.39 27.69
C TYR D 152 30.86 20.96 26.25
N ALA D 153 30.96 19.66 26.01
CA ALA D 153 30.80 19.09 24.66
C ALA D 153 31.79 19.74 23.68
N SER D 154 33.00 20.02 24.16
CA SER D 154 34.03 20.68 23.36
C SER D 154 33.51 22.01 22.81
N ALA D 155 32.74 22.72 23.64
CA ALA D 155 32.14 23.98 23.25
C ALA D 155 32.15 24.94 24.44
N LEU D 156 32.13 26.23 24.12
CA LEU D 156 32.16 27.28 25.14
C LEU D 156 30.75 27.79 25.36
N TRP D 157 30.32 27.82 26.62
CA TRP D 157 29.00 28.30 27.02
C TRP D 157 29.16 29.43 28.01
N GLU D 158 28.27 30.42 27.92
CA GLU D 158 28.28 31.56 28.82
C GLU D 158 27.44 31.21 30.05
N ILE D 159 28.08 31.12 31.21
CA ILE D 159 27.39 30.72 32.43
C ILE D 159 26.36 31.79 32.78
N GLN D 160 25.11 31.35 32.99
CA GLN D 160 24.01 32.25 33.31
C GLN D 160 23.66 32.24 34.79
N GLN D 161 23.30 31.07 35.34
CA GLN D 161 22.75 31.01 36.68
C GLN D 161 23.12 29.68 37.32
N VAL D 162 23.15 29.67 38.65
CA VAL D 162 23.50 28.49 39.44
C VAL D 162 22.48 28.31 40.55
N VAL D 163 22.08 27.06 40.79
CA VAL D 163 21.17 26.69 41.86
C VAL D 163 21.81 25.56 42.66
N ASP D 164 21.50 25.51 43.94
CA ASP D 164 22.00 24.45 44.81
C ASP D 164 20.95 23.33 44.88
N ALA D 165 20.95 22.55 45.97
CA ALA D 165 20.00 21.47 46.11
C ALA D 165 18.66 21.94 46.68
N ASP D 166 18.68 22.97 47.53
CA ASP D 166 17.48 23.47 48.17
C ASP D 166 16.85 24.63 47.42
N SER D 167 17.25 24.84 46.16
CA SER D 167 16.65 25.88 45.32
C SER D 167 16.86 27.28 45.92
N LYS D 168 18.12 27.61 46.20
CA LYS D 168 18.49 28.93 46.69
C LYS D 168 19.47 29.58 45.73
N ILE D 169 19.34 30.90 45.58
CA ILE D 169 20.16 31.65 44.64
C ILE D 169 21.57 31.75 45.19
N VAL D 170 22.56 31.49 44.33
CA VAL D 170 23.97 31.61 44.68
C VAL D 170 24.70 32.24 43.50
N GLN D 171 25.57 33.21 43.78
CA GLN D 171 26.36 33.86 42.76
C GLN D 171 27.63 33.06 42.48
N LEU D 172 28.34 33.45 41.42
CA LEU D 172 29.57 32.75 41.05
C LEU D 172 30.71 33.09 42.00
N SER D 173 30.65 34.26 42.66
CA SER D 173 31.73 34.65 43.55
C SER D 173 31.76 33.78 44.81
N GLU D 174 30.60 33.29 45.25
CA GLU D 174 30.55 32.48 46.46
C GLU D 174 31.10 31.09 46.25
N ILE D 175 31.21 30.63 45.01
CA ILE D 175 31.71 29.29 44.70
C ILE D 175 33.23 29.35 44.80
N SER D 176 33.79 28.80 45.88
CA SER D 176 35.23 28.77 46.09
C SER D 176 35.56 27.57 46.97
N MET D 177 36.86 27.28 47.05
CA MET D 177 37.32 26.15 47.88
C MET D 177 37.06 26.42 49.36
N ASP D 178 37.12 27.67 49.79
CA ASP D 178 36.85 27.99 51.18
C ASP D 178 35.36 27.85 51.51
N ASN D 179 34.49 28.11 50.54
CA ASN D 179 33.05 28.07 50.75
C ASN D 179 32.41 26.79 50.23
N SER D 180 33.21 25.85 49.71
CA SER D 180 32.63 24.61 49.19
C SER D 180 31.89 23.83 50.26
N PRO D 181 32.40 23.66 51.48
CA PRO D 181 31.64 22.95 52.51
C PRO D 181 30.32 23.63 52.84
N ASN D 182 30.26 24.96 52.73
CA ASN D 182 29.02 25.69 52.99
C ASN D 182 28.03 25.58 51.83
N LEU D 183 28.46 25.07 50.69
CA LEU D 183 27.57 24.91 49.53
C LEU D 183 26.90 23.55 49.58
N ALA D 184 25.68 23.49 49.03
CA ALA D 184 24.88 22.27 49.00
C ALA D 184 25.07 21.61 47.63
N TRP D 185 26.20 20.92 47.48
CA TRP D 185 26.47 20.21 46.25
C TRP D 185 25.57 18.97 46.16
N PRO D 186 25.21 18.53 44.94
CA PRO D 186 25.61 19.06 43.63
C PRO D 186 24.96 20.40 43.29
N LEU D 187 25.54 21.11 42.33
CA LEU D 187 25.01 22.39 41.89
C LEU D 187 24.53 22.28 40.45
N ILE D 188 23.30 22.74 40.20
CA ILE D 188 22.73 22.74 38.85
C ILE D 188 23.00 24.10 38.22
N VAL D 189 23.81 24.10 37.18
CA VAL D 189 24.21 25.32 36.48
C VAL D 189 23.51 25.36 35.13
N THR D 190 22.87 26.48 34.83
CA THR D 190 22.26 26.73 33.53
C THR D 190 23.04 27.83 32.81
N ALA D 191 23.29 27.61 31.52
CA ALA D 191 24.14 28.48 30.73
C ALA D 191 23.60 28.62 29.32
N LEU D 192 24.17 29.58 28.58
CA LEU D 192 23.81 29.86 27.20
C LEU D 192 25.00 29.59 26.30
N ARG D 193 24.74 29.09 25.10
CA ARG D 193 25.80 28.87 24.14
C ARG D 193 26.30 30.19 23.57
N ALA D 194 27.61 30.32 23.46
CA ALA D 194 28.23 31.53 22.94
C ALA D 194 28.05 31.62 21.43
#